data_6SU2
#
_entry.id   6SU2
#
_cell.length_a   112.770
_cell.length_b   182.460
_cell.length_c   244.850
_cell.angle_alpha   90.000
_cell.angle_beta   90.000
_cell.angle_gamma   90.000
#
_symmetry.space_group_name_H-M   'I 2 2 2'
#
loop_
_entity.id
_entity.type
_entity.pdbx_description
1 polymer 'Pyruvate kinase'
2 non-polymer 1,6-di-O-phosphono-beta-D-fructofuranose
3 non-polymer 'MAGNESIUM ION'
4 water water
#
_entity_poly.entity_id   1
_entity_poly.type   'polypeptide(L)'
_entity_poly.pdbx_seq_one_letter_code
;MSQLQHNIGLSIFEPVAKHRANRIICTIGPSTQSVEALKGLMKSGMSVARMNFSHGSYEYHQTTINNVRAAAAELGLHIG
IALDTKGPEIRTGLFKDGEATYAPGDTVLVTTDPAFEKIGTKEKFYVDYPQLPNVVRPGGLIYVDDGVLTLRVLSKEDDC
TLKCHVNNHHRLTDRKGINLPGCEVDLPAVSEKDRKDLQFGVEQGVDMIFASFIRTADQVREVRAALGEKGKDTLIISKI
ENHQGVQNIDAIIEASDGIMVARGDLGVEIPAEKVVVAQMCIISKCNVAGKPVICATQMLESMTTNPRPTRAEVTDVANA
VFNGADCVMLSGETAKGKYPNEVVQYMVRICIEAQSATHDSVMFNSIKNLQKIPMSPEEAVCSSAVSSAFEVQAKAILVL
SNTGRSARLISKYRPNCPIICATTRLLTCRQLNVTRSVESVYYDVDAHGEDNDREKRVQLGVDWAKTKGYVSAGDVMVIV
HADHSVKGYPNQTRLVRVRENLYFQSGGHHHHHH
;
_entity_poly.pdbx_strand_id   A,B,C,D
#
loop_
_chem_comp.id
_chem_comp.type
_chem_comp.name
_chem_comp.formula
FBP D-saccharide, beta linking 1,6-di-O-phosphono-beta-D-fructofuranose 'C6 H14 O12 P2'
MG non-polymer 'MAGNESIUM ION' 'Mg 2'
#
# COMPACT_ATOMS: atom_id res chain seq x y z
N SER A 2 -18.64 8.63 28.78
CA SER A 2 -18.98 7.27 29.20
C SER A 2 -20.43 6.98 28.85
N GLN A 3 -20.69 5.79 28.25
CA GLN A 3 -22.04 5.40 27.86
C GLN A 3 -22.90 5.21 29.09
N LEU A 4 -22.33 4.63 30.15
CA LEU A 4 -23.01 4.40 31.42
C LEU A 4 -23.41 5.73 32.06
N GLN A 5 -22.48 6.71 32.08
CA GLN A 5 -22.71 8.06 32.62
C GLN A 5 -23.72 8.84 31.76
N HIS A 6 -23.75 8.59 30.44
CA HIS A 6 -24.68 9.23 29.52
C HIS A 6 -26.08 8.71 29.78
N ASN A 7 -26.23 7.37 29.84
CA ASN A 7 -27.49 6.67 30.07
C ASN A 7 -28.16 7.09 31.39
N ILE A 8 -27.40 7.13 32.50
CA ILE A 8 -27.91 7.57 33.81
C ILE A 8 -28.20 9.11 33.67
N GLY A 9 -29.40 9.50 33.30
CA GLY A 9 -29.61 10.93 33.04
C GLY A 9 -30.33 11.19 31.73
N LEU A 10 -30.59 10.11 31.01
CA LEU A 10 -31.42 10.21 29.84
C LEU A 10 -32.85 10.41 30.36
N SER A 11 -33.50 11.52 29.96
CA SER A 11 -34.87 11.86 30.36
C SER A 11 -35.88 11.40 29.35
N ILE A 12 -36.87 10.65 29.83
CA ILE A 12 -37.99 10.14 29.06
C ILE A 12 -39.01 11.29 28.85
N PHE A 13 -38.87 12.40 29.61
CA PHE A 13 -39.75 13.57 29.57
C PHE A 13 -39.15 14.80 28.87
N GLU A 14 -37.86 14.76 28.48
CA GLU A 14 -37.21 15.90 27.81
C GLU A 14 -37.66 16.04 26.33
N PRO A 15 -37.64 17.26 25.74
CA PRO A 15 -38.07 17.39 24.33
C PRO A 15 -37.05 16.88 23.34
N VAL A 16 -37.55 16.21 22.28
CA VAL A 16 -36.79 15.64 21.17
C VAL A 16 -36.23 16.75 20.25
N ALA A 17 -35.32 16.38 19.32
CA ALA A 17 -34.72 17.32 18.37
C ALA A 17 -35.74 17.83 17.35
N LYS A 18 -35.55 19.08 16.88
CA LYS A 18 -36.42 19.77 15.92
C LYS A 18 -36.36 19.11 14.54
N HIS A 19 -35.16 18.82 14.06
CA HIS A 19 -34.88 18.19 12.77
C HIS A 19 -34.69 16.67 12.89
N ARG A 20 -34.87 15.91 11.78
CA ARG A 20 -34.62 14.46 11.75
C ARG A 20 -33.38 14.23 10.89
N ALA A 21 -32.34 13.65 11.49
CA ALA A 21 -31.04 13.41 10.86
C ALA A 21 -31.01 12.12 10.05
N ASN A 22 -31.55 11.01 10.59
CA ASN A 22 -31.60 9.71 9.90
C ASN A 22 -32.62 9.72 8.74
N ARG A 23 -32.43 8.83 7.75
CA ARG A 23 -33.28 8.75 6.56
C ARG A 23 -34.04 7.42 6.46
N ILE A 24 -35.27 7.39 5.86
CA ILE A 24 -36.12 6.18 5.69
C ILE A 24 -36.31 5.81 4.21
N ILE A 25 -36.11 4.52 3.87
CA ILE A 25 -36.20 3.97 2.52
C ILE A 25 -37.36 2.96 2.41
N CYS A 26 -38.36 3.27 1.56
CA CYS A 26 -39.54 2.41 1.43
C CYS A 26 -39.63 1.64 0.12
N THR A 27 -39.93 0.32 0.24
CA THR A 27 -40.11 -0.59 -0.89
C THR A 27 -41.51 -0.39 -1.43
N ILE A 28 -41.62 0.01 -2.70
CA ILE A 28 -42.90 0.26 -3.35
C ILE A 28 -43.48 -1.05 -3.84
N GLY A 29 -44.73 -1.30 -3.48
CA GLY A 29 -45.45 -2.49 -3.86
C GLY A 29 -46.92 -2.22 -4.19
N PRO A 30 -47.79 -3.26 -4.16
CA PRO A 30 -49.21 -3.02 -4.48
C PRO A 30 -49.89 -2.02 -3.54
N SER A 31 -49.61 -2.13 -2.21
CA SER A 31 -50.14 -1.27 -1.16
C SER A 31 -49.70 0.21 -1.33
N THR A 32 -48.53 0.46 -1.97
CA THR A 32 -47.99 1.81 -2.10
C THR A 32 -47.62 2.27 -3.53
N GLN A 33 -48.16 1.66 -4.61
CA GLN A 33 -47.83 2.11 -5.97
C GLN A 33 -48.60 3.37 -6.40
N SER A 34 -49.82 3.59 -5.84
CA SER A 34 -50.67 4.74 -6.11
C SER A 34 -49.96 6.09 -5.85
N VAL A 35 -50.22 7.10 -6.71
CA VAL A 35 -49.66 8.46 -6.57
C VAL A 35 -50.11 9.10 -5.24
N GLU A 36 -51.29 8.70 -4.74
CA GLU A 36 -51.87 9.15 -3.48
C GLU A 36 -51.22 8.41 -2.29
N ALA A 37 -50.90 7.10 -2.49
CA ALA A 37 -50.23 6.25 -1.50
C ALA A 37 -48.78 6.67 -1.33
N LEU A 38 -48.15 7.12 -2.43
CA LEU A 38 -46.77 7.59 -2.45
C LEU A 38 -46.67 8.96 -1.82
N LYS A 39 -47.65 9.85 -2.11
CA LYS A 39 -47.71 11.18 -1.52
C LYS A 39 -47.91 11.04 0.01
N GLY A 40 -48.47 9.90 0.40
CA GLY A 40 -48.70 9.52 1.79
C GLY A 40 -47.42 9.06 2.47
N LEU A 41 -46.58 8.24 1.76
CA LEU A 41 -45.29 7.75 2.28
C LEU A 41 -44.31 8.90 2.45
N MET A 42 -44.23 9.78 1.43
CA MET A 42 -43.36 10.96 1.38
C MET A 42 -43.68 11.94 2.48
N LYS A 43 -45.00 12.12 2.77
CA LYS A 43 -45.51 12.99 3.83
C LYS A 43 -45.17 12.39 5.20
N SER A 44 -45.15 11.04 5.32
CA SER A 44 -44.87 10.30 6.55
C SER A 44 -43.40 10.23 6.90
N GLY A 45 -42.52 10.20 5.89
CA GLY A 45 -41.07 10.15 6.12
C GLY A 45 -40.18 9.64 5.01
N MET A 46 -40.74 8.99 3.96
CA MET A 46 -40.00 8.41 2.83
C MET A 46 -39.10 9.41 2.09
N SER A 47 -37.77 9.14 2.11
CA SER A 47 -36.70 9.93 1.49
C SER A 47 -36.23 9.25 0.21
N VAL A 48 -36.34 7.90 0.15
CA VAL A 48 -35.94 7.09 -1.02
C VAL A 48 -37.00 6.02 -1.32
N ALA A 49 -37.40 5.90 -2.59
CA ALA A 49 -38.34 4.89 -3.06
C ALA A 49 -37.54 3.72 -3.65
N ARG A 50 -37.77 2.51 -3.16
CA ARG A 50 -37.04 1.31 -3.58
C ARG A 50 -37.94 0.42 -4.46
N MET A 51 -37.36 -0.13 -5.56
CA MET A 51 -38.04 -1.04 -6.49
C MET A 51 -37.32 -2.37 -6.46
N ASN A 52 -38.00 -3.43 -6.01
CA ASN A 52 -37.42 -4.77 -5.99
C ASN A 52 -37.64 -5.44 -7.35
N PHE A 53 -36.55 -5.55 -8.15
CA PHE A 53 -36.54 -6.13 -9.48
C PHE A 53 -36.48 -7.66 -9.48
N SER A 54 -36.57 -8.30 -8.30
CA SER A 54 -36.62 -9.77 -8.19
C SER A 54 -37.93 -10.27 -8.84
N HIS A 55 -38.95 -9.39 -8.88
CA HIS A 55 -40.27 -9.56 -9.51
C HIS A 55 -40.67 -8.25 -10.19
N GLY A 56 -41.77 -8.27 -10.93
CA GLY A 56 -42.30 -7.08 -11.60
C GLY A 56 -41.72 -6.81 -12.98
N SER A 57 -42.61 -6.47 -13.91
CA SER A 57 -42.33 -6.13 -15.31
C SER A 57 -41.77 -4.71 -15.45
N TYR A 58 -41.20 -4.40 -16.63
CA TYR A 58 -40.68 -3.07 -16.93
C TYR A 58 -41.83 -2.04 -17.06
N GLU A 59 -43.08 -2.50 -17.24
CA GLU A 59 -44.28 -1.65 -17.33
C GLU A 59 -44.70 -1.24 -15.89
N TYR A 60 -44.58 -2.20 -14.94
CA TYR A 60 -44.88 -2.05 -13.51
C TYR A 60 -43.93 -1.02 -12.88
N HIS A 61 -42.63 -1.21 -13.09
CA HIS A 61 -41.61 -0.33 -12.53
C HIS A 61 -41.60 1.02 -13.20
N GLN A 62 -42.08 1.08 -14.45
CA GLN A 62 -42.23 2.33 -15.19
C GLN A 62 -43.27 3.17 -14.43
N THR A 63 -44.41 2.52 -14.06
CA THR A 63 -45.49 3.10 -13.27
C THR A 63 -44.93 3.57 -11.92
N THR A 64 -44.10 2.73 -11.24
CA THR A 64 -43.45 3.09 -9.97
C THR A 64 -42.58 4.34 -10.16
N ILE A 65 -41.76 4.41 -11.23
CA ILE A 65 -40.88 5.56 -11.55
C ILE A 65 -41.71 6.83 -11.79
N ASN A 66 -42.73 6.73 -12.65
CA ASN A 66 -43.58 7.85 -13.01
C ASN A 66 -44.44 8.36 -11.85
N ASN A 67 -44.99 7.44 -11.04
CA ASN A 67 -45.84 7.74 -9.88
C ASN A 67 -45.07 8.40 -8.71
N VAL A 68 -43.80 7.97 -8.45
CA VAL A 68 -42.97 8.57 -7.40
C VAL A 68 -42.59 9.99 -7.80
N ARG A 69 -42.26 10.18 -9.11
CA ARG A 69 -41.88 11.47 -9.69
C ARG A 69 -43.05 12.44 -9.70
N ALA A 70 -44.29 11.92 -9.87
CA ALA A 70 -45.52 12.72 -9.87
C ALA A 70 -45.85 13.19 -8.47
N ALA A 71 -45.79 12.25 -7.49
CA ALA A 71 -46.02 12.49 -6.07
C ALA A 71 -44.99 13.48 -5.52
N ALA A 72 -43.71 13.32 -5.92
CA ALA A 72 -42.60 14.18 -5.49
C ALA A 72 -42.78 15.59 -5.98
N ALA A 73 -43.13 15.77 -7.27
CA ALA A 73 -43.38 17.06 -7.91
C ALA A 73 -44.60 17.75 -7.34
N GLU A 74 -45.63 16.97 -6.95
CA GLU A 74 -46.87 17.45 -6.33
C GLU A 74 -46.54 18.08 -4.95
N LEU A 75 -45.70 17.40 -4.15
CA LEU A 75 -45.30 17.84 -2.82
C LEU A 75 -44.08 18.76 -2.82
N GLY A 76 -43.46 18.92 -3.99
CA GLY A 76 -42.28 19.76 -4.21
C GLY A 76 -41.05 19.25 -3.47
N LEU A 77 -40.83 17.93 -3.47
CA LEU A 77 -39.70 17.27 -2.80
C LEU A 77 -38.82 16.46 -3.75
N HIS A 78 -37.58 16.16 -3.32
CA HIS A 78 -36.62 15.34 -4.06
C HIS A 78 -36.52 13.99 -3.37
N ILE A 79 -37.01 12.94 -4.04
CA ILE A 79 -36.99 11.57 -3.54
C ILE A 79 -36.09 10.72 -4.46
N GLY A 80 -35.20 9.94 -3.86
CA GLY A 80 -34.31 9.09 -4.61
C GLY A 80 -35.00 7.86 -5.12
N ILE A 81 -34.68 7.44 -6.35
CA ILE A 81 -35.26 6.24 -6.96
C ILE A 81 -34.19 5.16 -6.93
N ALA A 82 -34.50 4.06 -6.26
CA ALA A 82 -33.60 2.93 -6.06
C ALA A 82 -34.01 1.73 -6.88
N LEU A 83 -33.01 0.98 -7.36
CA LEU A 83 -33.23 -0.20 -8.15
C LEU A 83 -32.50 -1.36 -7.48
N ASP A 84 -33.26 -2.19 -6.78
CA ASP A 84 -32.73 -3.36 -6.12
C ASP A 84 -32.77 -4.49 -7.14
N THR A 85 -31.58 -4.83 -7.70
CA THR A 85 -31.41 -5.85 -8.74
C THR A 85 -31.84 -7.24 -8.24
N LYS A 86 -32.32 -8.12 -9.18
CA LYS A 86 -32.72 -9.50 -8.86
C LYS A 86 -31.49 -10.30 -8.38
N GLY A 87 -30.34 -10.04 -9.00
CA GLY A 87 -29.05 -10.64 -8.68
C GLY A 87 -28.88 -12.09 -9.09
N PRO A 88 -27.63 -12.61 -9.11
CA PRO A 88 -27.41 -14.02 -9.45
C PRO A 88 -28.13 -14.98 -8.49
N GLU A 89 -29.02 -15.83 -9.06
CA GLU A 89 -29.83 -16.79 -8.30
C GLU A 89 -29.42 -18.24 -8.55
N ILE A 90 -29.48 -19.04 -7.48
CA ILE A 90 -29.29 -20.49 -7.54
C ILE A 90 -30.66 -21.07 -7.16
N ARG A 91 -31.44 -21.52 -8.18
CA ARG A 91 -32.78 -22.09 -8.00
C ARG A 91 -32.82 -23.58 -8.33
N THR A 92 -33.81 -24.29 -7.79
CA THR A 92 -34.01 -25.72 -7.98
C THR A 92 -34.76 -25.96 -9.33
N GLY A 93 -34.96 -27.24 -9.70
CA GLY A 93 -35.69 -27.62 -10.91
C GLY A 93 -37.18 -27.78 -10.63
N LEU A 94 -37.92 -28.31 -11.59
CA LEU A 94 -39.36 -28.53 -11.46
C LEU A 94 -39.61 -29.86 -10.73
N PHE A 95 -40.56 -29.86 -9.80
CA PHE A 95 -40.90 -31.05 -9.02
C PHE A 95 -42.04 -31.88 -9.61
N LYS A 96 -41.87 -33.23 -9.56
CA LYS A 96 -42.77 -34.27 -10.09
C LYS A 96 -44.20 -34.12 -9.56
N ASP A 97 -45.15 -33.91 -10.49
CA ASP A 97 -46.60 -33.72 -10.27
C ASP A 97 -46.91 -32.45 -9.41
N GLY A 98 -45.96 -31.51 -9.38
CA GLY A 98 -46.11 -30.25 -8.66
C GLY A 98 -45.44 -29.93 -7.35
N GLU A 99 -45.03 -30.96 -6.62
CA GLU A 99 -44.32 -30.78 -5.33
C GLU A 99 -43.77 -32.12 -4.86
N ALA A 100 -42.83 -32.04 -3.92
CA ALA A 100 -42.19 -33.18 -3.25
C ALA A 100 -41.85 -32.80 -1.81
N THR A 101 -42.20 -33.69 -0.85
CA THR A 101 -42.00 -33.47 0.59
C THR A 101 -40.80 -34.29 1.10
N TYR A 102 -40.15 -33.78 2.17
CA TYR A 102 -38.96 -34.39 2.79
C TYR A 102 -39.12 -34.54 4.30
N ALA A 103 -38.58 -35.65 4.84
CA ALA A 103 -38.65 -36.03 6.26
C ALA A 103 -37.27 -36.20 6.89
N PRO A 104 -37.08 -35.82 8.20
CA PRO A 104 -35.76 -35.95 8.84
C PRO A 104 -35.18 -37.38 8.89
N GLY A 105 -34.19 -37.62 8.05
CA GLY A 105 -33.47 -38.89 7.95
C GLY A 105 -33.26 -39.40 6.55
N ASP A 106 -34.15 -39.01 5.60
CA ASP A 106 -34.15 -39.39 4.18
C ASP A 106 -32.85 -39.07 3.42
N THR A 107 -32.54 -39.87 2.38
CA THR A 107 -31.35 -39.71 1.55
C THR A 107 -31.74 -39.13 0.19
N VAL A 108 -31.57 -37.81 0.01
CA VAL A 108 -31.91 -37.09 -1.23
C VAL A 108 -30.69 -36.91 -2.14
N LEU A 109 -30.95 -36.72 -3.45
CA LEU A 109 -29.92 -36.55 -4.47
C LEU A 109 -30.05 -35.21 -5.18
N VAL A 110 -28.98 -34.40 -5.17
CA VAL A 110 -28.95 -33.10 -5.83
C VAL A 110 -28.08 -33.24 -7.08
N THR A 111 -28.73 -33.25 -8.27
CA THR A 111 -28.06 -33.44 -9.56
C THR A 111 -27.93 -32.17 -10.38
N THR A 112 -26.79 -32.03 -11.08
CA THR A 112 -26.49 -30.88 -11.96
C THR A 112 -26.74 -31.25 -13.43
N ASP A 113 -27.16 -32.52 -13.69
CA ASP A 113 -27.52 -32.99 -15.04
C ASP A 113 -28.94 -32.51 -15.36
N PRO A 114 -29.11 -31.66 -16.42
CA PRO A 114 -30.46 -31.11 -16.73
C PRO A 114 -31.53 -32.13 -17.12
N ALA A 115 -31.22 -33.44 -17.02
CA ALA A 115 -32.17 -34.53 -17.28
C ALA A 115 -33.22 -34.58 -16.16
N PHE A 116 -32.83 -34.15 -14.94
CA PHE A 116 -33.66 -34.09 -13.73
C PHE A 116 -34.30 -32.70 -13.56
N GLU A 117 -34.14 -31.80 -14.57
CA GLU A 117 -34.68 -30.43 -14.54
C GLU A 117 -36.20 -30.43 -14.51
N LYS A 118 -36.85 -31.04 -15.51
CA LYS A 118 -38.32 -31.12 -15.59
C LYS A 118 -38.89 -32.25 -14.74
N ILE A 119 -38.10 -33.34 -14.54
CA ILE A 119 -38.50 -34.51 -13.78
C ILE A 119 -37.74 -34.64 -12.45
N GLY A 120 -38.23 -33.94 -11.43
CA GLY A 120 -37.62 -33.93 -10.10
C GLY A 120 -38.47 -34.59 -9.04
N THR A 121 -38.09 -35.81 -8.64
CA THR A 121 -38.81 -36.59 -7.62
C THR A 121 -38.34 -36.29 -6.17
N LYS A 122 -39.04 -36.83 -5.15
CA LYS A 122 -38.72 -36.66 -3.72
C LYS A 122 -37.44 -37.40 -3.29
N GLU A 123 -36.71 -37.98 -4.27
CA GLU A 123 -35.46 -38.72 -4.06
C GLU A 123 -34.30 -38.07 -4.82
N LYS A 124 -34.59 -37.38 -5.94
CA LYS A 124 -33.60 -36.71 -6.78
C LYS A 124 -34.18 -35.49 -7.50
N PHE A 125 -33.42 -34.35 -7.49
CA PHE A 125 -33.82 -33.09 -8.12
C PHE A 125 -32.62 -32.27 -8.65
N TYR A 126 -32.90 -31.35 -9.58
CA TYR A 126 -31.93 -30.49 -10.27
C TYR A 126 -31.65 -29.17 -9.54
N VAL A 127 -30.42 -28.64 -9.68
CA VAL A 127 -29.96 -27.37 -9.10
C VAL A 127 -29.19 -26.57 -10.16
N ASP A 128 -29.53 -25.27 -10.31
CA ASP A 128 -28.98 -24.28 -11.27
C ASP A 128 -27.45 -24.26 -11.37
N TYR A 129 -26.76 -24.31 -10.20
CA TYR A 129 -25.32 -24.24 -10.08
C TYR A 129 -24.61 -25.50 -10.65
N PRO A 130 -23.75 -25.35 -11.70
CA PRO A 130 -23.07 -26.53 -12.25
C PRO A 130 -21.90 -26.76 -11.32
N GLN A 131 -21.24 -25.77 -10.72
CA GLN A 131 -20.07 -26.04 -9.85
C GLN A 131 -20.45 -26.87 -8.62
N LEU A 132 -21.70 -26.77 -8.19
CA LEU A 132 -22.28 -27.47 -7.05
C LEU A 132 -21.67 -28.75 -6.44
N PRO A 133 -21.53 -29.91 -7.15
CA PRO A 133 -20.95 -31.09 -6.47
C PRO A 133 -19.46 -30.96 -6.13
N ASN A 134 -18.74 -30.15 -6.94
CA ASN A 134 -17.30 -29.89 -6.83
C ASN A 134 -16.98 -28.92 -5.68
N VAL A 135 -17.70 -27.78 -5.62
CA VAL A 135 -17.52 -26.75 -4.59
C VAL A 135 -18.02 -27.21 -3.21
N VAL A 136 -19.22 -27.83 -3.16
CA VAL A 136 -19.80 -28.34 -1.91
C VAL A 136 -19.20 -29.70 -1.57
N ARG A 137 -18.45 -29.75 -0.47
CA ARG A 137 -17.72 -30.92 0.01
C ARG A 137 -18.46 -31.60 1.18
N PRO A 138 -18.32 -32.95 1.36
CA PRO A 138 -19.05 -33.63 2.45
C PRO A 138 -18.83 -33.06 3.86
N GLY A 139 -19.92 -33.02 4.62
CA GLY A 139 -19.97 -32.43 5.96
C GLY A 139 -20.64 -31.07 5.90
N GLY A 140 -20.47 -30.41 4.75
CA GLY A 140 -21.02 -29.09 4.45
C GLY A 140 -22.53 -29.08 4.33
N LEU A 141 -23.14 -27.90 4.60
CA LEU A 141 -24.58 -27.65 4.58
C LEU A 141 -25.10 -26.99 3.30
N ILE A 142 -26.37 -27.27 2.96
CA ILE A 142 -27.06 -26.68 1.81
C ILE A 142 -28.43 -26.21 2.34
N TYR A 143 -28.80 -24.95 2.07
CA TYR A 143 -30.09 -24.41 2.52
C TYR A 143 -31.05 -24.21 1.36
N VAL A 144 -32.22 -24.85 1.45
CA VAL A 144 -33.27 -24.78 0.44
C VAL A 144 -34.49 -24.03 0.96
N ASP A 145 -35.07 -23.16 0.11
CA ASP A 145 -36.25 -22.33 0.36
C ASP A 145 -36.05 -21.41 1.58
N ASP A 146 -35.12 -20.43 1.44
CA ASP A 146 -34.74 -19.44 2.44
C ASP A 146 -34.32 -20.09 3.78
N GLY A 147 -33.56 -21.18 3.69
CA GLY A 147 -33.07 -21.93 4.84
C GLY A 147 -34.11 -22.70 5.63
N VAL A 148 -35.33 -22.90 5.07
CA VAL A 148 -36.40 -23.66 5.74
C VAL A 148 -36.03 -25.14 5.88
N LEU A 149 -35.47 -25.75 4.80
CA LEU A 149 -35.02 -27.14 4.77
C LEU A 149 -33.49 -27.19 4.72
N THR A 150 -32.88 -27.78 5.75
CA THR A 150 -31.42 -27.95 5.89
C THR A 150 -31.01 -29.33 5.34
N LEU A 151 -29.97 -29.36 4.47
CA LEU A 151 -29.40 -30.57 3.86
C LEU A 151 -27.90 -30.71 4.19
N ARG A 152 -27.46 -31.90 4.66
CA ARG A 152 -26.05 -32.19 4.99
C ARG A 152 -25.44 -33.05 3.89
N VAL A 153 -24.29 -32.61 3.33
CA VAL A 153 -23.60 -33.31 2.25
C VAL A 153 -22.95 -34.60 2.79
N LEU A 154 -23.27 -35.77 2.17
CA LEU A 154 -22.76 -37.06 2.63
C LEU A 154 -21.62 -37.60 1.76
N SER A 155 -21.89 -37.77 0.45
CA SER A 155 -20.94 -38.30 -0.53
C SER A 155 -21.30 -37.87 -1.95
N LYS A 156 -20.31 -37.83 -2.87
CA LYS A 156 -20.53 -37.48 -4.27
C LYS A 156 -20.88 -38.77 -5.03
N GLU A 157 -22.14 -38.90 -5.45
CA GLU A 157 -22.62 -40.08 -6.16
C GLU A 157 -22.05 -40.10 -7.59
N ASP A 158 -22.41 -39.10 -8.41
CA ASP A 158 -21.93 -38.95 -9.79
C ASP A 158 -21.08 -37.67 -9.86
N ASP A 159 -20.61 -37.31 -11.07
CA ASP A 159 -19.85 -36.08 -11.32
C ASP A 159 -20.82 -34.88 -11.38
N CYS A 160 -22.14 -35.18 -11.33
CA CYS A 160 -23.25 -34.22 -11.37
C CYS A 160 -24.12 -34.32 -10.10
N THR A 161 -24.20 -35.51 -9.48
CA THR A 161 -25.03 -35.77 -8.30
C THR A 161 -24.28 -35.74 -6.96
N LEU A 162 -25.02 -35.47 -5.86
CA LEU A 162 -24.54 -35.42 -4.48
C LEU A 162 -25.58 -36.05 -3.52
N LYS A 163 -25.15 -37.06 -2.75
CA LYS A 163 -25.97 -37.75 -1.75
C LYS A 163 -26.05 -36.87 -0.51
N CYS A 164 -27.28 -36.54 -0.09
CA CYS A 164 -27.55 -35.65 1.05
C CYS A 164 -28.50 -36.24 2.09
N HIS A 165 -28.36 -35.80 3.36
CA HIS A 165 -29.20 -36.20 4.49
C HIS A 165 -30.18 -35.06 4.83
N VAL A 166 -31.50 -35.34 4.85
CA VAL A 166 -32.51 -34.34 5.20
C VAL A 166 -32.63 -34.33 6.72
N ASN A 167 -32.57 -33.16 7.35
CA ASN A 167 -32.68 -33.05 8.81
C ASN A 167 -33.71 -31.98 9.24
N ASN A 168 -34.65 -31.64 8.33
CA ASN A 168 -35.74 -30.68 8.55
C ASN A 168 -36.95 -31.08 7.69
N HIS A 169 -38.12 -31.38 8.32
CA HIS A 169 -39.36 -31.74 7.60
C HIS A 169 -39.94 -30.52 6.89
N HIS A 170 -39.94 -30.54 5.55
CA HIS A 170 -40.41 -29.44 4.70
C HIS A 170 -40.84 -29.94 3.30
N ARG A 171 -41.79 -29.24 2.66
CA ARG A 171 -42.29 -29.56 1.32
C ARG A 171 -41.77 -28.52 0.33
N LEU A 172 -40.98 -28.97 -0.65
CA LEU A 172 -40.37 -28.11 -1.68
C LEU A 172 -41.24 -27.97 -2.93
N THR A 173 -41.37 -26.72 -3.44
CA THR A 173 -42.13 -26.37 -4.65
C THR A 173 -41.17 -26.24 -5.85
N ASP A 174 -41.73 -26.03 -7.06
CA ASP A 174 -40.97 -25.88 -8.32
C ASP A 174 -40.00 -24.68 -8.36
N ARG A 175 -38.72 -24.98 -8.61
CA ARG A 175 -37.62 -23.97 -8.72
C ARG A 175 -37.59 -23.01 -7.52
N LYS A 176 -37.41 -23.57 -6.32
CA LYS A 176 -37.30 -22.85 -5.05
C LYS A 176 -35.82 -22.50 -4.93
N GLY A 177 -35.50 -21.46 -4.17
CA GLY A 177 -34.14 -20.97 -3.98
C GLY A 177 -33.23 -21.83 -3.12
N ILE A 178 -31.93 -21.84 -3.44
CA ILE A 178 -30.92 -22.59 -2.70
C ILE A 178 -29.73 -21.65 -2.37
N ASN A 179 -29.30 -21.68 -1.10
CA ASN A 179 -28.19 -20.88 -0.55
C ASN A 179 -27.13 -21.85 -0.02
N LEU A 180 -25.83 -21.55 -0.25
CA LEU A 180 -24.72 -22.39 0.20
C LEU A 180 -23.89 -21.68 1.30
N PRO A 181 -24.07 -22.04 2.59
CA PRO A 181 -23.32 -21.34 3.65
C PRO A 181 -21.82 -21.63 3.67
N GLY A 182 -21.03 -20.60 3.97
CA GLY A 182 -19.58 -20.63 4.07
C GLY A 182 -18.84 -20.57 2.75
N CYS A 183 -19.23 -21.45 1.80
CA CYS A 183 -18.65 -21.63 0.47
C CYS A 183 -18.60 -20.35 -0.38
N GLU A 184 -17.56 -20.22 -1.24
CA GLU A 184 -17.35 -19.10 -2.16
C GLU A 184 -17.99 -19.42 -3.51
N VAL A 185 -19.12 -18.74 -3.82
CA VAL A 185 -19.89 -18.95 -5.06
C VAL A 185 -19.35 -18.07 -6.20
N ASP A 186 -18.95 -18.72 -7.30
CA ASP A 186 -18.40 -18.06 -8.49
C ASP A 186 -19.47 -17.72 -9.53
N LEU A 187 -20.61 -17.15 -9.07
CA LEU A 187 -21.71 -16.71 -9.93
C LEU A 187 -21.33 -15.34 -10.55
N PRO A 188 -22.00 -14.86 -11.65
CA PRO A 188 -21.64 -13.55 -12.21
C PRO A 188 -22.06 -12.41 -11.29
N ALA A 189 -21.42 -11.25 -11.41
CA ALA A 189 -21.76 -10.08 -10.60
C ALA A 189 -23.12 -9.58 -11.03
N VAL A 190 -23.35 -9.52 -12.35
CA VAL A 190 -24.61 -9.09 -12.95
C VAL A 190 -25.09 -10.13 -13.97
N SER A 191 -26.29 -10.69 -13.73
CA SER A 191 -26.95 -11.68 -14.58
C SER A 191 -27.44 -11.05 -15.90
N GLU A 192 -27.96 -11.88 -16.82
CA GLU A 192 -28.47 -11.41 -18.11
C GLU A 192 -29.67 -10.46 -17.94
N LYS A 193 -30.58 -10.77 -16.97
CA LYS A 193 -31.74 -9.93 -16.65
C LYS A 193 -31.26 -8.64 -16.00
N ASP A 194 -30.33 -8.75 -15.01
CA ASP A 194 -29.75 -7.63 -14.27
C ASP A 194 -29.18 -6.55 -15.20
N ARG A 195 -28.47 -6.95 -16.28
CA ARG A 195 -27.87 -6.05 -17.28
C ARG A 195 -28.95 -5.29 -18.06
N LYS A 196 -30.07 -5.97 -18.42
CA LYS A 196 -31.20 -5.36 -19.11
C LYS A 196 -31.99 -4.44 -18.15
N ASP A 197 -32.09 -4.85 -16.85
CA ASP A 197 -32.74 -4.11 -15.76
C ASP A 197 -31.98 -2.80 -15.51
N LEU A 198 -30.62 -2.90 -15.39
CA LEU A 198 -29.71 -1.78 -15.18
C LEU A 198 -29.77 -0.81 -16.35
N GLN A 199 -29.93 -1.33 -17.59
CA GLN A 199 -30.03 -0.54 -18.82
C GLN A 199 -31.30 0.33 -18.75
N PHE A 200 -32.44 -0.28 -18.34
CA PHE A 200 -33.74 0.36 -18.15
C PHE A 200 -33.67 1.39 -17.06
N GLY A 201 -33.02 1.04 -15.96
CA GLY A 201 -32.83 1.93 -14.82
C GLY A 201 -32.04 3.16 -15.16
N VAL A 202 -30.87 2.97 -15.81
CA VAL A 202 -29.95 4.03 -16.22
C VAL A 202 -30.62 4.99 -17.21
N GLU A 203 -31.37 4.41 -18.17
CA GLU A 203 -32.09 5.19 -19.19
C GLU A 203 -33.27 5.95 -18.61
N GLN A 204 -33.97 5.37 -17.61
CA GLN A 204 -35.11 6.01 -16.94
C GLN A 204 -34.70 7.05 -15.85
N GLY A 205 -33.41 7.11 -15.53
CA GLY A 205 -32.86 8.07 -14.57
C GLY A 205 -32.88 7.70 -13.10
N VAL A 206 -32.64 6.41 -12.75
CA VAL A 206 -32.61 5.97 -11.36
C VAL A 206 -31.40 6.60 -10.69
N ASP A 207 -31.60 7.10 -9.46
CA ASP A 207 -30.58 7.81 -8.69
C ASP A 207 -29.49 6.93 -8.11
N MET A 208 -29.85 5.67 -7.79
CA MET A 208 -28.95 4.70 -7.20
C MET A 208 -29.36 3.26 -7.47
N ILE A 209 -28.38 2.38 -7.36
CA ILE A 209 -28.53 0.95 -7.61
C ILE A 209 -28.17 0.17 -6.35
N PHE A 210 -29.08 -0.72 -5.94
CA PHE A 210 -28.85 -1.60 -4.81
C PHE A 210 -28.43 -2.93 -5.42
N ALA A 211 -27.10 -3.12 -5.52
CA ALA A 211 -26.46 -4.27 -6.13
C ALA A 211 -26.57 -5.50 -5.26
N SER A 212 -27.50 -6.41 -5.63
CA SER A 212 -27.78 -7.66 -4.94
C SER A 212 -26.63 -8.65 -5.00
N PHE A 213 -26.32 -9.25 -3.83
CA PHE A 213 -25.33 -10.31 -3.64
C PHE A 213 -23.92 -9.91 -4.13
N ILE A 214 -23.28 -8.98 -3.40
CA ILE A 214 -21.91 -8.53 -3.69
C ILE A 214 -20.99 -9.30 -2.76
N ARG A 215 -19.99 -9.96 -3.36
CA ARG A 215 -19.02 -10.81 -2.66
C ARG A 215 -17.60 -10.22 -2.72
N THR A 216 -17.21 -9.61 -3.85
CA THR A 216 -15.89 -9.03 -4.05
C THR A 216 -15.97 -7.59 -4.56
N ALA A 217 -14.83 -6.86 -4.49
CA ALA A 217 -14.74 -5.48 -4.97
C ALA A 217 -14.77 -5.43 -6.48
N ASP A 218 -14.27 -6.49 -7.16
CA ASP A 218 -14.24 -6.63 -8.62
C ASP A 218 -15.68 -6.68 -9.15
N GLN A 219 -16.57 -7.36 -8.40
CA GLN A 219 -18.00 -7.51 -8.68
C GLN A 219 -18.71 -6.16 -8.69
N VAL A 220 -18.22 -5.20 -7.87
CA VAL A 220 -18.73 -3.83 -7.78
C VAL A 220 -18.37 -3.07 -9.05
N ARG A 221 -17.12 -3.26 -9.54
CA ARG A 221 -16.59 -2.61 -10.74
C ARG A 221 -17.33 -3.09 -11.99
N GLU A 222 -17.75 -4.38 -12.00
CA GLU A 222 -18.53 -5.02 -13.06
C GLU A 222 -19.88 -4.32 -13.21
N VAL A 223 -20.51 -3.95 -12.05
CA VAL A 223 -21.79 -3.24 -11.96
C VAL A 223 -21.63 -1.80 -12.51
N ARG A 224 -20.52 -1.10 -12.15
CA ARG A 224 -20.27 0.26 -12.66
C ARG A 224 -20.00 0.26 -14.15
N ALA A 225 -19.34 -0.80 -14.65
CA ALA A 225 -19.05 -0.99 -16.07
C ALA A 225 -20.39 -1.20 -16.82
N ALA A 226 -21.31 -2.02 -16.24
CA ALA A 226 -22.64 -2.33 -16.76
C ALA A 226 -23.53 -1.08 -16.87
N LEU A 227 -23.20 -0.03 -16.10
CA LEU A 227 -23.89 1.26 -16.03
C LEU A 227 -23.45 2.23 -17.15
N GLY A 228 -22.20 2.08 -17.62
CA GLY A 228 -21.61 2.84 -18.72
C GLY A 228 -21.48 4.32 -18.47
N GLU A 229 -21.25 5.08 -19.56
CA GLU A 229 -21.08 6.54 -19.55
C GLU A 229 -22.37 7.26 -19.22
N LYS A 230 -23.53 6.63 -19.52
CA LYS A 230 -24.85 7.20 -19.23
C LYS A 230 -25.15 7.09 -17.72
N GLY A 231 -24.58 6.07 -17.06
CA GLY A 231 -24.73 5.84 -15.63
C GLY A 231 -23.42 5.96 -14.88
N LYS A 232 -22.63 7.00 -15.20
CA LYS A 232 -21.34 7.27 -14.58
C LYS A 232 -21.53 7.83 -13.16
N ASP A 233 -22.48 8.77 -13.02
CA ASP A 233 -22.79 9.47 -11.78
C ASP A 233 -23.80 8.75 -10.83
N THR A 234 -24.42 7.62 -11.24
CA THR A 234 -25.37 6.90 -10.39
C THR A 234 -24.63 6.12 -9.26
N LEU A 235 -25.15 6.19 -8.02
CA LEU A 235 -24.55 5.55 -6.84
C LEU A 235 -24.72 4.04 -6.83
N ILE A 236 -23.67 3.32 -6.39
CA ILE A 236 -23.70 1.87 -6.26
C ILE A 236 -23.65 1.53 -4.78
N ILE A 237 -24.79 1.09 -4.24
CA ILE A 237 -24.91 0.65 -2.86
C ILE A 237 -24.89 -0.86 -2.93
N SER A 238 -23.78 -1.46 -2.48
CA SER A 238 -23.61 -2.92 -2.51
C SER A 238 -24.35 -3.57 -1.36
N LYS A 239 -25.09 -4.65 -1.66
CA LYS A 239 -25.84 -5.40 -0.67
C LYS A 239 -24.99 -6.58 -0.18
N ILE A 240 -24.62 -6.57 1.11
CA ILE A 240 -23.83 -7.64 1.75
C ILE A 240 -24.85 -8.69 2.17
N GLU A 241 -24.84 -9.84 1.48
CA GLU A 241 -25.79 -10.94 1.66
C GLU A 241 -25.15 -12.26 2.10
N ASN A 242 -23.84 -12.28 2.48
CA ASN A 242 -23.16 -13.52 2.90
C ASN A 242 -21.82 -13.29 3.62
N HIS A 243 -21.04 -14.40 3.75
CA HIS A 243 -19.72 -14.52 4.37
C HIS A 243 -18.69 -13.76 3.53
N GLN A 244 -18.72 -13.92 2.19
CA GLN A 244 -17.78 -13.25 1.27
C GLN A 244 -18.01 -11.74 1.24
N GLY A 245 -19.21 -11.31 1.61
CA GLY A 245 -19.55 -9.90 1.70
C GLY A 245 -18.81 -9.29 2.89
N VAL A 246 -19.03 -9.87 4.08
CA VAL A 246 -18.43 -9.46 5.35
C VAL A 246 -16.89 -9.71 5.38
N GLN A 247 -16.39 -10.75 4.67
CA GLN A 247 -14.94 -11.02 4.63
C GLN A 247 -14.18 -9.95 3.83
N ASN A 248 -14.74 -9.54 2.68
CA ASN A 248 -14.15 -8.53 1.79
C ASN A 248 -14.82 -7.15 1.93
N ILE A 249 -15.43 -6.88 3.10
CA ILE A 249 -16.15 -5.63 3.38
C ILE A 249 -15.27 -4.38 3.13
N ASP A 250 -13.99 -4.41 3.57
CA ASP A 250 -13.02 -3.32 3.38
C ASP A 250 -12.90 -2.91 1.90
N ALA A 251 -12.67 -3.90 1.03
CA ALA A 251 -12.54 -3.71 -0.42
C ALA A 251 -13.85 -3.30 -1.09
N ILE A 252 -14.99 -3.89 -0.64
CA ILE A 252 -16.34 -3.62 -1.16
C ILE A 252 -16.72 -2.18 -0.81
N ILE A 253 -16.29 -1.67 0.36
CA ILE A 253 -16.55 -0.29 0.78
C ILE A 253 -15.81 0.69 -0.15
N GLU A 254 -14.50 0.48 -0.38
CA GLU A 254 -13.64 1.31 -1.25
C GLU A 254 -14.20 1.43 -2.69
N ALA A 255 -14.70 0.30 -3.23
CA ALA A 255 -15.25 0.18 -4.58
C ALA A 255 -16.66 0.76 -4.72
N SER A 256 -17.53 0.61 -3.69
CA SER A 256 -18.92 1.08 -3.70
C SER A 256 -19.09 2.55 -3.27
N ASP A 257 -20.26 3.13 -3.58
CA ASP A 257 -20.62 4.48 -3.18
C ASP A 257 -21.27 4.48 -1.77
N GLY A 258 -21.77 3.30 -1.37
CA GLY A 258 -22.43 3.02 -0.11
C GLY A 258 -22.65 1.52 0.09
N ILE A 259 -23.22 1.13 1.24
CA ILE A 259 -23.44 -0.27 1.60
C ILE A 259 -24.82 -0.47 2.24
N MET A 260 -25.40 -1.66 2.04
CA MET A 260 -26.65 -2.08 2.66
C MET A 260 -26.38 -3.39 3.40
N VAL A 261 -26.75 -3.43 4.69
CA VAL A 261 -26.64 -4.63 5.52
C VAL A 261 -27.94 -5.38 5.21
N ALA A 262 -27.93 -6.19 4.14
CA ALA A 262 -29.10 -6.97 3.69
C ALA A 262 -29.27 -8.16 4.63
N ARG A 263 -29.75 -7.90 5.87
CA ARG A 263 -29.90 -8.90 6.93
C ARG A 263 -30.80 -10.09 6.53
N GLY A 264 -31.66 -9.89 5.52
CA GLY A 264 -32.57 -10.90 4.99
C GLY A 264 -31.89 -12.16 4.52
N ASP A 265 -31.09 -12.03 3.43
CA ASP A 265 -30.34 -13.14 2.86
C ASP A 265 -29.11 -13.46 3.70
N LEU A 266 -28.59 -12.47 4.43
CA LEU A 266 -27.42 -12.62 5.30
C LEU A 266 -27.76 -13.55 6.46
N GLY A 267 -28.98 -13.40 7.02
CA GLY A 267 -29.49 -14.21 8.13
C GLY A 267 -29.75 -15.66 7.76
N VAL A 268 -29.94 -15.92 6.46
CA VAL A 268 -30.16 -17.25 5.86
C VAL A 268 -28.76 -17.92 5.63
N GLU A 269 -27.74 -17.12 5.18
CA GLU A 269 -26.36 -17.55 4.94
C GLU A 269 -25.62 -17.79 6.25
N ILE A 270 -25.38 -16.70 7.00
CA ILE A 270 -24.67 -16.68 8.28
C ILE A 270 -25.62 -16.96 9.49
N PRO A 271 -25.13 -17.53 10.63
CA PRO A 271 -26.02 -17.76 11.78
C PRO A 271 -26.66 -16.46 12.27
N ALA A 272 -27.94 -16.55 12.66
CA ALA A 272 -28.78 -15.45 13.13
C ALA A 272 -28.09 -14.49 14.12
N GLU A 273 -27.43 -15.04 15.16
CA GLU A 273 -26.73 -14.28 16.21
C GLU A 273 -25.54 -13.46 15.72
N LYS A 274 -24.92 -13.88 14.61
CA LYS A 274 -23.75 -13.22 14.04
C LYS A 274 -24.13 -12.04 13.14
N VAL A 275 -25.43 -11.88 12.82
CA VAL A 275 -25.91 -10.79 11.98
C VAL A 275 -25.83 -9.45 12.74
N VAL A 276 -25.79 -9.47 14.09
CA VAL A 276 -25.66 -8.28 14.95
C VAL A 276 -24.22 -7.78 14.83
N VAL A 277 -23.26 -8.71 14.96
CA VAL A 277 -21.82 -8.44 14.86
C VAL A 277 -21.47 -7.91 13.47
N ALA A 278 -22.06 -8.51 12.41
CA ALA A 278 -21.86 -8.09 11.02
C ALA A 278 -22.39 -6.67 10.84
N GLN A 279 -23.62 -6.39 11.33
CA GLN A 279 -24.28 -5.08 11.31
C GLN A 279 -23.37 -4.01 11.91
N MET A 280 -22.96 -4.18 13.19
CA MET A 280 -22.11 -3.25 13.95
C MET A 280 -20.80 -2.96 13.25
N CYS A 281 -20.11 -4.02 12.77
CA CYS A 281 -18.85 -3.98 12.05
C CYS A 281 -19.02 -3.17 10.76
N ILE A 282 -19.93 -3.61 9.87
CA ILE A 282 -20.21 -2.96 8.59
C ILE A 282 -20.58 -1.48 8.75
N ILE A 283 -21.50 -1.17 9.68
CA ILE A 283 -21.97 0.20 9.97
C ILE A 283 -20.82 1.13 10.41
N SER A 284 -19.96 0.67 11.34
CA SER A 284 -18.85 1.47 11.87
C SER A 284 -17.72 1.66 10.85
N LYS A 285 -17.47 0.64 10.02
CA LYS A 285 -16.45 0.70 8.96
C LYS A 285 -16.89 1.73 7.89
N CYS A 286 -18.23 1.78 7.62
CA CYS A 286 -18.85 2.71 6.67
C CYS A 286 -18.83 4.14 7.18
N ASN A 287 -18.72 4.33 8.51
CA ASN A 287 -18.67 5.64 9.13
C ASN A 287 -17.25 6.19 9.01
N VAL A 288 -16.22 5.36 9.30
CA VAL A 288 -14.81 5.76 9.20
C VAL A 288 -14.48 6.07 7.74
N ALA A 289 -15.12 5.33 6.81
CA ALA A 289 -14.98 5.49 5.36
C ALA A 289 -15.70 6.73 4.85
N GLY A 290 -16.81 7.08 5.51
CA GLY A 290 -17.61 8.23 5.14
C GLY A 290 -18.52 7.94 3.96
N LYS A 291 -19.12 6.74 3.96
CA LYS A 291 -20.03 6.26 2.92
C LYS A 291 -21.37 5.80 3.54
N PRO A 292 -22.52 6.06 2.88
CA PRO A 292 -23.82 5.70 3.47
C PRO A 292 -24.03 4.23 3.84
N VAL A 293 -24.75 3.99 4.96
CA VAL A 293 -25.07 2.66 5.46
C VAL A 293 -26.56 2.51 5.64
N ILE A 294 -27.14 1.49 5.01
CA ILE A 294 -28.56 1.19 5.08
C ILE A 294 -28.67 -0.09 5.86
N CYS A 295 -29.62 -0.12 6.81
CA CYS A 295 -30.00 -1.33 7.59
C CYS A 295 -31.26 -1.86 6.91
N ALA A 296 -31.52 -3.18 6.82
CA ALA A 296 -32.61 -3.48 5.87
C ALA A 296 -33.75 -4.43 6.24
N THR A 297 -33.56 -5.54 6.94
CA THR A 297 -34.75 -6.44 6.98
C THR A 297 -35.51 -6.48 8.31
N GLN A 298 -36.84 -6.56 8.20
CA GLN A 298 -37.84 -6.73 9.28
C GLN A 298 -37.71 -5.60 10.29
N MET A 299 -37.38 -4.39 9.85
CA MET A 299 -37.23 -3.30 10.85
C MET A 299 -38.49 -3.18 11.77
N LEU A 300 -39.67 -3.27 11.17
CA LEU A 300 -40.95 -3.19 11.90
C LEU A 300 -41.93 -4.16 11.21
N GLU A 301 -41.51 -5.45 11.14
CA GLU A 301 -42.16 -6.57 10.47
C GLU A 301 -43.63 -6.76 10.87
N SER A 302 -43.90 -6.86 12.20
CA SER A 302 -45.26 -7.07 12.73
C SER A 302 -46.29 -6.06 12.18
N MET A 303 -45.86 -4.81 11.83
CA MET A 303 -46.70 -3.73 11.26
C MET A 303 -47.09 -3.93 9.77
N THR A 304 -46.86 -5.14 9.24
CA THR A 304 -47.32 -5.52 7.91
C THR A 304 -48.82 -5.91 8.08
N THR A 305 -49.16 -6.49 9.26
CA THR A 305 -50.50 -6.93 9.64
C THR A 305 -51.06 -6.17 10.87
N ASN A 306 -50.19 -5.91 11.88
CA ASN A 306 -50.52 -5.24 13.14
C ASN A 306 -50.45 -3.70 13.07
N PRO A 307 -51.22 -2.96 13.89
CA PRO A 307 -51.15 -1.48 13.84
C PRO A 307 -50.07 -0.87 14.73
N ARG A 308 -49.37 -1.72 15.50
CA ARG A 308 -48.32 -1.37 16.45
C ARG A 308 -47.15 -2.36 16.36
N PRO A 309 -45.88 -1.90 16.46
CA PRO A 309 -44.76 -2.83 16.41
C PRO A 309 -44.46 -3.50 17.76
N THR A 310 -43.66 -4.58 17.72
CA THR A 310 -43.24 -5.32 18.90
C THR A 310 -42.19 -4.49 19.63
N ARG A 311 -41.94 -4.80 20.92
CA ARG A 311 -40.93 -4.11 21.74
C ARG A 311 -39.55 -4.27 21.09
N ALA A 312 -39.31 -5.44 20.46
CA ALA A 312 -38.08 -5.79 19.75
C ALA A 312 -37.84 -4.93 18.51
N GLU A 313 -38.90 -4.73 17.69
CA GLU A 313 -38.87 -3.94 16.47
C GLU A 313 -38.54 -2.49 16.73
N VAL A 314 -38.98 -1.93 17.88
CA VAL A 314 -38.68 -0.55 18.26
C VAL A 314 -37.18 -0.41 18.63
N THR A 315 -36.61 -1.37 19.43
CA THR A 315 -35.19 -1.33 19.83
C THR A 315 -34.27 -1.54 18.63
N ASP A 316 -34.73 -2.31 17.64
CA ASP A 316 -33.99 -2.60 16.40
C ASP A 316 -33.80 -1.33 15.55
N VAL A 317 -34.86 -0.50 15.42
CA VAL A 317 -34.85 0.75 14.67
C VAL A 317 -33.97 1.76 15.41
N ALA A 318 -34.07 1.78 16.75
CA ALA A 318 -33.33 2.70 17.61
C ALA A 318 -31.84 2.39 17.59
N ASN A 319 -31.48 1.10 17.77
CA ASN A 319 -30.09 0.68 17.81
C ASN A 319 -29.42 0.71 16.47
N ALA A 320 -30.16 0.70 15.34
CA ALA A 320 -29.57 0.83 14.00
C ALA A 320 -29.03 2.25 13.89
N VAL A 321 -29.80 3.25 14.40
CA VAL A 321 -29.43 4.67 14.45
C VAL A 321 -28.28 4.87 15.41
N PHE A 322 -28.32 4.21 16.60
CA PHE A 322 -27.25 4.28 17.59
C PHE A 322 -25.92 3.77 17.02
N ASN A 323 -25.95 2.63 16.27
CA ASN A 323 -24.79 2.00 15.61
C ASN A 323 -24.05 2.97 14.67
N GLY A 324 -24.80 3.81 13.97
CA GLY A 324 -24.26 4.80 13.05
C GLY A 324 -24.85 4.76 11.67
N ALA A 325 -25.96 4.03 11.49
CA ALA A 325 -26.64 3.91 10.21
C ALA A 325 -27.23 5.25 9.76
N ASP A 326 -27.04 5.58 8.46
CA ASP A 326 -27.61 6.79 7.87
C ASP A 326 -29.07 6.50 7.57
N CYS A 327 -29.34 5.30 7.03
CA CYS A 327 -30.67 4.88 6.64
C CYS A 327 -31.17 3.65 7.36
N VAL A 328 -32.49 3.54 7.37
CA VAL A 328 -33.25 2.42 7.87
C VAL A 328 -34.25 2.06 6.76
N MET A 329 -34.51 0.77 6.57
CA MET A 329 -35.32 0.29 5.45
C MET A 329 -36.52 -0.62 5.75
N LEU A 330 -37.61 -0.34 5.02
CA LEU A 330 -38.85 -1.09 5.04
C LEU A 330 -39.04 -1.76 3.67
N SER A 331 -39.40 -3.05 3.69
CA SER A 331 -39.62 -3.90 2.54
C SER A 331 -40.63 -4.96 2.89
N GLY A 332 -41.86 -4.74 2.46
CA GLY A 332 -42.96 -5.66 2.75
C GLY A 332 -43.90 -5.05 3.77
N GLU A 333 -43.33 -4.21 4.64
CA GLU A 333 -44.02 -3.43 5.67
C GLU A 333 -44.71 -2.25 4.94
N THR A 334 -44.13 -1.81 3.80
CA THR A 334 -44.65 -0.75 2.93
C THR A 334 -45.06 -1.32 1.56
N ALA A 335 -44.45 -2.44 1.13
CA ALA A 335 -44.74 -3.05 -0.16
C ALA A 335 -46.11 -3.72 -0.17
N LYS A 336 -46.35 -4.70 0.73
CA LYS A 336 -47.61 -5.45 0.84
C LYS A 336 -48.36 -5.26 2.19
N GLY A 337 -47.89 -4.34 3.03
CA GLY A 337 -48.44 -4.05 4.34
C GLY A 337 -49.82 -3.39 4.38
N LYS A 338 -50.56 -3.66 5.48
CA LYS A 338 -51.89 -3.14 5.79
C LYS A 338 -51.84 -1.71 6.32
N TYR A 339 -50.73 -1.34 6.99
CA TYR A 339 -50.50 0.00 7.55
C TYR A 339 -49.23 0.59 6.93
N PRO A 340 -49.30 1.11 5.68
CA PRO A 340 -48.08 1.62 5.02
C PRO A 340 -47.58 2.97 5.52
N ASN A 341 -48.50 3.88 5.84
CA ASN A 341 -48.21 5.22 6.32
C ASN A 341 -47.80 5.19 7.80
N GLU A 342 -48.53 4.39 8.59
CA GLU A 342 -48.37 4.21 10.03
C GLU A 342 -46.98 3.64 10.41
N VAL A 343 -46.47 2.66 9.63
CA VAL A 343 -45.16 2.02 9.87
C VAL A 343 -44.01 3.01 9.68
N VAL A 344 -44.12 3.91 8.69
CA VAL A 344 -43.11 4.93 8.38
C VAL A 344 -43.15 5.98 9.49
N GLN A 345 -44.38 6.30 9.96
CA GLN A 345 -44.61 7.29 11.01
C GLN A 345 -43.99 6.82 12.32
N TYR A 346 -44.08 5.51 12.61
CA TYR A 346 -43.48 4.90 13.80
C TYR A 346 -41.96 4.94 13.70
N MET A 347 -41.41 4.60 12.52
CA MET A 347 -39.98 4.59 12.25
C MET A 347 -39.36 5.95 12.49
N VAL A 348 -40.01 7.02 11.97
CA VAL A 348 -39.57 8.43 12.13
C VAL A 348 -39.48 8.81 13.62
N ARG A 349 -40.46 8.39 14.45
CA ARG A 349 -40.51 8.68 15.88
C ARG A 349 -39.39 8.00 16.67
N ILE A 350 -39.05 6.75 16.28
CA ILE A 350 -37.97 5.98 16.91
C ILE A 350 -36.63 6.61 16.51
N CYS A 351 -36.51 7.06 15.24
CA CYS A 351 -35.30 7.68 14.75
C CYS A 351 -35.00 8.96 15.50
N ILE A 352 -36.00 9.87 15.65
CA ILE A 352 -35.84 11.16 16.36
C ILE A 352 -35.54 10.92 17.84
N GLU A 353 -36.09 9.84 18.42
CA GLU A 353 -35.87 9.49 19.82
C GLU A 353 -34.43 9.07 20.02
N ALA A 354 -33.95 8.05 19.25
CA ALA A 354 -32.59 7.53 19.26
C ALA A 354 -31.55 8.62 18.96
N GLN A 355 -31.88 9.55 18.08
CA GLN A 355 -31.07 10.69 17.65
C GLN A 355 -30.86 11.63 18.83
N SER A 356 -31.86 11.74 19.70
CA SER A 356 -31.83 12.60 20.89
C SER A 356 -31.05 11.93 22.02
N ALA A 357 -31.12 10.59 22.13
CA ALA A 357 -30.43 9.80 23.13
C ALA A 357 -28.96 9.54 22.76
N THR A 358 -28.49 10.15 21.66
CA THR A 358 -27.10 9.98 21.23
C THR A 358 -26.25 11.13 21.71
N HIS A 359 -25.03 10.79 22.16
CA HIS A 359 -24.01 11.74 22.60
C HIS A 359 -23.41 12.21 21.25
N ASP A 360 -23.72 13.46 20.88
CA ASP A 360 -23.36 14.03 19.58
C ASP A 360 -21.84 14.26 19.41
N SER A 361 -21.17 14.63 20.50
CA SER A 361 -19.74 14.90 20.50
C SER A 361 -18.91 13.66 20.33
N VAL A 362 -19.37 12.54 20.92
CA VAL A 362 -18.62 11.27 20.91
C VAL A 362 -18.48 10.72 19.51
N MET A 363 -19.57 10.70 18.71
CA MET A 363 -19.50 10.18 17.36
C MET A 363 -18.54 10.98 16.48
N PHE A 364 -18.48 12.29 16.66
CA PHE A 364 -17.54 13.12 15.89
C PHE A 364 -16.07 12.82 16.30
N ASN A 365 -15.79 12.87 17.62
CA ASN A 365 -14.46 12.63 18.15
C ASN A 365 -14.01 11.19 17.91
N SER A 366 -14.91 10.20 17.92
CA SER A 366 -14.54 8.79 17.64
C SER A 366 -14.10 8.63 16.19
N ILE A 367 -14.87 9.23 15.22
CA ILE A 367 -14.59 9.20 13.77
C ILE A 367 -13.31 9.99 13.45
N LYS A 368 -13.17 11.22 13.99
CA LYS A 368 -12.01 12.10 13.78
C LYS A 368 -10.68 11.47 14.22
N ASN A 369 -10.65 10.84 15.41
CA ASN A 369 -9.45 10.24 15.98
C ASN A 369 -8.98 8.96 15.25
N LEU A 370 -9.89 8.34 14.48
CA LEU A 370 -9.59 7.14 13.70
C LEU A 370 -9.13 7.59 12.31
N GLN A 371 -9.15 8.92 12.04
CA GLN A 371 -8.66 9.46 10.78
C GLN A 371 -7.16 9.59 10.66
N LYS A 372 -6.61 9.24 9.47
CA LYS A 372 -5.17 9.27 9.22
C LYS A 372 -4.76 10.72 9.04
N ILE A 373 -3.71 11.14 9.77
CA ILE A 373 -3.14 12.49 9.72
C ILE A 373 -1.77 12.44 9.01
N PRO A 374 -1.45 13.35 8.06
CA PRO A 374 -2.22 14.53 7.63
C PRO A 374 -3.47 14.23 6.82
N MET A 375 -4.53 15.00 7.11
CA MET A 375 -5.80 14.93 6.40
C MET A 375 -5.66 15.75 5.15
N SER A 376 -6.50 15.48 4.13
CA SER A 376 -6.51 16.27 2.90
C SER A 376 -7.09 17.65 3.27
N PRO A 377 -6.71 18.77 2.62
CA PRO A 377 -7.30 20.07 2.99
C PRO A 377 -8.83 20.10 2.98
N GLU A 378 -9.45 19.31 2.07
CA GLU A 378 -10.91 19.16 1.92
C GLU A 378 -11.52 18.53 3.18
N GLU A 379 -10.82 17.54 3.76
CA GLU A 379 -11.30 16.82 4.93
C GLU A 379 -11.08 17.58 6.24
N ALA A 380 -9.92 18.23 6.39
CA ALA A 380 -9.58 19.03 7.57
C ALA A 380 -10.47 20.26 7.68
N VAL A 381 -10.98 20.78 6.55
CA VAL A 381 -11.89 21.92 6.54
C VAL A 381 -13.29 21.45 6.93
N CYS A 382 -13.72 20.26 6.45
CA CYS A 382 -15.03 19.64 6.73
C CYS A 382 -15.15 19.18 8.17
N SER A 383 -14.10 18.54 8.73
CA SER A 383 -14.08 18.11 10.13
C SER A 383 -14.05 19.32 11.07
N SER A 384 -13.24 20.35 10.74
CA SER A 384 -13.15 21.58 11.53
C SER A 384 -14.40 22.42 11.44
N ALA A 385 -15.16 22.30 10.34
CA ALA A 385 -16.44 22.99 10.17
C ALA A 385 -17.43 22.40 11.17
N VAL A 386 -17.42 21.06 11.34
CA VAL A 386 -18.25 20.32 12.31
C VAL A 386 -17.75 20.60 13.74
N SER A 387 -16.41 20.72 13.93
CA SER A 387 -15.81 21.05 15.22
C SER A 387 -16.30 22.43 15.67
N SER A 388 -16.29 23.44 14.74
CA SER A 388 -16.77 24.82 14.94
C SER A 388 -18.24 24.83 15.32
N ALA A 389 -19.03 23.96 14.67
CA ALA A 389 -20.48 23.82 14.88
C ALA A 389 -20.79 23.43 16.31
N PHE A 390 -19.98 22.54 16.91
CA PHE A 390 -20.13 22.08 18.29
C PHE A 390 -19.69 23.15 19.27
N GLU A 391 -18.59 23.88 18.92
CA GLU A 391 -17.97 24.96 19.68
C GLU A 391 -18.86 26.18 19.78
N VAL A 392 -19.32 26.76 18.64
CA VAL A 392 -20.23 27.93 18.63
C VAL A 392 -21.70 27.55 18.93
N GLN A 393 -22.03 26.24 18.99
CA GLN A 393 -23.38 25.70 19.17
C GLN A 393 -24.29 26.11 17.98
N ALA A 394 -23.75 26.01 16.74
CA ALA A 394 -24.41 26.34 15.48
C ALA A 394 -25.71 25.58 15.31
N LYS A 395 -26.79 26.28 14.89
CA LYS A 395 -28.13 25.68 14.69
C LYS A 395 -28.25 24.92 13.35
N ALA A 396 -27.29 25.16 12.40
CA ALA A 396 -27.19 24.53 11.08
C ALA A 396 -25.83 24.78 10.37
N ILE A 397 -25.41 23.82 9.50
CA ILE A 397 -24.20 23.91 8.67
C ILE A 397 -24.70 24.04 7.22
N LEU A 398 -24.08 24.95 6.44
CA LEU A 398 -24.42 25.14 5.02
C LEU A 398 -23.21 24.78 4.16
N VAL A 399 -23.44 23.93 3.14
CA VAL A 399 -22.38 23.47 2.24
C VAL A 399 -22.80 23.66 0.79
N LEU A 400 -21.87 24.15 -0.04
CA LEU A 400 -22.09 24.36 -1.47
C LEU A 400 -21.42 23.20 -2.20
N SER A 401 -22.16 22.10 -2.35
CA SER A 401 -21.63 20.92 -3.01
C SER A 401 -22.43 20.61 -4.25
N ASN A 402 -21.74 20.45 -5.38
CA ASN A 402 -22.38 20.13 -6.67
C ASN A 402 -22.50 18.61 -6.86
N THR A 403 -21.44 17.85 -6.51
CA THR A 403 -21.36 16.39 -6.58
C THR A 403 -22.12 15.75 -5.41
N GLY A 404 -21.91 16.29 -4.21
CA GLY A 404 -22.46 15.81 -2.96
C GLY A 404 -21.35 15.27 -2.06
N ARG A 405 -20.14 15.09 -2.66
CA ARG A 405 -18.90 14.58 -2.06
C ARG A 405 -18.49 15.36 -0.79
N SER A 406 -18.71 16.72 -0.78
CA SER A 406 -18.39 17.59 0.37
C SER A 406 -19.42 17.42 1.48
N ALA A 407 -20.71 17.36 1.11
CA ALA A 407 -21.82 17.18 2.05
C ALA A 407 -21.72 15.82 2.78
N ARG A 408 -21.23 14.77 2.07
CA ARG A 408 -21.03 13.43 2.60
C ARG A 408 -19.88 13.36 3.60
N LEU A 409 -18.81 14.16 3.39
CA LEU A 409 -17.64 14.27 4.27
C LEU A 409 -17.87 15.17 5.50
N ILE A 410 -18.94 16.00 5.44
CA ILE A 410 -19.38 16.86 6.54
C ILE A 410 -20.27 15.94 7.39
N SER A 411 -21.18 15.16 6.73
CA SER A 411 -22.07 14.22 7.43
C SER A 411 -21.29 13.08 8.08
N LYS A 412 -20.07 12.82 7.57
CA LYS A 412 -19.12 11.82 8.03
C LYS A 412 -18.70 12.11 9.48
N TYR A 413 -18.65 13.40 9.85
CA TYR A 413 -18.24 13.83 11.19
C TYR A 413 -19.44 14.03 12.13
N ARG A 414 -20.57 13.40 11.78
CA ARG A 414 -21.84 13.32 12.49
C ARG A 414 -22.28 14.53 13.37
N PRO A 415 -22.43 15.75 12.80
CA PRO A 415 -22.85 16.89 13.63
C PRO A 415 -24.23 16.80 14.31
N ASN A 416 -24.42 17.62 15.35
CA ASN A 416 -25.64 17.73 16.17
C ASN A 416 -26.81 18.39 15.44
N CYS A 417 -26.48 19.27 14.47
CA CYS A 417 -27.38 20.12 13.67
C CYS A 417 -27.60 19.57 12.25
N PRO A 418 -28.59 20.06 11.46
CA PRO A 418 -28.72 19.57 10.08
C PRO A 418 -27.72 20.23 9.13
N ILE A 419 -27.44 19.58 8.00
CA ILE A 419 -26.52 20.08 6.97
C ILE A 419 -27.36 20.48 5.76
N ILE A 420 -27.25 21.72 5.29
CA ILE A 420 -28.00 22.20 4.14
C ILE A 420 -27.06 22.23 2.94
N CYS A 421 -27.38 21.43 1.92
CA CYS A 421 -26.57 21.33 0.71
C CYS A 421 -27.13 22.14 -0.48
N ALA A 422 -26.44 23.25 -0.84
CA ALA A 422 -26.75 24.13 -1.97
C ALA A 422 -26.05 23.54 -3.22
N THR A 423 -26.84 22.88 -4.11
CA THR A 423 -26.32 22.19 -5.29
C THR A 423 -26.93 22.69 -6.58
N THR A 424 -26.16 22.56 -7.68
CA THR A 424 -26.50 22.95 -9.04
C THR A 424 -26.98 21.76 -9.88
N ARG A 425 -27.02 20.55 -9.28
CA ARG A 425 -27.45 19.31 -9.93
C ARG A 425 -28.62 18.68 -9.17
N LEU A 426 -29.74 18.40 -9.86
CA LEU A 426 -30.94 17.81 -9.25
C LEU A 426 -30.74 16.34 -8.83
N LEU A 427 -29.80 15.61 -9.48
CA LEU A 427 -29.47 14.22 -9.15
C LEU A 427 -28.87 14.17 -7.75
N THR A 428 -28.01 15.17 -7.42
CA THR A 428 -27.35 15.35 -6.13
C THR A 428 -28.39 15.56 -5.02
N CYS A 429 -29.46 16.32 -5.31
CA CYS A 429 -30.56 16.55 -4.39
C CYS A 429 -31.18 15.20 -3.94
N ARG A 430 -31.34 14.25 -4.89
CA ARG A 430 -31.95 12.93 -4.66
C ARG A 430 -30.97 11.87 -4.19
N GLN A 431 -29.64 12.12 -4.32
CA GLN A 431 -28.60 11.18 -3.90
C GLN A 431 -28.13 11.42 -2.44
N LEU A 432 -28.51 12.58 -1.88
CA LEU A 432 -28.17 12.94 -0.51
C LEU A 432 -29.32 12.54 0.41
N ASN A 433 -30.27 11.75 -0.17
CA ASN A 433 -31.40 11.23 0.58
C ASN A 433 -30.97 9.96 1.30
N VAL A 434 -29.74 9.49 1.03
CA VAL A 434 -29.14 8.30 1.66
C VAL A 434 -28.08 8.68 2.72
N THR A 435 -27.71 9.99 2.81
CA THR A 435 -26.74 10.48 3.79
C THR A 435 -27.45 11.27 4.88
N ARG A 436 -27.06 11.02 6.15
CA ARG A 436 -27.58 11.59 7.40
C ARG A 436 -27.46 13.10 7.46
N SER A 437 -28.41 13.76 8.12
CA SER A 437 -28.42 15.23 8.45
C SER A 437 -28.39 16.20 7.27
N VAL A 438 -28.37 15.71 6.03
CA VAL A 438 -28.18 16.46 4.78
C VAL A 438 -29.58 16.65 4.22
N GLU A 439 -29.93 17.92 3.98
CA GLU A 439 -31.18 18.42 3.41
C GLU A 439 -30.83 19.40 2.27
N SER A 440 -30.97 18.91 1.04
CA SER A 440 -30.60 19.58 -0.20
C SER A 440 -31.53 20.72 -0.67
N VAL A 441 -30.94 21.73 -1.36
CA VAL A 441 -31.60 22.89 -1.99
C VAL A 441 -31.00 23.06 -3.38
N TYR A 442 -31.85 23.19 -4.41
CA TYR A 442 -31.39 23.32 -5.79
C TYR A 442 -31.28 24.76 -6.27
N TYR A 443 -30.15 25.08 -6.93
CA TYR A 443 -29.87 26.37 -7.53
C TYR A 443 -29.79 26.19 -9.05
N ASP A 444 -30.84 26.64 -9.76
CA ASP A 444 -30.92 26.55 -11.22
C ASP A 444 -30.01 27.60 -11.85
N VAL A 445 -28.82 27.15 -12.28
CA VAL A 445 -27.78 27.99 -12.89
C VAL A 445 -28.30 28.73 -14.14
N ASP A 446 -29.04 28.02 -15.01
CA ASP A 446 -29.63 28.57 -16.25
C ASP A 446 -30.76 29.56 -16.01
N ALA A 447 -31.45 29.46 -14.86
CA ALA A 447 -32.59 30.32 -14.51
C ALA A 447 -32.26 31.49 -13.54
N HIS A 448 -31.01 31.57 -13.03
CA HIS A 448 -30.66 32.64 -12.08
C HIS A 448 -29.33 33.34 -12.35
N GLY A 449 -28.30 32.57 -12.68
CA GLY A 449 -26.98 33.13 -12.97
C GLY A 449 -25.84 32.18 -12.70
N GLU A 450 -24.64 32.54 -13.19
CA GLU A 450 -23.39 31.79 -13.06
C GLU A 450 -22.93 31.63 -11.59
N ASP A 451 -23.15 32.70 -10.78
CA ASP A 451 -22.79 32.84 -9.37
C ASP A 451 -21.38 32.31 -9.05
N ASN A 452 -20.37 32.79 -9.83
CA ASN A 452 -18.95 32.45 -9.65
C ASN A 452 -18.48 32.87 -8.27
N ASP A 453 -18.97 34.03 -7.79
CA ASP A 453 -18.76 34.51 -6.43
C ASP A 453 -19.90 33.97 -5.55
N ARG A 454 -19.55 33.02 -4.69
CA ARG A 454 -20.57 32.36 -3.84
C ARG A 454 -21.37 33.36 -3.02
N GLU A 455 -22.64 33.55 -3.35
CA GLU A 455 -23.48 34.55 -2.63
C GLU A 455 -24.97 34.34 -2.87
N LYS A 456 -25.31 33.81 -4.04
CA LYS A 456 -26.73 33.52 -4.37
C LYS A 456 -27.05 32.16 -3.75
N ARG A 457 -26.17 31.20 -3.98
CA ARG A 457 -26.34 29.86 -3.41
C ARG A 457 -26.31 29.97 -1.87
N VAL A 458 -25.39 30.81 -1.34
CA VAL A 458 -25.21 31.05 0.09
C VAL A 458 -26.48 31.69 0.71
N GLN A 459 -27.09 32.68 0.00
CA GLN A 459 -28.29 33.38 0.44
C GLN A 459 -29.51 32.51 0.31
N LEU A 460 -29.47 31.57 -0.65
CA LEU A 460 -30.54 30.60 -0.93
C LEU A 460 -30.66 29.62 0.23
N GLY A 461 -29.50 29.11 0.69
CA GLY A 461 -29.38 28.16 1.78
C GLY A 461 -29.82 28.68 3.13
N VAL A 462 -29.33 29.89 3.51
CA VAL A 462 -29.67 30.54 4.79
C VAL A 462 -31.19 30.80 4.86
N ASP A 463 -31.81 31.14 3.71
CA ASP A 463 -33.24 31.39 3.55
C ASP A 463 -34.03 30.10 3.79
N TRP A 464 -33.56 28.97 3.21
CA TRP A 464 -34.18 27.64 3.33
C TRP A 464 -34.18 27.15 4.79
N ALA A 465 -33.03 27.33 5.50
CA ALA A 465 -32.84 26.93 6.89
C ALA A 465 -33.75 27.74 7.81
N LYS A 466 -33.98 29.03 7.46
CA LYS A 466 -34.85 29.95 8.19
C LYS A 466 -36.30 29.49 8.07
N THR A 467 -36.78 29.24 6.80
CA THR A 467 -38.13 28.79 6.47
C THR A 467 -38.45 27.43 7.10
N LYS A 468 -37.51 26.46 7.03
CA LYS A 468 -37.69 25.13 7.61
C LYS A 468 -37.72 25.16 9.15
N GLY A 469 -37.39 26.32 9.73
CA GLY A 469 -37.44 26.59 11.16
C GLY A 469 -36.25 26.24 12.02
N TYR A 470 -35.09 25.92 11.41
CA TYR A 470 -33.91 25.56 12.19
C TYR A 470 -33.16 26.77 12.71
N VAL A 471 -32.98 27.78 11.84
CA VAL A 471 -32.29 28.99 12.21
C VAL A 471 -33.26 30.19 12.30
N SER A 472 -33.15 30.95 13.39
CA SER A 472 -33.92 32.16 13.65
C SER A 472 -32.94 33.33 13.55
N ALA A 473 -33.41 34.59 13.58
CA ALA A 473 -32.54 35.76 13.46
C ALA A 473 -31.52 35.83 14.62
N GLY A 474 -30.26 36.07 14.27
CA GLY A 474 -29.17 36.19 15.24
C GLY A 474 -28.40 34.91 15.50
N ASP A 475 -28.93 33.76 15.01
CA ASP A 475 -28.30 32.45 15.13
C ASP A 475 -27.02 32.40 14.29
N VAL A 476 -26.04 31.59 14.73
CA VAL A 476 -24.76 31.41 14.06
C VAL A 476 -24.78 30.14 13.17
N MET A 477 -24.26 30.27 11.93
CA MET A 477 -24.18 29.20 10.93
C MET A 477 -22.76 29.03 10.42
N VAL A 478 -22.35 27.76 10.19
CA VAL A 478 -21.04 27.43 9.64
C VAL A 478 -21.28 27.30 8.14
N ILE A 479 -20.48 27.99 7.32
CA ILE A 479 -20.61 27.98 5.86
C ILE A 479 -19.34 27.43 5.20
N VAL A 480 -19.50 26.36 4.40
CA VAL A 480 -18.39 25.68 3.74
C VAL A 480 -18.52 25.75 2.20
N HIS A 481 -17.46 26.29 1.56
CA HIS A 481 -17.28 26.40 0.11
C HIS A 481 -15.81 26.63 -0.22
N ALA A 482 -15.50 27.01 -1.46
CA ALA A 482 -14.14 27.28 -1.87
C ALA A 482 -13.88 28.80 -1.96
N ASP A 483 -12.61 29.19 -1.86
CA ASP A 483 -12.12 30.56 -1.96
C ASP A 483 -12.22 30.95 -3.44
N HIS A 484 -12.46 32.23 -3.74
CA HIS A 484 -12.58 32.73 -5.12
C HIS A 484 -11.39 32.30 -6.02
N SER A 485 -10.24 31.92 -5.41
CA SER A 485 -9.05 31.43 -6.09
C SER A 485 -8.96 30.00 -6.67
N VAL A 486 -9.16 28.94 -5.85
CA VAL A 486 -9.05 27.55 -6.32
C VAL A 486 -10.36 26.91 -5.85
N LYS A 487 -11.17 26.48 -6.84
CA LYS A 487 -12.45 25.80 -6.70
C LYS A 487 -12.30 24.33 -7.14
N GLY A 488 -13.36 23.53 -6.94
CA GLY A 488 -13.38 22.10 -7.24
C GLY A 488 -13.33 21.20 -6.03
N TYR A 489 -12.94 21.79 -4.87
CA TYR A 489 -12.83 21.21 -3.52
C TYR A 489 -12.96 22.35 -2.50
N PRO A 490 -13.64 22.18 -1.34
CA PRO A 490 -13.76 23.31 -0.40
C PRO A 490 -12.48 23.55 0.42
N ASN A 491 -12.19 24.80 0.73
CA ASN A 491 -11.02 25.22 1.53
C ASN A 491 -11.54 26.29 2.51
N GLN A 492 -12.64 26.95 2.13
CA GLN A 492 -13.32 27.99 2.89
C GLN A 492 -14.30 27.52 3.96
N THR A 493 -14.20 28.10 5.16
CA THR A 493 -15.07 27.89 6.32
C THR A 493 -15.30 29.24 6.99
N ARG A 494 -16.57 29.62 7.21
CA ARG A 494 -16.87 30.90 7.86
C ARG A 494 -18.08 30.83 8.77
N LEU A 495 -17.98 31.50 9.92
CA LEU A 495 -19.04 31.52 10.93
C LEU A 495 -19.81 32.82 10.79
N VAL A 496 -21.10 32.77 10.38
CA VAL A 496 -21.90 33.99 10.18
C VAL A 496 -23.21 34.00 10.97
N ARG A 497 -23.66 35.19 11.39
CA ARG A 497 -24.95 35.36 12.08
C ARG A 497 -26.03 35.67 11.03
N VAL A 498 -27.09 34.84 10.99
CA VAL A 498 -28.19 34.90 10.02
C VAL A 498 -28.94 36.26 10.00
N ARG A 499 -29.56 36.68 11.15
CA ARG A 499 -30.33 37.92 11.30
C ARG A 499 -31.60 37.97 10.42
N SER B 2 28.14 -17.63 -10.59
CA SER B 2 29.17 -16.93 -9.82
C SER B 2 29.95 -15.98 -10.73
N GLN B 3 30.17 -14.74 -10.26
CA GLN B 3 30.93 -13.75 -11.04
C GLN B 3 32.38 -14.18 -11.17
N LEU B 4 32.95 -14.75 -10.09
CA LEU B 4 34.32 -15.25 -10.06
C LEU B 4 34.48 -16.38 -11.06
N GLN B 5 33.53 -17.35 -11.08
CA GLN B 5 33.52 -18.49 -12.00
C GLN B 5 33.31 -18.04 -13.45
N HIS B 6 32.52 -16.96 -13.66
CA HIS B 6 32.25 -16.41 -14.98
C HIS B 6 33.52 -15.80 -15.53
N ASN B 7 34.18 -14.94 -14.72
CA ASN B 7 35.41 -14.24 -15.05
C ASN B 7 36.54 -15.19 -15.43
N ILE B 8 36.80 -16.23 -14.60
CA ILE B 8 37.84 -17.22 -14.88
C ILE B 8 37.46 -18.00 -16.15
N GLY B 9 38.16 -17.74 -17.23
CA GLY B 9 37.82 -18.35 -18.50
C GLY B 9 36.85 -17.49 -19.29
N LEU B 10 37.24 -16.21 -19.49
CA LEU B 10 36.57 -15.21 -20.28
C LEU B 10 37.57 -14.96 -21.41
N SER B 11 37.17 -15.21 -22.68
CA SER B 11 38.09 -15.14 -23.83
C SER B 11 38.26 -13.75 -24.42
N ILE B 12 39.50 -13.30 -24.43
CA ILE B 12 39.94 -12.04 -25.02
C ILE B 12 40.08 -12.24 -26.55
N PHE B 13 40.06 -13.52 -27.01
CA PHE B 13 40.20 -13.89 -28.41
C PHE B 13 38.88 -14.32 -29.10
N GLU B 14 37.79 -14.49 -28.33
CA GLU B 14 36.48 -14.89 -28.89
C GLU B 14 35.79 -13.72 -29.65
N PRO B 15 34.94 -14.00 -30.67
CA PRO B 15 34.27 -12.90 -31.38
C PRO B 15 33.14 -12.27 -30.58
N VAL B 16 33.02 -10.95 -30.68
CA VAL B 16 32.01 -10.12 -30.03
C VAL B 16 30.61 -10.34 -30.66
N ALA B 17 29.56 -9.80 -30.03
CA ALA B 17 28.18 -9.93 -30.50
C ALA B 17 27.96 -9.16 -31.80
N LYS B 18 27.05 -9.68 -32.67
CA LYS B 18 26.71 -9.11 -33.98
C LYS B 18 26.01 -7.75 -33.84
N HIS B 19 24.97 -7.69 -32.98
CA HIS B 19 24.18 -6.50 -32.68
C HIS B 19 24.76 -5.75 -31.48
N ARG B 20 24.41 -4.47 -31.34
CA ARG B 20 24.80 -3.65 -30.20
C ARG B 20 23.50 -3.35 -29.44
N ALA B 21 23.47 -3.77 -28.17
CA ALA B 21 22.31 -3.64 -27.30
C ALA B 21 22.23 -2.29 -26.63
N ASN B 22 23.36 -1.79 -26.07
CA ASN B 22 23.39 -0.50 -25.39
C ASN B 22 23.27 0.69 -26.39
N ARG B 23 22.78 1.85 -25.91
CA ARG B 23 22.54 3.03 -26.73
C ARG B 23 23.41 4.19 -26.31
N ILE B 24 23.78 5.07 -27.26
CA ILE B 24 24.64 6.21 -26.93
C ILE B 24 23.97 7.57 -27.27
N ILE B 25 24.01 8.49 -26.29
CA ILE B 25 23.45 9.84 -26.36
C ILE B 25 24.62 10.79 -26.60
N CYS B 26 24.42 11.81 -27.46
CA CYS B 26 25.48 12.77 -27.78
C CYS B 26 25.01 14.18 -27.59
N THR B 27 25.83 15.01 -26.93
CA THR B 27 25.52 16.43 -26.73
C THR B 27 25.99 17.19 -27.96
N ILE B 28 25.06 17.87 -28.63
CA ILE B 28 25.35 18.64 -29.83
C ILE B 28 25.91 20.00 -29.44
N GLY B 29 27.04 20.36 -30.03
CA GLY B 29 27.70 21.62 -29.78
C GLY B 29 28.31 22.22 -31.03
N PRO B 30 29.29 23.15 -30.89
CA PRO B 30 29.91 23.76 -32.09
C PRO B 30 30.59 22.73 -33.01
N SER B 31 31.32 21.77 -32.41
CA SER B 31 32.02 20.69 -33.11
C SER B 31 31.09 19.75 -33.88
N THR B 32 29.80 19.62 -33.43
CA THR B 32 28.83 18.69 -34.03
C THR B 32 27.47 19.29 -34.46
N GLN B 33 27.34 20.61 -34.68
CA GLN B 33 26.05 21.17 -35.11
C GLN B 33 25.75 20.98 -36.61
N SER B 34 26.81 20.89 -37.43
CA SER B 34 26.73 20.71 -38.89
C SER B 34 25.95 19.45 -39.29
N VAL B 35 25.16 19.53 -40.38
CA VAL B 35 24.39 18.39 -40.92
C VAL B 35 25.34 17.24 -41.33
N GLU B 36 26.59 17.58 -41.73
CA GLU B 36 27.64 16.64 -42.11
C GLU B 36 28.27 16.02 -40.85
N ALA B 37 28.42 16.83 -39.77
CA ALA B 37 28.98 16.41 -38.48
C ALA B 37 28.02 15.50 -37.76
N LEU B 38 26.70 15.76 -37.91
CA LEU B 38 25.61 14.98 -37.34
C LEU B 38 25.46 13.67 -38.07
N LYS B 39 25.54 13.68 -39.42
CA LYS B 39 25.49 12.48 -40.25
C LYS B 39 26.70 11.59 -39.92
N GLY B 40 27.74 12.22 -39.37
CA GLY B 40 28.96 11.56 -38.91
C GLY B 40 28.76 10.89 -37.57
N LEU B 41 28.06 11.56 -36.62
CA LEU B 41 27.76 11.02 -35.28
C LEU B 41 26.80 9.83 -35.39
N MET B 42 25.75 9.98 -36.22
CA MET B 42 24.72 8.97 -36.49
C MET B 42 25.30 7.73 -37.12
N LYS B 43 26.27 7.92 -38.03
CA LYS B 43 26.98 6.83 -38.71
C LYS B 43 27.91 6.11 -37.72
N SER B 44 28.46 6.84 -36.73
CA SER B 44 29.38 6.31 -35.70
C SER B 44 28.68 5.56 -34.57
N GLY B 45 27.45 5.95 -34.23
CA GLY B 45 26.70 5.32 -33.17
C GLY B 45 25.58 6.09 -32.50
N MET B 46 25.48 7.42 -32.74
CA MET B 46 24.45 8.28 -32.11
C MET B 46 23.01 7.79 -32.32
N SER B 47 22.30 7.54 -31.20
CA SER B 47 20.90 7.10 -31.19
C SER B 47 19.99 8.25 -30.72
N VAL B 48 20.48 9.14 -29.84
CA VAL B 48 19.71 10.26 -29.32
C VAL B 48 20.55 11.55 -29.24
N ALA B 49 20.05 12.62 -29.90
CA ALA B 49 20.66 13.95 -29.97
C ALA B 49 20.27 14.79 -28.73
N ARG B 50 21.25 15.21 -27.92
CA ARG B 50 21.01 16.01 -26.72
C ARG B 50 21.34 17.49 -26.93
N MET B 51 20.43 18.40 -26.50
CA MET B 51 20.59 19.84 -26.58
C MET B 51 20.65 20.38 -25.16
N ASN B 52 21.80 20.97 -24.76
CA ASN B 52 21.94 21.54 -23.43
C ASN B 52 21.44 22.98 -23.45
N PHE B 53 20.26 23.21 -22.85
CA PHE B 53 19.59 24.51 -22.79
C PHE B 53 20.13 25.42 -21.69
N SER B 54 21.23 25.01 -21.00
CA SER B 54 21.90 25.82 -19.98
C SER B 54 22.54 27.04 -20.67
N HIS B 55 22.82 26.90 -21.98
CA HIS B 55 23.32 27.94 -22.88
C HIS B 55 22.60 27.82 -24.23
N GLY B 56 22.82 28.78 -25.12
CA GLY B 56 22.24 28.80 -26.44
C GLY B 56 20.86 29.40 -26.53
N SER B 57 20.64 30.21 -27.58
CA SER B 57 19.36 30.85 -27.87
C SER B 57 18.54 29.90 -28.74
N TYR B 58 17.22 30.13 -28.78
CA TYR B 58 16.23 29.35 -29.52
C TYR B 58 16.36 29.08 -31.02
N GLU B 59 17.25 29.87 -31.66
CA GLU B 59 17.57 29.77 -33.11
C GLU B 59 18.69 28.75 -33.28
N TYR B 60 19.63 28.70 -32.34
CA TYR B 60 20.73 27.70 -32.45
C TYR B 60 20.03 26.35 -32.44
N HIS B 61 19.23 26.15 -31.40
CA HIS B 61 18.47 24.91 -31.17
C HIS B 61 17.45 24.69 -32.29
N GLN B 62 16.69 25.73 -32.68
CA GLN B 62 15.72 25.50 -33.76
C GLN B 62 16.42 24.95 -35.00
N THR B 63 17.73 25.24 -35.11
CA THR B 63 18.64 24.80 -36.16
C THR B 63 19.34 23.46 -35.77
N THR B 64 19.50 23.17 -34.45
CA THR B 64 20.05 21.88 -33.96
C THR B 64 18.98 20.82 -34.28
N ILE B 65 17.69 21.20 -34.11
CA ILE B 65 16.50 20.40 -34.37
C ILE B 65 16.39 20.10 -35.87
N ASN B 66 16.49 21.14 -36.72
CA ASN B 66 16.39 20.99 -38.17
C ASN B 66 17.54 20.20 -38.79
N ASN B 67 18.78 20.41 -38.30
CA ASN B 67 19.99 19.73 -38.76
C ASN B 67 20.02 18.23 -38.41
N VAL B 68 19.55 17.84 -37.19
CA VAL B 68 19.48 16.44 -36.78
C VAL B 68 18.43 15.71 -37.62
N ARG B 69 17.27 16.37 -37.86
CA ARG B 69 16.15 15.86 -38.65
C ARG B 69 16.53 15.69 -40.11
N ALA B 70 17.41 16.58 -40.64
CA ALA B 70 17.90 16.54 -42.01
C ALA B 70 18.86 15.39 -42.20
N ALA B 71 19.84 15.24 -41.29
CA ALA B 71 20.85 14.16 -41.32
C ALA B 71 20.19 12.80 -41.10
N ALA B 72 19.17 12.75 -40.21
CA ALA B 72 18.42 11.51 -39.92
C ALA B 72 17.67 11.05 -41.16
N ALA B 73 16.95 11.98 -41.84
CA ALA B 73 16.19 11.71 -43.06
C ALA B 73 17.10 11.34 -44.23
N GLU B 74 18.31 11.92 -44.28
CA GLU B 74 19.33 11.67 -45.31
C GLU B 74 19.83 10.22 -45.17
N LEU B 75 20.07 9.76 -43.93
CA LEU B 75 20.56 8.41 -43.62
C LEU B 75 19.44 7.38 -43.42
N GLY B 76 18.18 7.86 -43.42
CA GLY B 76 16.97 7.06 -43.24
C GLY B 76 16.88 6.41 -41.87
N LEU B 77 17.23 7.16 -40.80
CA LEU B 77 17.23 6.67 -39.42
C LEU B 77 16.35 7.52 -38.50
N HIS B 78 15.95 6.96 -37.34
CA HIS B 78 15.15 7.67 -36.33
C HIS B 78 16.04 7.97 -35.14
N ILE B 79 16.31 9.27 -34.93
CA ILE B 79 17.13 9.75 -33.82
C ILE B 79 16.26 10.59 -32.90
N GLY B 80 16.33 10.31 -31.60
CA GLY B 80 15.54 11.04 -30.62
C GLY B 80 16.12 12.40 -30.34
N ILE B 81 15.25 13.42 -30.17
CA ILE B 81 15.68 14.79 -29.84
C ILE B 81 15.45 14.99 -28.35
N ALA B 82 16.53 15.31 -27.63
CA ALA B 82 16.51 15.53 -26.20
C ALA B 82 16.65 17.00 -25.85
N LEU B 83 15.97 17.42 -24.78
CA LEU B 83 15.89 18.78 -24.25
C LEU B 83 16.42 18.78 -22.82
N ASP B 84 17.74 19.01 -22.66
CA ASP B 84 18.30 19.07 -21.32
C ASP B 84 18.07 20.48 -20.81
N THR B 85 17.07 20.65 -19.94
CA THR B 85 16.66 21.95 -19.37
C THR B 85 17.78 22.61 -18.56
N LYS B 86 17.82 23.97 -18.52
CA LYS B 86 18.81 24.73 -17.75
C LYS B 86 18.63 24.44 -16.25
N GLY B 87 17.37 24.31 -15.84
CA GLY B 87 16.97 23.99 -14.49
C GLY B 87 17.16 25.11 -13.47
N PRO B 88 16.53 25.00 -12.28
CA PRO B 88 16.72 26.03 -11.26
C PRO B 88 18.19 26.18 -10.84
N GLU B 89 18.75 27.38 -11.06
CA GLU B 89 20.14 27.71 -10.79
C GLU B 89 20.31 28.71 -9.64
N ILE B 90 21.31 28.47 -8.77
CA ILE B 90 21.66 29.38 -7.68
C ILE B 90 23.01 29.98 -8.07
N ARG B 91 23.01 31.24 -8.56
CA ARG B 91 24.20 31.97 -9.02
C ARG B 91 24.60 33.12 -8.09
N THR B 92 25.89 33.53 -8.12
CA THR B 92 26.48 34.58 -7.28
C THR B 92 26.44 35.97 -7.95
N GLU B 99 36.08 40.85 -10.66
CA GLU B 99 36.41 39.58 -9.99
C GLU B 99 37.13 39.78 -8.65
N ALA B 100 37.01 38.76 -7.76
CA ALA B 100 37.61 38.75 -6.43
C ALA B 100 38.19 37.37 -6.10
N THR B 101 39.38 37.36 -5.48
CA THR B 101 40.12 36.15 -5.11
C THR B 101 40.00 35.85 -3.60
N TYR B 102 40.06 34.55 -3.23
CA TYR B 102 39.92 34.06 -1.86
C TYR B 102 41.08 33.15 -1.44
N ALA B 103 41.50 33.26 -0.17
CA ALA B 103 42.60 32.50 0.42
C ALA B 103 42.18 31.69 1.67
N PRO B 104 42.73 30.46 1.87
CA PRO B 104 42.34 29.68 3.06
C PRO B 104 42.65 30.33 4.43
N GLY B 105 41.59 30.78 5.09
CA GLY B 105 41.65 31.44 6.39
C GLY B 105 40.77 32.67 6.51
N ASP B 106 40.54 33.37 5.36
CA ASP B 106 39.75 34.61 5.24
C ASP B 106 38.29 34.48 5.72
N THR B 107 37.70 35.61 6.16
CA THR B 107 36.32 35.67 6.61
C THR B 107 35.46 36.40 5.57
N VAL B 108 34.75 35.62 4.74
CA VAL B 108 33.89 36.12 3.66
C VAL B 108 32.44 36.28 4.07
N LEU B 109 31.70 37.17 3.38
CA LEU B 109 30.28 37.44 3.67
C LEU B 109 29.40 37.15 2.44
N VAL B 110 28.42 36.24 2.61
CA VAL B 110 27.47 35.88 1.57
C VAL B 110 26.13 36.53 1.93
N THR B 111 25.73 37.58 1.19
CA THR B 111 24.51 38.33 1.47
C THR B 111 23.39 38.10 0.47
N THR B 112 22.14 38.06 0.97
CA THR B 112 20.92 37.89 0.17
C THR B 112 20.24 39.26 -0.10
N ASP B 113 20.80 40.35 0.49
CA ASP B 113 20.31 41.72 0.32
C ASP B 113 20.88 42.27 -1.00
N PRO B 114 20.03 42.59 -2.02
CA PRO B 114 20.58 43.07 -3.30
C PRO B 114 21.21 44.46 -3.24
N ASP B 128 21.70 34.30 -5.22
CA ASP B 128 20.37 34.17 -5.83
C ASP B 128 19.29 33.65 -4.86
N TYR B 129 19.63 32.61 -4.06
CA TYR B 129 18.71 31.97 -3.09
C TYR B 129 18.40 32.89 -1.90
N PRO B 130 17.12 33.27 -1.68
CA PRO B 130 16.80 34.17 -0.55
C PRO B 130 16.85 33.47 0.81
N GLN B 131 16.35 32.22 0.88
CA GLN B 131 16.31 31.40 2.08
C GLN B 131 17.69 30.83 2.45
N LEU B 132 18.76 31.27 1.75
CA LEU B 132 20.15 30.83 1.95
C LEU B 132 20.66 30.97 3.40
N PRO B 133 20.54 32.13 4.12
CA PRO B 133 21.08 32.16 5.49
C PRO B 133 20.30 31.32 6.51
N ASN B 134 18.97 31.13 6.24
CA ASN B 134 18.03 30.38 7.06
C ASN B 134 18.23 28.87 6.90
N VAL B 135 18.28 28.36 5.65
CA VAL B 135 18.45 26.94 5.32
C VAL B 135 19.85 26.44 5.66
N VAL B 136 20.89 27.21 5.28
CA VAL B 136 22.29 26.86 5.55
C VAL B 136 22.65 27.25 6.98
N ARG B 137 22.92 26.21 7.80
CA ARG B 137 23.27 26.31 9.22
C ARG B 137 24.80 26.18 9.43
N PRO B 138 25.39 26.84 10.47
CA PRO B 138 26.85 26.75 10.69
C PRO B 138 27.43 25.33 10.83
N GLY B 139 28.67 25.16 10.37
CA GLY B 139 29.39 23.89 10.43
C GLY B 139 29.56 23.16 9.11
N GLY B 140 28.60 23.38 8.20
CA GLY B 140 28.58 22.76 6.88
C GLY B 140 29.03 23.70 5.79
N LEU B 141 29.86 23.18 4.87
CA LEU B 141 30.41 23.94 3.74
C LEU B 141 29.38 24.28 2.66
N ILE B 142 29.72 25.28 1.82
CA ILE B 142 28.99 25.82 0.66
C ILE B 142 29.99 25.71 -0.52
N TYR B 143 29.53 25.23 -1.69
CA TYR B 143 30.42 25.06 -2.84
C TYR B 143 30.18 26.08 -3.93
N VAL B 144 31.23 26.83 -4.32
CA VAL B 144 31.07 27.82 -5.39
C VAL B 144 31.99 27.45 -6.58
N ASP B 145 31.46 27.69 -7.79
CA ASP B 145 32.08 27.42 -9.09
C ASP B 145 32.41 25.93 -9.26
N ASP B 146 31.35 25.09 -9.35
CA ASP B 146 31.41 23.63 -9.49
C ASP B 146 32.24 22.95 -8.38
N GLY B 147 32.03 23.40 -7.14
CA GLY B 147 32.71 22.87 -5.96
C GLY B 147 34.18 23.20 -5.80
N VAL B 148 34.76 23.98 -6.76
CA VAL B 148 36.17 24.39 -6.77
C VAL B 148 36.55 25.14 -5.49
N LEU B 149 35.67 26.06 -5.02
CA LEU B 149 35.90 26.84 -3.81
C LEU B 149 34.97 26.39 -2.68
N THR B 150 35.59 25.88 -1.62
CA THR B 150 34.90 25.37 -0.44
C THR B 150 34.92 26.48 0.62
N LEU B 151 33.75 26.79 1.21
CA LEU B 151 33.66 27.82 2.24
C LEU B 151 32.73 27.33 3.34
N ARG B 152 33.30 26.95 4.50
CA ARG B 152 32.56 26.44 5.66
C ARG B 152 31.91 27.60 6.47
N VAL B 153 30.58 27.56 6.63
CA VAL B 153 29.80 28.57 7.36
C VAL B 153 30.24 28.65 8.83
N LEU B 154 30.24 29.88 9.41
CA LEU B 154 30.67 30.14 10.78
C LEU B 154 29.53 30.64 11.67
N SER B 155 28.88 31.75 11.26
CA SER B 155 27.78 32.39 11.98
C SER B 155 26.91 33.26 11.06
N LYS B 156 25.66 33.51 11.45
CA LYS B 156 24.75 34.37 10.69
C LYS B 156 24.96 35.81 11.18
N GLU B 157 25.55 36.66 10.30
CA GLU B 157 25.83 38.06 10.61
C GLU B 157 24.53 38.87 10.65
N ASP B 158 23.84 38.95 9.50
CA ASP B 158 22.55 39.64 9.37
C ASP B 158 21.46 38.60 9.04
N ASP B 159 20.22 39.05 8.82
CA ASP B 159 19.10 38.19 8.43
C ASP B 159 19.22 37.86 6.93
N CYS B 160 20.22 38.47 6.25
CA CYS B 160 20.53 38.31 4.83
C CYS B 160 21.96 37.82 4.62
N THR B 161 22.89 38.16 5.53
CA THR B 161 24.31 37.80 5.44
C THR B 161 24.72 36.58 6.28
N LEU B 162 25.85 35.95 5.89
CA LEU B 162 26.43 34.77 6.54
C LEU B 162 27.97 34.82 6.52
N LYS B 163 28.59 34.77 7.72
CA LYS B 163 30.05 34.79 7.93
C LYS B 163 30.62 33.41 7.62
N CYS B 164 31.63 33.36 6.71
CA CYS B 164 32.23 32.09 6.27
C CYS B 164 33.74 31.91 6.35
N HIS B 165 34.20 30.66 6.67
CA HIS B 165 35.62 30.25 6.61
C HIS B 165 36.15 29.53 5.38
N VAL B 166 37.31 29.96 4.85
CA VAL B 166 37.86 29.42 3.60
C VAL B 166 38.71 28.19 3.93
N ASN B 167 38.76 27.26 2.95
CA ASN B 167 39.52 26.00 2.94
C ASN B 167 40.26 25.84 1.59
N ASN B 168 39.76 26.54 0.54
CA ASN B 168 40.28 26.51 -0.84
C ASN B 168 40.66 27.89 -1.41
N HIS B 169 41.89 28.02 -1.94
CA HIS B 169 42.36 29.20 -2.65
C HIS B 169 41.82 29.15 -4.09
N HIS B 170 40.94 30.11 -4.45
CA HIS B 170 40.27 30.19 -5.76
C HIS B 170 39.82 31.64 -6.07
N ARG B 171 39.78 32.00 -7.37
CA ARG B 171 39.34 33.32 -7.83
C ARG B 171 37.96 33.21 -8.48
N LEU B 172 36.96 33.90 -7.89
CA LEU B 172 35.57 33.87 -8.35
C LEU B 172 35.23 34.98 -9.34
N THR B 173 34.51 34.62 -10.42
CA THR B 173 34.03 35.52 -11.47
C THR B 173 32.55 35.92 -11.25
N ASP B 174 32.02 36.77 -12.14
CA ASP B 174 30.63 37.23 -12.11
C ASP B 174 29.68 36.11 -12.58
N ARG B 175 28.53 35.96 -11.87
CA ARG B 175 27.47 34.97 -12.13
C ARG B 175 27.94 33.50 -12.01
N LYS B 176 28.87 33.21 -11.07
CA LYS B 176 29.34 31.84 -10.84
C LYS B 176 28.32 31.04 -10.03
N GLY B 177 28.19 29.75 -10.34
CA GLY B 177 27.25 28.85 -9.69
C GLY B 177 27.59 28.48 -8.26
N ILE B 178 26.56 28.25 -7.45
CA ILE B 178 26.70 27.87 -6.04
C ILE B 178 25.80 26.64 -5.71
N ASN B 179 26.41 25.61 -5.08
CA ASN B 179 25.80 24.32 -4.68
C ASN B 179 25.86 24.17 -3.15
N LEU B 180 24.76 23.70 -2.53
CA LEU B 180 24.69 23.51 -1.08
C LEU B 180 24.64 22.03 -0.67
N PRO B 181 25.76 21.43 -0.20
CA PRO B 181 25.73 20.01 0.20
C PRO B 181 24.94 19.73 1.48
N GLY B 182 24.22 18.61 1.47
CA GLY B 182 23.41 18.10 2.58
C GLY B 182 22.25 18.98 3.01
N CYS B 183 21.57 19.61 2.05
CA CYS B 183 20.44 20.50 2.34
C CYS B 183 19.38 20.46 1.24
N GLU B 184 18.10 20.47 1.67
CA GLU B 184 16.96 20.44 0.78
C GLU B 184 16.64 21.86 0.26
N VAL B 185 16.94 22.10 -1.02
CA VAL B 185 16.71 23.38 -1.70
C VAL B 185 15.26 23.47 -2.22
N ASP B 186 14.54 24.52 -1.78
CA ASP B 186 13.14 24.76 -2.13
C ASP B 186 12.96 25.61 -3.40
N LEU B 187 13.78 25.33 -4.44
CA LEU B 187 13.73 26.02 -5.73
C LEU B 187 12.57 25.46 -6.56
N PRO B 188 12.07 26.18 -7.62
CA PRO B 188 10.96 25.61 -8.42
C PRO B 188 11.42 24.43 -9.24
N ALA B 189 10.48 23.56 -9.62
CA ALA B 189 10.78 22.39 -10.45
C ALA B 189 11.18 22.88 -11.83
N VAL B 190 10.41 23.83 -12.37
CA VAL B 190 10.61 24.43 -13.68
C VAL B 190 10.68 25.96 -13.56
N SER B 191 11.83 26.54 -13.93
CA SER B 191 12.07 27.99 -13.89
C SER B 191 11.29 28.71 -14.99
N GLU B 192 11.30 30.07 -15.00
CA GLU B 192 10.60 30.88 -16.00
C GLU B 192 11.12 30.61 -17.43
N LYS B 193 12.46 30.46 -17.58
CA LYS B 193 13.12 30.13 -18.85
C LYS B 193 12.75 28.69 -19.24
N ASP B 194 12.85 27.75 -18.27
CA ASP B 194 12.53 26.33 -18.47
C ASP B 194 11.14 26.03 -19.02
N ARG B 195 10.13 26.82 -18.64
CA ARG B 195 8.75 26.70 -19.13
C ARG B 195 8.64 27.14 -20.61
N LYS B 196 9.35 28.24 -20.95
CA LYS B 196 9.42 28.83 -22.28
C LYS B 196 10.22 27.88 -23.19
N ASP B 197 11.28 27.25 -22.62
CA ASP B 197 12.16 26.27 -23.29
C ASP B 197 11.32 25.01 -23.65
N LEU B 198 10.57 24.49 -22.65
CA LEU B 198 9.68 23.33 -22.78
C LEU B 198 8.57 23.61 -23.79
N GLN B 199 8.04 24.85 -23.83
CA GLN B 199 7.01 25.29 -24.77
C GLN B 199 7.55 25.20 -26.21
N PHE B 200 8.81 25.68 -26.43
CA PHE B 200 9.52 25.65 -27.71
C PHE B 200 9.80 24.21 -28.13
N GLY B 201 10.23 23.37 -27.18
CA GLY B 201 10.51 21.97 -27.41
C GLY B 201 9.28 21.17 -27.79
N VAL B 202 8.16 21.38 -27.05
CA VAL B 202 6.87 20.72 -27.28
C VAL B 202 6.31 21.10 -28.66
N GLU B 203 6.39 22.40 -29.02
CA GLU B 203 5.92 22.91 -30.31
C GLU B 203 6.80 22.42 -31.47
N GLN B 204 8.13 22.33 -31.25
CA GLN B 204 9.09 21.87 -32.26
C GLN B 204 9.15 20.33 -32.42
N GLY B 205 8.52 19.59 -31.49
CA GLY B 205 8.43 18.14 -31.54
C GLY B 205 9.56 17.35 -30.91
N VAL B 206 10.07 17.79 -29.73
CA VAL B 206 11.12 17.03 -29.05
C VAL B 206 10.51 15.73 -28.51
N ASP B 207 11.23 14.62 -28.69
CA ASP B 207 10.74 13.31 -28.29
C ASP B 207 10.86 13.05 -26.79
N MET B 208 11.91 13.58 -26.13
CA MET B 208 12.16 13.41 -24.68
C MET B 208 12.82 14.59 -24.02
N ILE B 209 12.48 14.88 -22.77
CA ILE B 209 13.12 15.98 -22.08
C ILE B 209 13.91 15.42 -20.90
N PHE B 210 15.09 16.00 -20.66
CA PHE B 210 16.00 15.66 -19.57
C PHE B 210 15.82 16.74 -18.53
N ALA B 211 14.96 16.45 -17.53
CA ALA B 211 14.59 17.36 -16.46
C ALA B 211 15.71 17.56 -15.46
N SER B 212 16.39 18.72 -15.56
CA SER B 212 17.50 19.10 -14.70
C SER B 212 17.09 19.35 -13.27
N PHE B 213 17.91 18.79 -12.34
CA PHE B 213 17.81 18.94 -10.90
C PHE B 213 16.44 18.53 -10.34
N ILE B 214 16.16 17.22 -10.37
CA ILE B 214 14.93 16.65 -9.82
C ILE B 214 15.26 16.14 -8.41
N ARG B 215 14.47 16.60 -7.43
CA ARG B 215 14.64 16.29 -6.01
C ARG B 215 13.49 15.44 -5.45
N THR B 216 12.24 15.71 -5.89
CA THR B 216 11.05 14.98 -5.46
C THR B 216 10.22 14.51 -6.64
N ALA B 217 9.28 13.60 -6.37
CA ALA B 217 8.37 13.05 -7.39
C ALA B 217 7.36 14.11 -7.85
N ASP B 218 6.97 15.02 -6.92
CA ASP B 218 6.01 16.11 -7.18
C ASP B 218 6.59 17.05 -8.24
N GLN B 219 7.92 17.27 -8.19
CA GLN B 219 8.66 18.10 -9.14
C GLN B 219 8.49 17.54 -10.56
N VAL B 220 8.53 16.20 -10.70
CA VAL B 220 8.38 15.46 -11.95
C VAL B 220 6.99 15.73 -12.56
N ARG B 221 5.96 15.76 -11.71
CA ARG B 221 4.57 16.02 -12.09
C ARG B 221 4.39 17.45 -12.61
N GLU B 222 5.15 18.44 -12.05
CA GLU B 222 5.12 19.84 -12.47
C GLU B 222 5.67 19.98 -13.91
N VAL B 223 6.69 19.15 -14.24
CA VAL B 223 7.32 19.10 -15.57
C VAL B 223 6.31 18.51 -16.58
N ARG B 224 5.56 17.45 -16.15
CA ARG B 224 4.54 16.79 -16.97
C ARG B 224 3.37 17.73 -17.24
N ALA B 225 3.03 18.56 -16.23
CA ALA B 225 1.96 19.57 -16.30
C ALA B 225 2.39 20.65 -17.32
N ALA B 226 3.68 21.07 -17.25
CA ALA B 226 4.29 22.07 -18.12
C ALA B 226 4.29 21.72 -19.62
N LEU B 227 4.20 20.42 -19.98
CA LEU B 227 4.13 19.99 -21.40
C LEU B 227 2.66 20.03 -21.85
N GLY B 228 1.76 19.70 -20.92
CA GLY B 228 0.31 19.71 -21.12
C GLY B 228 -0.24 18.66 -22.05
N GLU B 229 -1.31 19.02 -22.78
CA GLU B 229 -2.00 18.13 -23.72
C GLU B 229 -1.22 17.97 -25.02
N LYS B 230 -0.44 18.99 -25.41
CA LYS B 230 0.38 18.96 -26.62
C LYS B 230 1.62 18.07 -26.42
N GLY B 231 2.10 17.99 -25.17
CA GLY B 231 3.23 17.17 -24.77
C GLY B 231 2.85 16.09 -23.79
N LYS B 232 1.74 15.38 -24.09
CA LYS B 232 1.20 14.29 -23.26
C LYS B 232 2.09 13.04 -23.38
N ASP B 233 2.46 12.70 -24.63
CA ASP B 233 3.24 11.53 -24.99
C ASP B 233 4.78 11.68 -24.88
N THR B 234 5.32 12.90 -24.62
CA THR B 234 6.77 13.10 -24.51
C THR B 234 7.32 12.53 -23.17
N LEU B 235 8.46 11.80 -23.24
CA LEU B 235 9.12 11.14 -22.10
C LEU B 235 9.82 12.15 -21.19
N ILE B 236 9.74 11.98 -19.85
CA ILE B 236 10.45 12.93 -18.99
C ILE B 236 11.46 12.18 -18.09
N ILE B 237 12.73 12.14 -18.56
CA ILE B 237 13.90 11.51 -17.94
C ILE B 237 14.44 12.47 -16.90
N SER B 238 14.26 12.12 -15.61
CA SER B 238 14.68 12.96 -14.51
C SER B 238 16.16 12.86 -14.26
N LYS B 239 16.85 14.00 -14.11
CA LYS B 239 18.28 14.04 -13.84
C LYS B 239 18.51 14.12 -12.34
N ILE B 240 19.15 13.10 -11.75
CA ILE B 240 19.48 13.04 -10.33
C ILE B 240 20.81 13.76 -10.15
N GLU B 241 20.82 14.86 -9.35
CA GLU B 241 21.98 15.73 -9.09
C GLU B 241 22.22 15.99 -7.59
N ASN B 242 21.22 15.79 -6.73
CA ASN B 242 21.31 16.05 -5.29
C ASN B 242 21.33 14.76 -4.48
N HIS B 243 21.57 14.86 -3.16
CA HIS B 243 21.52 13.74 -2.23
C HIS B 243 20.03 13.33 -2.04
N GLN B 244 19.10 14.30 -2.21
CA GLN B 244 17.65 14.10 -2.09
C GLN B 244 17.07 13.50 -3.36
N GLY B 245 17.76 13.71 -4.50
CA GLY B 245 17.41 13.10 -5.77
C GLY B 245 17.68 11.60 -5.69
N VAL B 246 18.68 11.23 -4.83
CA VAL B 246 19.12 9.88 -4.51
C VAL B 246 18.27 9.32 -3.37
N GLN B 247 17.87 10.17 -2.40
CA GLN B 247 17.04 9.76 -1.26
C GLN B 247 15.61 9.39 -1.67
N ASN B 248 15.03 10.16 -2.60
CA ASN B 248 13.67 9.97 -3.12
C ASN B 248 13.67 9.28 -4.50
N ILE B 249 14.73 8.50 -4.80
CA ILE B 249 14.91 7.81 -6.08
C ILE B 249 13.71 6.91 -6.40
N ASP B 250 13.18 6.16 -5.41
CA ASP B 250 12.03 5.27 -5.54
C ASP B 250 10.80 6.01 -6.11
N ALA B 251 10.45 7.15 -5.51
CA ALA B 251 9.33 8.00 -5.91
C ALA B 251 9.57 8.69 -7.26
N ILE B 252 10.82 9.15 -7.50
CA ILE B 252 11.22 9.82 -8.74
C ILE B 252 11.15 8.85 -9.91
N ILE B 253 11.45 7.55 -9.66
CA ILE B 253 11.37 6.49 -10.67
C ILE B 253 9.92 6.28 -11.09
N GLU B 254 8.99 6.09 -10.10
CA GLU B 254 7.56 5.88 -10.31
C GLU B 254 6.91 7.01 -11.15
N ALA B 255 7.29 8.27 -10.86
CA ALA B 255 6.79 9.47 -11.51
C ALA B 255 7.37 9.72 -12.91
N SER B 256 8.67 9.41 -13.12
CA SER B 256 9.37 9.63 -14.40
C SER B 256 9.22 8.49 -15.40
N ASP B 257 9.52 8.77 -16.68
CA ASP B 257 9.52 7.79 -17.77
C ASP B 257 10.88 7.07 -17.85
N GLY B 258 11.91 7.70 -17.26
CA GLY B 258 13.29 7.24 -17.20
C GLY B 258 14.13 8.09 -16.26
N ILE B 259 15.41 7.74 -16.06
CA ILE B 259 16.33 8.43 -15.14
C ILE B 259 17.71 8.62 -15.78
N MET B 260 18.41 9.69 -15.40
CA MET B 260 19.78 9.98 -15.79
C MET B 260 20.62 10.16 -14.54
N VAL B 261 21.73 9.43 -14.44
CA VAL B 261 22.67 9.55 -13.33
C VAL B 261 23.60 10.70 -13.76
N ALA B 262 23.17 11.95 -13.48
CA ALA B 262 23.93 13.17 -13.81
C ALA B 262 25.05 13.30 -12.78
N ARG B 263 26.16 12.56 -13.00
CA ARG B 263 27.33 12.51 -12.10
C ARG B 263 28.11 13.81 -12.06
N GLY B 264 27.88 14.70 -13.03
CA GLY B 264 28.51 16.02 -13.08
C GLY B 264 28.20 16.84 -11.83
N ASP B 265 26.93 17.26 -11.71
CA ASP B 265 26.41 18.04 -10.58
C ASP B 265 26.38 17.21 -9.26
N LEU B 266 26.27 15.87 -9.35
CA LEU B 266 26.25 14.92 -8.23
C LEU B 266 27.63 14.86 -7.55
N GLY B 267 28.70 14.80 -8.35
CA GLY B 267 30.09 14.71 -7.92
C GLY B 267 30.55 15.84 -7.03
N VAL B 268 30.02 17.07 -7.30
CA VAL B 268 30.32 18.27 -6.52
C VAL B 268 29.59 18.18 -5.14
N GLU B 269 28.23 17.99 -5.16
CA GLU B 269 27.35 17.92 -3.97
C GLU B 269 27.65 16.71 -3.07
N ILE B 270 27.62 15.49 -3.63
CA ILE B 270 27.92 14.28 -2.84
C ILE B 270 29.44 13.92 -2.95
N PRO B 271 30.08 13.31 -1.92
CA PRO B 271 31.50 12.95 -2.05
C PRO B 271 31.78 12.07 -3.27
N ALA B 272 32.90 12.32 -3.96
CA ALA B 272 33.35 11.63 -5.17
C ALA B 272 33.19 10.10 -5.13
N GLU B 273 33.65 9.45 -4.03
CA GLU B 273 33.61 7.99 -3.84
C GLU B 273 32.20 7.40 -3.75
N LYS B 274 31.22 8.21 -3.32
CA LYS B 274 29.84 7.78 -3.15
C LYS B 274 29.04 7.84 -4.45
N VAL B 275 29.61 8.46 -5.50
CA VAL B 275 28.92 8.58 -6.80
C VAL B 275 28.85 7.21 -7.50
N VAL B 276 29.74 6.26 -7.12
CA VAL B 276 29.77 4.89 -7.67
C VAL B 276 28.58 4.14 -7.07
N VAL B 277 28.42 4.23 -5.72
CA VAL B 277 27.34 3.60 -4.96
C VAL B 277 25.97 4.14 -5.43
N ALA B 278 25.87 5.45 -5.67
CA ALA B 278 24.65 6.08 -6.17
C ALA B 278 24.32 5.54 -7.57
N GLN B 279 25.32 5.40 -8.46
CA GLN B 279 25.20 4.91 -9.84
C GLN B 279 24.70 3.46 -9.90
N MET B 280 25.30 2.59 -9.08
CA MET B 280 24.94 1.17 -8.97
C MET B 280 23.51 1.00 -8.47
N CYS B 281 23.16 1.73 -7.40
CA CYS B 281 21.85 1.75 -6.76
C CYS B 281 20.79 2.24 -7.76
N ILE B 282 20.95 3.46 -8.31
CA ILE B 282 20.02 4.06 -9.28
C ILE B 282 19.81 3.18 -10.51
N ILE B 283 20.91 2.67 -11.11
CA ILE B 283 20.87 1.82 -12.30
C ILE B 283 20.10 0.52 -12.06
N SER B 284 20.37 -0.17 -10.94
CA SER B 284 19.70 -1.43 -10.61
C SER B 284 18.23 -1.26 -10.24
N LYS B 285 17.87 -0.16 -9.56
CA LYS B 285 16.48 0.17 -9.22
C LYS B 285 15.66 0.46 -10.49
N CYS B 286 16.27 1.11 -11.49
CA CYS B 286 15.63 1.43 -12.78
C CYS B 286 15.45 0.19 -13.64
N ASN B 287 16.23 -0.90 -13.35
CA ASN B 287 16.15 -2.17 -14.09
C ASN B 287 14.96 -2.95 -13.54
N VAL B 288 14.83 -3.04 -12.19
CA VAL B 288 13.73 -3.71 -11.48
C VAL B 288 12.41 -3.01 -11.88
N ALA B 289 12.45 -1.68 -12.03
CA ALA B 289 11.32 -0.84 -12.42
C ALA B 289 10.96 -0.98 -13.89
N GLY B 290 11.96 -1.26 -14.73
CA GLY B 290 11.78 -1.41 -16.16
C GLY B 290 11.68 -0.07 -16.86
N LYS B 291 12.52 0.90 -16.43
CA LYS B 291 12.60 2.25 -16.96
C LYS B 291 14.04 2.60 -17.39
N PRO B 292 14.24 3.30 -18.55
CA PRO B 292 15.60 3.59 -19.02
C PRO B 292 16.52 4.32 -18.06
N VAL B 293 17.83 3.95 -18.09
CA VAL B 293 18.87 4.55 -17.26
C VAL B 293 20.00 5.10 -18.12
N ILE B 294 20.38 6.38 -17.88
CA ILE B 294 21.47 7.06 -18.57
C ILE B 294 22.69 7.18 -17.65
N CYS B 295 23.90 7.17 -18.22
CA CYS B 295 25.17 7.47 -17.49
C CYS B 295 25.79 8.63 -18.27
N ALA B 296 26.37 9.67 -17.66
CA ALA B 296 26.71 10.79 -18.56
C ALA B 296 27.99 11.62 -18.33
N THR B 297 28.47 11.85 -17.11
CA THR B 297 29.61 12.81 -17.08
C THR B 297 31.01 12.17 -16.98
N GLN B 298 31.96 12.70 -17.79
CA GLN B 298 33.41 12.36 -17.86
C GLN B 298 33.67 10.90 -18.21
N MET B 299 32.85 10.28 -19.05
CA MET B 299 33.11 8.84 -19.31
C MET B 299 34.32 8.65 -20.23
N LEU B 300 34.41 9.45 -21.30
CA LEU B 300 35.55 9.40 -22.23
C LEU B 300 36.07 10.84 -22.39
N GLU B 301 36.29 11.52 -21.23
CA GLU B 301 36.69 12.91 -21.08
C GLU B 301 37.96 13.29 -21.85
N SER B 302 39.05 12.51 -21.67
CA SER B 302 40.34 12.75 -22.35
C SER B 302 40.23 12.89 -23.86
N MET B 303 39.27 12.19 -24.48
CA MET B 303 39.04 12.21 -25.94
C MET B 303 38.45 13.55 -26.50
N THR B 304 38.32 14.57 -25.63
CA THR B 304 37.87 15.91 -26.00
C THR B 304 39.09 16.57 -26.71
N THR B 305 40.31 16.21 -26.25
CA THR B 305 41.61 16.70 -26.75
C THR B 305 42.48 15.59 -27.36
N ASN B 306 42.49 14.40 -26.71
CA ASN B 306 43.27 13.22 -27.08
C ASN B 306 42.59 12.31 -28.12
N PRO B 307 43.35 11.59 -28.97
CA PRO B 307 42.71 10.71 -29.96
C PRO B 307 42.37 9.29 -29.44
N ARG B 308 42.78 9.00 -28.19
CA ARG B 308 42.60 7.73 -27.47
C ARG B 308 42.17 7.99 -26.03
N PRO B 309 41.27 7.17 -25.45
CA PRO B 309 40.87 7.38 -24.05
C PRO B 309 41.82 6.74 -23.05
N THR B 310 41.71 7.15 -21.77
CA THR B 310 42.53 6.63 -20.68
C THR B 310 42.06 5.23 -20.36
N ARG B 311 42.91 4.42 -19.67
CA ARG B 311 42.56 3.06 -19.25
C ARG B 311 41.30 3.09 -18.38
N ALA B 312 41.19 4.14 -17.52
CA ALA B 312 40.09 4.41 -16.61
C ALA B 312 38.77 4.67 -17.34
N GLU B 313 38.81 5.52 -18.38
CA GLU B 313 37.65 5.88 -19.20
C GLU B 313 37.05 4.69 -19.91
N VAL B 314 37.88 3.70 -20.33
CA VAL B 314 37.40 2.48 -20.99
C VAL B 314 36.65 1.59 -19.97
N THR B 315 37.21 1.39 -18.73
CA THR B 315 36.56 0.58 -17.68
C THR B 315 35.27 1.23 -17.17
N ASP B 316 35.21 2.56 -17.20
CA ASP B 316 34.04 3.32 -16.77
C ASP B 316 32.84 3.13 -17.72
N VAL B 317 33.06 3.11 -19.06
CA VAL B 317 31.93 2.91 -19.96
C VAL B 317 31.57 1.40 -20.01
N ALA B 318 32.56 0.51 -19.78
CA ALA B 318 32.32 -0.94 -19.74
C ALA B 318 31.48 -1.26 -18.51
N ASN B 319 31.88 -0.73 -17.33
CA ASN B 319 31.17 -0.99 -16.08
C ASN B 319 29.82 -0.30 -15.99
N ALA B 320 29.56 0.75 -16.80
CA ALA B 320 28.24 1.38 -16.83
C ALA B 320 27.27 0.38 -17.46
N VAL B 321 27.72 -0.32 -18.54
CA VAL B 321 26.97 -1.35 -19.26
C VAL B 321 26.82 -2.58 -18.36
N PHE B 322 27.88 -2.97 -17.63
CA PHE B 322 27.84 -4.08 -16.68
C PHE B 322 26.81 -3.84 -15.57
N ASN B 323 26.75 -2.60 -15.02
CA ASN B 323 25.80 -2.18 -13.97
C ASN B 323 24.34 -2.38 -14.40
N GLY B 324 24.04 -2.14 -15.66
CA GLY B 324 22.70 -2.32 -16.21
C GLY B 324 22.16 -1.12 -16.96
N ALA B 325 23.03 -0.13 -17.24
CA ALA B 325 22.65 1.09 -17.95
C ALA B 325 22.22 0.81 -19.37
N ASP B 326 21.09 1.42 -19.73
CA ASP B 326 20.47 1.37 -21.04
C ASP B 326 21.32 2.22 -21.96
N CYS B 327 21.52 3.49 -21.56
CA CYS B 327 22.26 4.55 -22.24
C CYS B 327 23.57 4.95 -21.56
N VAL B 328 24.49 5.47 -22.38
CA VAL B 328 25.77 6.07 -22.01
C VAL B 328 25.87 7.39 -22.81
N MET B 329 26.34 8.49 -22.20
CA MET B 329 26.39 9.74 -22.97
C MET B 329 27.70 10.54 -22.83
N LEU B 330 27.95 11.35 -23.86
CA LEU B 330 29.11 12.20 -23.97
C LEU B 330 28.68 13.67 -24.00
N SER B 331 29.06 14.40 -22.94
CA SER B 331 28.77 15.82 -22.74
C SER B 331 30.08 16.62 -22.78
N GLY B 332 30.35 17.25 -23.91
CA GLY B 332 31.57 18.01 -24.11
C GLY B 332 32.59 17.24 -24.92
N GLU B 333 32.52 15.89 -24.86
CA GLU B 333 33.38 14.98 -25.62
C GLU B 333 32.97 15.04 -27.12
N THR B 334 31.69 15.38 -27.40
CA THR B 334 31.07 15.53 -28.73
C THR B 334 30.61 16.98 -28.97
N ALA B 335 30.36 17.72 -27.88
CA ALA B 335 29.92 19.12 -27.98
C ALA B 335 31.05 20.05 -28.44
N LYS B 336 32.18 20.11 -27.70
CA LYS B 336 33.34 20.95 -27.99
C LYS B 336 34.64 20.18 -28.31
N GLY B 337 34.55 18.84 -28.42
CA GLY B 337 35.67 17.95 -28.67
C GLY B 337 36.31 18.01 -30.04
N LYS B 338 37.61 17.67 -30.09
CA LYS B 338 38.46 17.65 -31.28
C LYS B 338 38.23 16.39 -32.13
N TYR B 339 37.84 15.28 -31.48
CA TYR B 339 37.55 13.98 -32.12
C TYR B 339 36.10 13.59 -31.80
N PRO B 340 35.10 14.15 -32.53
CA PRO B 340 33.70 13.83 -32.20
C PRO B 340 33.26 12.44 -32.65
N ASN B 341 33.65 12.06 -33.86
CA ASN B 341 33.29 10.78 -34.46
C ASN B 341 34.04 9.64 -33.78
N GLU B 342 35.33 9.85 -33.52
CA GLU B 342 36.25 8.89 -32.92
C GLU B 342 35.85 8.48 -31.50
N VAL B 343 35.38 9.43 -30.67
CA VAL B 343 34.97 9.18 -29.28
C VAL B 343 33.71 8.28 -29.21
N VAL B 344 32.76 8.49 -30.15
CA VAL B 344 31.52 7.73 -30.21
C VAL B 344 31.78 6.35 -30.81
N GLN B 345 32.83 6.23 -31.66
CA GLN B 345 33.29 4.97 -32.24
C GLN B 345 33.94 4.11 -31.17
N TYR B 346 34.71 4.75 -30.26
CA TYR B 346 35.36 4.04 -29.16
C TYR B 346 34.33 3.53 -28.16
N MET B 347 33.32 4.38 -27.84
CA MET B 347 32.24 4.05 -26.90
C MET B 347 31.48 2.83 -27.37
N VAL B 348 31.12 2.78 -28.67
CA VAL B 348 30.41 1.66 -29.31
C VAL B 348 31.21 0.33 -29.15
N ARG B 349 32.54 0.36 -29.32
CA ARG B 349 33.41 -0.80 -29.20
C ARG B 349 33.51 -1.34 -27.76
N ILE B 350 33.50 -0.43 -26.76
CA ILE B 350 33.54 -0.80 -25.34
C ILE B 350 32.18 -1.40 -24.96
N CYS B 351 31.09 -0.82 -25.50
CA CYS B 351 29.74 -1.30 -25.25
C CYS B 351 29.57 -2.73 -25.73
N ILE B 352 29.94 -3.04 -26.99
CA ILE B 352 29.85 -4.39 -27.56
C ILE B 352 30.75 -5.39 -26.81
N GLU B 353 31.89 -4.91 -26.30
CA GLU B 353 32.82 -5.76 -25.55
C GLU B 353 32.19 -6.16 -24.21
N ALA B 354 31.75 -5.15 -23.42
CA ALA B 354 31.12 -5.34 -22.12
C ALA B 354 29.84 -6.18 -22.22
N GLN B 355 29.08 -6.00 -23.32
CA GLN B 355 27.86 -6.72 -23.68
C GLN B 355 28.15 -8.20 -23.85
N SER B 356 29.34 -8.52 -24.38
CA SER B 356 29.80 -9.88 -24.62
C SER B 356 30.29 -10.55 -23.32
N ALA B 357 30.89 -9.76 -22.42
CA ALA B 357 31.42 -10.23 -21.15
C ALA B 357 30.36 -10.34 -20.03
N THR B 358 29.09 -10.13 -20.38
CA THR B 358 28.01 -10.17 -19.35
C THR B 358 27.27 -11.50 -19.41
N HIS B 359 26.95 -12.06 -18.24
CA HIS B 359 26.18 -13.32 -18.11
C HIS B 359 24.75 -13.03 -18.56
N ASP B 360 24.47 -13.24 -19.84
CA ASP B 360 23.15 -12.91 -20.44
C ASP B 360 21.99 -13.44 -19.59
N SER B 361 22.07 -14.69 -19.14
CA SER B 361 21.02 -15.39 -18.37
C SER B 361 20.71 -14.71 -17.02
N VAL B 362 21.64 -14.75 -16.07
CA VAL B 362 21.40 -14.22 -14.70
C VAL B 362 20.84 -12.79 -14.73
N MET B 363 21.25 -11.96 -15.66
CA MET B 363 20.71 -10.61 -15.64
C MET B 363 19.19 -10.75 -15.60
N PHE B 364 18.64 -11.55 -16.53
CA PHE B 364 17.22 -11.87 -16.69
C PHE B 364 16.67 -12.53 -15.40
N ASN B 365 17.36 -13.58 -14.90
CA ASN B 365 16.96 -14.28 -13.69
C ASN B 365 17.04 -13.39 -12.44
N SER B 366 18.01 -12.45 -12.36
CA SER B 366 18.10 -11.51 -11.22
C SER B 366 16.89 -10.57 -11.19
N ILE B 367 16.52 -10.00 -12.38
CA ILE B 367 15.38 -9.10 -12.55
C ILE B 367 14.05 -9.84 -12.30
N LYS B 368 13.86 -11.03 -12.93
CA LYS B 368 12.64 -11.87 -12.80
C LYS B 368 12.33 -12.27 -11.36
N ASN B 369 13.34 -12.69 -10.59
CA ASN B 369 13.20 -13.14 -9.20
C ASN B 369 12.87 -12.01 -8.21
N LEU B 370 13.15 -10.76 -8.59
CA LEU B 370 12.88 -9.58 -7.77
C LEU B 370 11.50 -8.98 -8.09
N GLN B 371 10.82 -9.51 -9.13
CA GLN B 371 9.47 -9.05 -9.51
C GLN B 371 8.40 -9.68 -8.64
N LYS B 372 7.36 -8.88 -8.29
CA LYS B 372 6.23 -9.29 -7.45
C LYS B 372 5.29 -10.22 -8.20
N ILE B 373 4.95 -11.35 -7.56
CA ILE B 373 4.05 -12.37 -8.08
C ILE B 373 2.69 -12.30 -7.32
N PRO B 374 1.53 -12.38 -8.02
CA PRO B 374 1.33 -12.59 -9.45
C PRO B 374 1.67 -11.39 -10.33
N MET B 375 2.27 -11.68 -11.48
CA MET B 375 2.63 -10.70 -12.50
C MET B 375 1.39 -10.40 -13.31
N SER B 376 1.36 -9.24 -13.96
CA SER B 376 0.25 -8.88 -14.84
C SER B 376 0.35 -9.78 -16.07
N PRO B 377 -0.74 -10.16 -16.76
CA PRO B 377 -0.60 -11.03 -17.95
C PRO B 377 0.32 -10.35 -18.96
N GLU B 378 0.32 -9.01 -18.98
CA GLU B 378 1.17 -8.15 -19.83
C GLU B 378 2.68 -8.41 -19.60
N GLU B 379 3.10 -8.54 -18.32
CA GLU B 379 4.48 -8.86 -17.92
C GLU B 379 4.94 -10.31 -17.96
N ALA B 380 4.05 -11.26 -17.57
CA ALA B 380 4.33 -12.70 -17.59
C ALA B 380 4.53 -13.21 -19.01
N VAL B 381 3.90 -12.55 -20.01
CA VAL B 381 4.06 -12.91 -21.42
C VAL B 381 5.41 -12.38 -21.94
N CYS B 382 5.80 -11.15 -21.52
CA CYS B 382 7.05 -10.48 -21.90
C CYS B 382 8.26 -11.16 -21.30
N SER B 383 8.20 -11.56 -20.01
CA SER B 383 9.30 -12.26 -19.33
C SER B 383 9.46 -13.66 -19.91
N SER B 384 8.34 -14.38 -20.17
CA SER B 384 8.36 -15.72 -20.74
C SER B 384 8.81 -15.71 -22.20
N ALA B 385 8.59 -14.58 -22.92
CA ALA B 385 9.03 -14.41 -24.30
C ALA B 385 10.56 -14.38 -24.31
N VAL B 386 11.16 -13.68 -23.31
CA VAL B 386 12.61 -13.57 -23.11
C VAL B 386 13.15 -14.91 -22.61
N SER B 387 12.38 -15.63 -21.74
CA SER B 387 12.76 -16.95 -21.23
C SER B 387 12.87 -17.93 -22.40
N SER B 388 11.86 -17.91 -23.34
CA SER B 388 11.80 -18.72 -24.57
C SER B 388 12.99 -18.42 -25.47
N ALA B 389 13.37 -17.13 -25.57
CA ALA B 389 14.49 -16.66 -26.38
C ALA B 389 15.80 -17.28 -25.95
N PHE B 390 16.00 -17.45 -24.64
CA PHE B 390 17.21 -18.06 -24.08
C PHE B 390 17.20 -19.56 -24.28
N GLU B 391 16.00 -20.18 -24.15
CA GLU B 391 15.74 -21.61 -24.29
C GLU B 391 15.95 -22.10 -25.71
N VAL B 392 15.26 -21.50 -26.71
CA VAL B 392 15.39 -21.86 -28.13
C VAL B 392 16.66 -21.29 -28.78
N GLN B 393 17.38 -20.38 -28.06
CA GLN B 393 18.57 -19.65 -28.56
C GLN B 393 18.18 -18.76 -29.75
N ALA B 394 17.03 -18.05 -29.61
CA ALA B 394 16.46 -17.15 -30.62
C ALA B 394 17.45 -16.07 -31.01
N LYS B 395 17.60 -15.82 -32.34
CA LYS B 395 18.51 -14.82 -32.89
C LYS B 395 17.96 -13.39 -32.78
N ALA B 396 16.62 -13.24 -32.53
CA ALA B 396 15.88 -11.97 -32.38
C ALA B 396 14.46 -12.13 -31.82
N ILE B 397 13.95 -11.10 -31.11
CA ILE B 397 12.59 -11.02 -30.56
C ILE B 397 11.87 -9.92 -31.36
N LEU B 398 10.63 -10.15 -31.80
CA LEU B 398 9.83 -9.17 -32.53
C LEU B 398 8.60 -8.78 -31.67
N VAL B 399 8.37 -7.48 -31.50
CA VAL B 399 7.26 -6.96 -30.71
C VAL B 399 6.48 -5.91 -31.48
N LEU B 400 5.15 -5.97 -31.40
CA LEU B 400 4.26 -5.03 -32.04
C LEU B 400 3.73 -4.07 -30.98
N SER B 401 4.46 -2.98 -30.72
CA SER B 401 4.06 -1.98 -29.74
C SER B 401 3.92 -0.59 -30.37
N ASN B 402 2.69 -0.04 -30.37
CA ASN B 402 2.39 1.28 -30.90
C ASN B 402 2.90 2.37 -29.94
N THR B 403 2.75 2.16 -28.61
CA THR B 403 3.20 3.05 -27.53
C THR B 403 4.71 2.89 -27.30
N GLY B 404 5.14 1.64 -27.19
CA GLY B 404 6.53 1.28 -26.89
C GLY B 404 6.66 0.65 -25.52
N ARG B 405 5.57 0.69 -24.71
CA ARG B 405 5.49 0.14 -23.34
C ARG B 405 5.75 -1.36 -23.25
N SER B 406 5.39 -2.11 -24.33
CA SER B 406 5.62 -3.56 -24.41
C SER B 406 7.10 -3.83 -24.71
N ALA B 407 7.68 -3.00 -25.61
CA ALA B 407 9.09 -3.03 -26.02
C ALA B 407 10.03 -2.79 -24.82
N ARG B 408 9.74 -1.80 -23.94
CA ARG B 408 10.57 -1.58 -22.76
C ARG B 408 10.31 -2.61 -21.65
N LEU B 409 9.16 -3.35 -21.71
CA LEU B 409 8.83 -4.46 -20.77
C LEU B 409 9.57 -5.75 -21.13
N ILE B 410 9.92 -5.89 -22.43
CA ILE B 410 10.70 -7.02 -22.95
C ILE B 410 12.19 -6.72 -22.69
N SER B 411 12.62 -5.44 -22.95
CA SER B 411 13.99 -5.00 -22.72
C SER B 411 14.35 -5.05 -21.23
N LYS B 412 13.32 -5.00 -20.36
CA LYS B 412 13.40 -5.06 -18.91
C LYS B 412 14.00 -6.37 -18.45
N TYR B 413 13.84 -7.40 -19.30
CA TYR B 413 14.30 -8.77 -18.99
C TYR B 413 15.66 -9.11 -19.61
N ARG B 414 16.36 -8.07 -20.06
CA ARG B 414 17.73 -8.11 -20.62
C ARG B 414 18.03 -9.36 -21.45
N PRO B 415 17.42 -9.52 -22.64
CA PRO B 415 17.70 -10.68 -23.49
C PRO B 415 19.07 -10.58 -24.17
N ASN B 416 19.58 -11.72 -24.64
CA ASN B 416 20.88 -11.85 -25.30
C ASN B 416 20.85 -11.35 -26.76
N CYS B 417 19.66 -11.34 -27.37
CA CYS B 417 19.38 -10.98 -28.77
C CYS B 417 18.77 -9.57 -28.90
N PRO B 418 18.69 -8.96 -30.13
CA PRO B 418 18.03 -7.65 -30.22
C PRO B 418 16.50 -7.79 -30.26
N ILE B 419 15.79 -6.71 -29.90
CA ILE B 419 14.34 -6.63 -29.91
C ILE B 419 13.92 -5.72 -31.07
N ILE B 420 13.08 -6.21 -31.98
CA ILE B 420 12.61 -5.41 -33.11
C ILE B 420 11.19 -4.96 -32.83
N CYS B 421 10.99 -3.63 -32.75
CA CYS B 421 9.69 -3.03 -32.46
C CYS B 421 8.96 -2.49 -33.69
N ALA B 422 7.85 -3.17 -34.07
CA ALA B 422 7.02 -2.76 -35.18
C ALA B 422 5.97 -1.80 -34.64
N THR B 423 6.06 -0.52 -35.05
CA THR B 423 5.16 0.53 -34.56
C THR B 423 4.52 1.36 -35.67
N THR B 424 3.34 1.91 -35.36
CA THR B 424 2.52 2.76 -36.24
C THR B 424 2.70 4.25 -35.92
N ARG B 425 3.55 4.58 -34.93
CA ARG B 425 3.82 5.96 -34.50
C ARG B 425 5.32 6.25 -34.63
N LEU B 426 5.70 7.33 -35.36
CA LEU B 426 7.09 7.75 -35.56
C LEU B 426 7.77 8.26 -34.29
N LEU B 427 6.99 8.78 -33.33
CA LEU B 427 7.48 9.27 -32.05
C LEU B 427 8.05 8.12 -31.25
N THR B 428 7.36 6.95 -31.31
CA THR B 428 7.73 5.69 -30.65
C THR B 428 9.08 5.19 -31.19
N CYS B 429 9.31 5.32 -32.51
CA CYS B 429 10.55 4.94 -33.18
C CYS B 429 11.74 5.67 -32.56
N ARG B 430 11.58 6.98 -32.33
CA ARG B 430 12.58 7.88 -31.75
C ARG B 430 12.62 7.80 -30.22
N GLN B 431 11.53 7.31 -29.58
CA GLN B 431 11.40 7.20 -28.13
C GLN B 431 12.08 5.95 -27.58
N LEU B 432 12.29 4.92 -28.44
CA LEU B 432 12.92 3.66 -28.05
C LEU B 432 14.44 3.62 -28.30
N ASN B 433 15.00 4.80 -28.58
CA ASN B 433 16.43 4.99 -28.78
C ASN B 433 17.10 5.12 -27.41
N VAL B 434 16.29 5.17 -26.33
CA VAL B 434 16.76 5.23 -24.94
C VAL B 434 16.65 3.88 -24.20
N THR B 435 16.01 2.87 -24.84
CA THR B 435 15.87 1.54 -24.25
C THR B 435 16.78 0.56 -25.00
N ARG B 436 17.50 -0.29 -24.22
CA ARG B 436 18.46 -1.32 -24.63
C ARG B 436 17.84 -2.35 -25.58
N SER B 437 18.67 -2.94 -26.48
CA SER B 437 18.38 -3.98 -27.47
C SER B 437 17.18 -3.78 -28.41
N VAL B 438 16.48 -2.63 -28.32
CA VAL B 438 15.26 -2.29 -29.08
C VAL B 438 15.71 -1.49 -30.31
N GLU B 439 15.30 -1.98 -31.48
CA GLU B 439 15.54 -1.42 -32.81
C GLU B 439 14.19 -1.35 -33.53
N SER B 440 13.62 -0.13 -33.59
CA SER B 440 12.30 0.18 -34.13
C SER B 440 12.19 0.17 -35.67
N VAL B 441 10.98 -0.15 -36.18
CA VAL B 441 10.60 -0.19 -37.60
C VAL B 441 9.20 0.44 -37.70
N TYR B 442 9.02 1.40 -38.63
CA TYR B 442 7.74 2.11 -38.80
C TYR B 442 6.84 1.52 -39.88
N TYR B 443 5.54 1.38 -39.55
CA TYR B 443 4.50 0.91 -40.45
C TYR B 443 3.51 2.06 -40.69
N ASP B 444 3.60 2.68 -41.89
CA ASP B 444 2.73 3.79 -42.28
C ASP B 444 1.35 3.26 -42.60
N VAL B 445 0.43 3.39 -41.64
CA VAL B 445 -0.96 2.92 -41.74
C VAL B 445 -1.69 3.57 -42.94
N ASP B 446 -1.51 4.89 -43.13
CA ASP B 446 -2.11 5.68 -44.21
C ASP B 446 -1.56 5.35 -45.59
N ALA B 447 -0.31 4.85 -45.66
CA ALA B 447 0.37 4.51 -46.92
C ALA B 447 0.39 3.03 -47.29
N HIS B 448 -0.14 2.13 -46.43
CA HIS B 448 -0.13 0.69 -46.73
C HIS B 448 -1.44 -0.04 -46.48
N GLY B 449 -2.09 0.26 -45.35
CA GLY B 449 -3.35 -0.37 -44.99
C GLY B 449 -3.60 -0.44 -43.51
N GLU B 450 -4.86 -0.78 -43.15
CA GLU B 450 -5.35 -0.89 -41.78
C GLU B 450 -4.67 -2.01 -41.00
N ASP B 451 -4.34 -3.15 -41.68
CA ASP B 451 -3.71 -4.34 -41.13
C ASP B 451 -4.32 -4.77 -39.79
N ASN B 452 -5.67 -4.94 -39.77
CA ASN B 452 -6.46 -5.36 -38.60
C ASN B 452 -5.95 -6.69 -38.04
N ASP B 453 -5.57 -7.61 -38.94
CA ASP B 453 -4.93 -8.87 -38.61
C ASP B 453 -3.41 -8.64 -38.64
N ARG B 454 -2.78 -8.78 -37.47
CA ARG B 454 -1.32 -8.51 -37.31
C ARG B 454 -0.50 -9.43 -38.22
N GLU B 455 -0.23 -8.97 -39.43
CA GLU B 455 0.62 -9.68 -40.39
C GLU B 455 1.52 -8.83 -41.29
N LYS B 456 1.07 -7.62 -41.73
CA LYS B 456 1.91 -6.74 -42.56
C LYS B 456 3.02 -6.20 -41.67
N ARG B 457 2.70 -5.89 -40.39
CA ARG B 457 3.66 -5.43 -39.39
C ARG B 457 4.63 -6.55 -39.01
N VAL B 458 4.09 -7.78 -38.88
CA VAL B 458 4.86 -8.97 -38.52
C VAL B 458 5.85 -9.32 -39.65
N GLN B 459 5.42 -9.22 -40.92
CA GLN B 459 6.25 -9.53 -42.09
C GLN B 459 7.27 -8.44 -42.33
N LEU B 460 6.96 -7.21 -41.91
CA LEU B 460 7.82 -6.03 -42.02
C LEU B 460 9.04 -6.19 -41.09
N GLY B 461 8.77 -6.61 -39.86
CA GLY B 461 9.77 -6.84 -38.82
C GLY B 461 10.75 -7.95 -39.12
N VAL B 462 10.25 -9.13 -39.54
CA VAL B 462 11.08 -10.28 -39.88
C VAL B 462 12.02 -9.95 -41.07
N ASP B 463 11.53 -9.12 -42.02
CA ASP B 463 12.27 -8.64 -43.18
C ASP B 463 13.40 -7.73 -42.74
N TRP B 464 13.13 -6.79 -41.79
CA TRP B 464 14.11 -5.85 -41.25
C TRP B 464 15.27 -6.58 -40.53
N ALA B 465 14.93 -7.59 -39.71
CA ALA B 465 15.87 -8.41 -38.94
C ALA B 465 16.78 -9.21 -39.87
N LYS B 466 16.21 -9.68 -41.01
CA LYS B 466 16.91 -10.43 -42.06
C LYS B 466 17.94 -9.53 -42.74
N THR B 467 17.50 -8.33 -43.22
CA THR B 467 18.33 -7.33 -43.89
C THR B 467 19.47 -6.82 -43.01
N LYS B 468 19.18 -6.51 -41.72
CA LYS B 468 20.16 -6.04 -40.75
C LYS B 468 21.20 -7.12 -40.38
N GLY B 469 20.94 -8.35 -40.83
CA GLY B 469 21.82 -9.52 -40.69
C GLY B 469 21.75 -10.33 -39.42
N TYR B 470 20.72 -10.13 -38.58
CA TYR B 470 20.60 -10.89 -37.32
C TYR B 470 20.01 -12.27 -37.54
N VAL B 471 18.94 -12.36 -38.34
CA VAL B 471 18.27 -13.62 -38.64
C VAL B 471 18.51 -14.03 -40.09
N SER B 472 18.86 -15.31 -40.26
CA SER B 472 19.05 -15.94 -41.55
C SER B 472 17.92 -16.97 -41.74
N ALA B 473 17.80 -17.63 -42.91
CA ALA B 473 16.76 -18.63 -43.15
C ALA B 473 16.92 -19.84 -42.23
N GLY B 474 15.82 -20.27 -41.63
CA GLY B 474 15.79 -21.40 -40.71
C GLY B 474 15.87 -21.03 -39.24
N ASP B 475 16.29 -19.78 -38.94
CA ASP B 475 16.44 -19.27 -37.57
C ASP B 475 15.08 -19.12 -36.89
N VAL B 476 15.06 -19.25 -35.56
CA VAL B 476 13.85 -19.15 -34.75
C VAL B 476 13.74 -17.76 -34.11
N MET B 477 12.52 -17.16 -34.17
CA MET B 477 12.18 -15.85 -33.64
C MET B 477 10.99 -15.91 -32.70
N VAL B 478 11.04 -15.15 -31.61
CA VAL B 478 9.96 -15.04 -30.63
C VAL B 478 9.13 -13.82 -31.08
N ILE B 479 7.82 -13.97 -31.26
CA ILE B 479 6.92 -12.91 -31.72
C ILE B 479 5.88 -12.58 -30.64
N VAL B 480 5.83 -11.30 -30.21
CA VAL B 480 4.92 -10.83 -29.16
C VAL B 480 3.92 -9.78 -29.69
N HIS B 481 2.60 -10.06 -29.53
CA HIS B 481 1.46 -9.22 -29.89
C HIS B 481 0.19 -9.65 -29.12
N ALA B 482 -1.01 -9.46 -29.69
CA ALA B 482 -2.26 -9.84 -29.03
C ALA B 482 -3.11 -10.82 -29.85
N ASP B 483 -3.93 -11.62 -29.13
CA ASP B 483 -4.86 -12.61 -29.68
C ASP B 483 -5.99 -11.85 -30.40
N HIS B 484 -6.64 -12.51 -31.39
CA HIS B 484 -7.74 -11.94 -32.19
C HIS B 484 -8.78 -11.11 -31.42
N SER B 485 -9.04 -11.47 -30.14
CA SER B 485 -10.00 -10.77 -29.29
C SER B 485 -9.40 -10.21 -27.98
N VAL B 486 -8.60 -9.16 -28.13
CA VAL B 486 -7.93 -8.42 -27.01
C VAL B 486 -7.28 -7.18 -27.63
N LYS B 487 -7.47 -5.99 -27.03
CA LYS B 487 -6.93 -4.74 -27.63
C LYS B 487 -6.15 -3.90 -26.61
N GLY B 488 -6.00 -4.38 -25.38
CA GLY B 488 -5.23 -3.60 -24.38
C GLY B 488 -3.74 -3.79 -24.56
N TYR B 489 -3.16 -4.72 -23.81
CA TYR B 489 -1.71 -5.04 -23.91
C TYR B 489 -1.52 -6.26 -24.80
N PRO B 490 -0.43 -7.05 -24.64
CA PRO B 490 -0.17 -8.24 -25.43
C PRO B 490 -0.39 -9.49 -24.58
N ASN B 491 -0.83 -10.60 -25.19
CA ASN B 491 -1.08 -11.84 -24.42
C ASN B 491 -0.44 -13.02 -25.18
N GLN B 492 -0.35 -12.89 -26.49
CA GLN B 492 0.17 -13.90 -27.40
C GLN B 492 1.70 -13.82 -27.56
N THR B 493 2.34 -15.01 -27.59
CA THR B 493 3.77 -15.25 -27.80
C THR B 493 3.87 -16.44 -28.77
N ARG B 494 4.66 -16.30 -29.85
CA ARG B 494 4.85 -17.33 -30.87
C ARG B 494 6.32 -17.61 -31.17
N LEU B 495 6.70 -18.88 -31.37
CA LEU B 495 8.06 -19.20 -31.79
C LEU B 495 7.98 -19.62 -33.26
N VAL B 496 8.53 -18.80 -34.19
CA VAL B 496 8.45 -19.12 -35.62
C VAL B 496 9.82 -19.22 -36.31
N ARG B 497 9.91 -20.11 -37.31
CA ARG B 497 11.11 -20.28 -38.12
C ARG B 497 11.04 -19.24 -39.25
N VAL B 498 12.19 -18.89 -39.85
CA VAL B 498 12.26 -17.88 -40.92
C VAL B 498 12.57 -18.54 -42.28
N ARG B 499 11.92 -18.08 -43.37
CA ARG B 499 12.11 -18.62 -44.73
C ARG B 499 13.08 -17.78 -45.59
N GLU B 500 13.31 -18.18 -46.87
CA GLU B 500 14.22 -17.47 -47.79
C GLU B 500 13.47 -16.65 -48.88
N ASN B 501 12.83 -17.35 -49.85
CA ASN B 501 12.07 -16.76 -50.96
C ASN B 501 11.09 -17.78 -51.51
N SER C 2 15.40 -24.47 -0.13
CA SER C 2 15.95 -25.47 0.77
C SER C 2 14.85 -26.38 1.30
N GLN C 3 15.10 -27.70 1.28
CA GLN C 3 14.14 -28.69 1.78
C GLN C 3 13.94 -28.53 3.27
N LEU C 4 15.04 -28.26 4.02
CA LEU C 4 15.01 -28.03 5.45
C LEU C 4 14.16 -26.80 5.79
N GLN C 5 14.38 -25.69 5.06
CA GLN C 5 13.63 -24.44 5.21
C GLN C 5 12.15 -24.61 4.84
N HIS C 6 11.87 -25.48 3.85
CA HIS C 6 10.51 -25.76 3.40
C HIS C 6 9.76 -26.53 4.47
N ASN C 7 10.39 -27.60 4.99
CA ASN C 7 9.86 -28.48 6.03
C ASN C 7 9.53 -27.74 7.32
N ILE C 8 10.44 -26.89 7.82
CA ILE C 8 10.23 -26.10 9.04
C ILE C 8 9.00 -25.16 8.88
N GLY C 9 8.53 -24.95 7.65
CA GLY C 9 7.34 -24.15 7.39
C GLY C 9 6.19 -24.92 6.78
N LEU C 10 5.92 -26.16 7.28
CA LEU C 10 4.82 -27.01 6.81
C LEU C 10 3.73 -27.04 7.85
N SER C 11 2.50 -26.63 7.44
CA SER C 11 1.33 -26.60 8.30
C SER C 11 0.48 -27.84 8.13
N ILE C 12 0.25 -28.53 9.24
CA ILE C 12 -0.60 -29.70 9.35
C ILE C 12 -2.08 -29.25 9.38
N PHE C 13 -2.33 -27.94 9.57
CA PHE C 13 -3.67 -27.35 9.64
C PHE C 13 -4.07 -26.51 8.39
N GLU C 14 -3.15 -26.31 7.44
CA GLU C 14 -3.43 -25.52 6.23
C GLU C 14 -4.28 -26.31 5.22
N PRO C 15 -5.09 -25.63 4.34
CA PRO C 15 -5.91 -26.38 3.39
C PRO C 15 -5.13 -26.94 2.22
N VAL C 16 -5.48 -28.20 1.83
CA VAL C 16 -4.91 -28.98 0.73
C VAL C 16 -5.35 -28.38 -0.64
N ALA C 17 -4.68 -28.80 -1.73
CA ALA C 17 -4.96 -28.35 -3.09
C ALA C 17 -6.33 -28.81 -3.58
N LYS C 18 -6.97 -28.01 -4.45
CA LYS C 18 -8.28 -28.26 -5.02
C LYS C 18 -8.29 -29.50 -5.93
N HIS C 19 -7.34 -29.56 -6.89
CA HIS C 19 -7.16 -30.66 -7.84
C HIS C 19 -6.17 -31.71 -7.32
N ARG C 20 -6.20 -32.92 -7.90
CA ARG C 20 -5.26 -34.01 -7.62
C ARG C 20 -4.42 -34.20 -8.88
N ALA C 21 -3.10 -34.02 -8.74
CA ALA C 21 -2.14 -34.09 -9.84
C ALA C 21 -1.67 -35.51 -10.12
N ASN C 22 -1.31 -36.29 -9.08
CA ASN C 22 -0.87 -37.67 -9.25
C ASN C 22 -2.03 -38.61 -9.66
N ARG C 23 -1.69 -39.75 -10.32
CA ARG C 23 -2.67 -40.73 -10.83
C ARG C 23 -2.54 -42.09 -10.13
N ILE C 24 -3.64 -42.85 -9.94
CA ILE C 24 -3.54 -44.16 -9.26
C ILE C 24 -3.97 -45.32 -10.19
N ILE C 25 -3.20 -46.43 -10.16
CA ILE C 25 -3.44 -47.63 -10.99
C ILE C 25 -3.92 -48.79 -10.14
N CYS C 26 -5.06 -49.38 -10.53
CA CYS C 26 -5.63 -50.53 -9.83
C CYS C 26 -5.59 -51.81 -10.65
N THR C 27 -5.14 -52.91 -10.01
CA THR C 27 -5.12 -54.24 -10.60
C THR C 27 -6.51 -54.84 -10.41
N ILE C 28 -7.16 -55.20 -11.52
CA ILE C 28 -8.50 -55.78 -11.50
C ILE C 28 -8.40 -57.27 -11.18
N GLY C 29 -9.16 -57.70 -10.19
CA GLY C 29 -9.21 -59.09 -9.76
C GLY C 29 -10.60 -59.55 -9.40
N PRO C 30 -10.73 -60.66 -8.63
CA PRO C 30 -12.07 -61.13 -8.24
C PRO C 30 -12.88 -60.10 -7.45
N SER C 31 -12.22 -59.41 -6.49
CA SER C 31 -12.82 -58.37 -5.65
C SER C 31 -13.31 -57.16 -6.44
N THR C 32 -12.70 -56.88 -7.63
CA THR C 32 -13.02 -55.69 -8.43
C THR C 32 -13.38 -55.93 -9.91
N GLN C 33 -13.80 -57.15 -10.30
CA GLN C 33 -14.15 -57.36 -11.73
C GLN C 33 -15.58 -56.85 -12.08
N SER C 34 -16.49 -56.81 -11.09
CA SER C 34 -17.87 -56.37 -11.26
C SER C 34 -17.96 -54.93 -11.82
N VAL C 35 -18.95 -54.65 -12.71
CA VAL C 35 -19.20 -53.31 -13.28
C VAL C 35 -19.53 -52.31 -12.17
N GLU C 36 -20.13 -52.79 -11.05
CA GLU C 36 -20.47 -52.00 -9.86
C GLU C 36 -19.22 -51.75 -9.02
N ALA C 37 -18.30 -52.74 -8.95
CA ALA C 37 -17.04 -52.67 -8.20
C ALA C 37 -16.06 -51.76 -8.90
N LEU C 38 -16.11 -51.75 -10.26
CA LEU C 38 -15.28 -50.90 -11.12
C LEU C 38 -15.75 -49.47 -11.07
N LYS C 39 -17.07 -49.23 -11.15
CA LYS C 39 -17.63 -47.88 -11.01
C LYS C 39 -17.20 -47.33 -9.62
N GLY C 40 -17.07 -48.23 -8.65
CA GLY C 40 -16.64 -47.93 -7.29
C GLY C 40 -15.20 -47.48 -7.22
N LEU C 41 -14.30 -48.17 -7.98
CA LEU C 41 -12.87 -47.84 -8.03
C LEU C 41 -12.68 -46.50 -8.74
N MET C 42 -13.36 -46.30 -9.89
CA MET C 42 -13.33 -45.08 -10.71
C MET C 42 -13.81 -43.87 -9.93
N LYS C 43 -14.86 -44.06 -9.10
CA LYS C 43 -15.44 -43.02 -8.26
C LYS C 43 -14.48 -42.68 -7.11
N SER C 44 -13.70 -43.67 -6.63
CA SER C 44 -12.74 -43.52 -5.53
C SER C 44 -11.42 -42.86 -5.95
N GLY C 45 -10.99 -43.08 -7.21
CA GLY C 45 -9.75 -42.50 -7.73
C GLY C 45 -9.07 -43.19 -8.89
N MET C 46 -9.47 -44.41 -9.25
CA MET C 46 -8.85 -45.16 -10.36
C MET C 46 -8.90 -44.40 -11.70
N SER C 47 -7.71 -44.23 -12.31
CA SER C 47 -7.49 -43.56 -13.59
C SER C 47 -7.12 -44.59 -14.67
N VAL C 48 -6.47 -45.71 -14.24
CA VAL C 48 -6.07 -46.81 -15.14
C VAL C 48 -6.27 -48.16 -14.43
N ALA C 49 -6.84 -49.12 -15.17
CA ALA C 49 -7.17 -50.50 -14.78
C ALA C 49 -6.14 -51.46 -15.36
N ARG C 50 -5.37 -52.15 -14.49
CA ARG C 50 -4.34 -53.12 -14.88
C ARG C 50 -4.84 -54.56 -14.86
N MET C 51 -4.52 -55.30 -15.93
CA MET C 51 -4.83 -56.71 -16.08
C MET C 51 -3.49 -57.46 -15.99
N ASN C 52 -3.31 -58.27 -14.95
CA ASN C 52 -2.09 -59.07 -14.78
C ASN C 52 -2.29 -60.38 -15.54
N PHE C 53 -1.59 -60.52 -16.68
CA PHE C 53 -1.64 -61.68 -17.57
C PHE C 53 -0.79 -62.85 -17.09
N SER C 54 -0.20 -62.76 -15.88
CA SER C 54 0.55 -63.86 -15.26
C SER C 54 -0.43 -65.00 -14.94
N HIS C 55 -1.73 -64.67 -14.77
CA HIS C 55 -2.85 -65.58 -14.55
C HIS C 55 -4.06 -65.06 -15.36
N GLY C 56 -5.14 -65.82 -15.40
CA GLY C 56 -6.36 -65.43 -16.09
C GLY C 56 -6.39 -65.73 -17.57
N SER C 57 -7.52 -66.28 -18.02
CA SER C 57 -7.78 -66.66 -19.41
C SER C 57 -8.12 -65.45 -20.27
N TYR C 58 -8.10 -65.63 -21.61
CA TYR C 58 -8.47 -64.58 -22.55
C TYR C 58 -9.95 -64.22 -22.40
N GLU C 59 -10.70 -65.06 -21.65
CA GLU C 59 -12.12 -64.91 -21.36
C GLU C 59 -12.29 -64.08 -20.08
N TYR C 60 -11.36 -64.25 -19.12
CA TYR C 60 -11.37 -63.50 -17.86
C TYR C 60 -11.08 -62.03 -18.19
N HIS C 61 -9.95 -61.78 -18.86
CA HIS C 61 -9.51 -60.45 -19.26
C HIS C 61 -10.42 -59.83 -20.33
N GLN C 62 -11.27 -60.66 -20.97
CA GLN C 62 -12.24 -60.22 -21.97
C GLN C 62 -13.40 -59.53 -21.28
N THR C 63 -13.85 -60.08 -20.13
CA THR C 63 -14.93 -59.49 -19.34
C THR C 63 -14.35 -58.26 -18.66
N THR C 64 -13.13 -58.35 -18.05
CA THR C 64 -12.40 -57.21 -17.46
C THR C 64 -12.38 -55.99 -18.42
N ILE C 65 -12.04 -56.19 -19.71
CA ILE C 65 -12.04 -55.16 -20.75
C ILE C 65 -13.45 -54.58 -20.93
N ASN C 66 -14.45 -55.45 -21.09
CA ASN C 66 -15.84 -55.05 -21.32
C ASN C 66 -16.48 -54.33 -20.13
N ASN C 67 -16.19 -54.81 -18.90
CA ASN C 67 -16.70 -54.27 -17.64
C ASN C 67 -16.12 -52.89 -17.29
N VAL C 68 -14.82 -52.65 -17.58
CA VAL C 68 -14.18 -51.34 -17.33
C VAL C 68 -14.76 -50.33 -18.31
N ARG C 69 -14.96 -50.75 -19.58
CA ARG C 69 -15.51 -49.92 -20.66
C ARG C 69 -16.96 -49.54 -20.38
N ALA C 70 -17.73 -50.47 -19.75
CA ALA C 70 -19.13 -50.28 -19.37
C ALA C 70 -19.24 -49.30 -18.18
N ALA C 71 -18.43 -49.51 -17.10
CA ALA C 71 -18.36 -48.68 -15.89
C ALA C 71 -17.78 -47.28 -16.18
N ALA C 72 -16.95 -47.15 -17.22
CA ALA C 72 -16.38 -45.87 -17.65
C ALA C 72 -17.44 -45.08 -18.40
N ALA C 73 -18.15 -45.73 -19.36
CA ALA C 73 -19.22 -45.13 -20.17
C ALA C 73 -20.43 -44.72 -19.30
N GLU C 74 -20.71 -45.49 -18.24
CA GLU C 74 -21.79 -45.23 -17.29
C GLU C 74 -21.51 -43.94 -16.51
N LEU C 75 -20.25 -43.76 -16.05
CA LEU C 75 -19.81 -42.60 -15.29
C LEU C 75 -19.31 -41.44 -16.18
N GLY C 76 -19.24 -41.68 -17.48
CA GLY C 76 -18.81 -40.73 -18.50
C GLY C 76 -17.35 -40.30 -18.35
N LEU C 77 -16.46 -41.27 -18.03
CA LEU C 77 -15.02 -41.04 -17.82
C LEU C 77 -14.16 -41.87 -18.78
N HIS C 78 -12.90 -41.45 -18.97
CA HIS C 78 -11.93 -42.17 -19.80
C HIS C 78 -10.91 -42.84 -18.90
N ILE C 79 -10.93 -44.18 -18.87
CA ILE C 79 -10.02 -44.99 -18.06
C ILE C 79 -9.11 -45.80 -19.00
N GLY C 80 -7.82 -45.81 -18.72
CA GLY C 80 -6.85 -46.54 -19.52
C GLY C 80 -6.89 -48.01 -19.22
N ILE C 81 -6.73 -48.84 -20.27
CA ILE C 81 -6.70 -50.30 -20.12
C ILE C 81 -5.25 -50.76 -20.28
N ALA C 82 -4.71 -51.39 -19.22
CA ALA C 82 -3.33 -51.84 -19.15
C ALA C 82 -3.20 -53.36 -19.27
N LEU C 83 -2.13 -53.82 -19.90
CA LEU C 83 -1.85 -55.24 -20.06
C LEU C 83 -0.47 -55.55 -19.52
N ASP C 84 -0.41 -56.14 -18.32
CA ASP C 84 0.85 -56.49 -17.70
C ASP C 84 1.17 -57.92 -18.07
N THR C 85 2.09 -58.09 -19.03
CA THR C 85 2.51 -59.38 -19.61
C THR C 85 3.06 -60.36 -18.55
N LYS C 86 2.87 -61.68 -18.77
CA LYS C 86 3.37 -62.72 -17.86
C LYS C 86 4.91 -62.70 -17.85
N GLY C 87 5.50 -62.43 -19.02
CA GLY C 87 6.94 -62.30 -19.24
C GLY C 87 7.72 -63.60 -19.19
N PRO C 88 9.00 -63.57 -19.64
CA PRO C 88 9.84 -64.79 -19.57
C PRO C 88 10.02 -65.29 -18.14
N GLU C 89 9.60 -66.54 -17.88
CA GLU C 89 9.67 -67.16 -16.55
C GLU C 89 10.68 -68.33 -16.48
N ILE C 90 11.46 -68.38 -15.38
CA ILE C 90 12.42 -69.44 -15.08
C ILE C 90 11.89 -70.16 -13.83
N ARG C 91 11.35 -71.37 -14.01
CA ARG C 91 10.79 -72.14 -12.90
C ARG C 91 11.59 -73.45 -12.66
N THR C 92 11.20 -74.22 -11.62
CA THR C 92 11.81 -75.51 -11.30
C THR C 92 10.99 -76.65 -11.90
N GLY C 93 11.40 -77.88 -11.62
CA GLY C 93 10.71 -79.08 -12.07
C GLY C 93 9.69 -79.56 -11.04
N LEU C 94 9.13 -80.75 -11.25
CA LEU C 94 8.17 -81.37 -10.34
C LEU C 94 8.91 -82.06 -9.19
N PHE C 95 8.39 -81.84 -7.97
CA PHE C 95 9.00 -82.36 -6.71
C PHE C 95 8.41 -83.73 -6.35
N LYS C 96 9.31 -84.70 -6.16
CA LYS C 96 8.95 -86.10 -5.84
C LYS C 96 7.90 -86.15 -4.71
N ASP C 97 6.85 -86.95 -4.93
CA ASP C 97 5.76 -87.17 -3.95
C ASP C 97 5.30 -85.86 -3.32
N GLY C 98 4.96 -84.87 -4.15
CA GLY C 98 4.43 -83.59 -3.64
C GLY C 98 5.46 -82.50 -3.47
N GLU C 99 5.97 -82.32 -2.25
CA GLU C 99 6.95 -81.24 -1.98
C GLU C 99 8.19 -81.81 -1.29
N ALA C 100 9.36 -81.22 -1.57
CA ALA C 100 10.64 -81.62 -0.93
C ALA C 100 11.03 -80.53 0.07
N THR C 101 11.52 -80.92 1.25
CA THR C 101 11.90 -79.93 2.30
C THR C 101 13.41 -79.66 2.24
N TYR C 102 13.86 -78.52 2.80
CA TYR C 102 15.29 -78.16 2.84
C TYR C 102 15.75 -77.61 4.20
N ALA C 103 17.05 -77.83 4.56
CA ALA C 103 17.62 -77.40 5.84
C ALA C 103 18.98 -76.68 5.69
N PRO C 104 19.26 -75.64 6.52
CA PRO C 104 20.55 -74.92 6.41
C PRO C 104 21.79 -75.77 6.66
N GLY C 105 22.52 -76.06 5.58
CA GLY C 105 23.74 -76.87 5.61
C GLY C 105 23.82 -77.96 4.56
N ASP C 106 22.65 -78.45 4.08
CA ASP C 106 22.49 -79.51 3.08
C ASP C 106 23.19 -79.22 1.73
N THR C 107 23.59 -80.29 1.01
CA THR C 107 24.24 -80.18 -0.29
C THR C 107 23.26 -80.57 -1.40
N VAL C 108 22.64 -79.57 -2.05
CA VAL C 108 21.66 -79.78 -3.12
C VAL C 108 22.28 -79.70 -4.52
N LEU C 109 21.61 -80.32 -5.51
CA LEU C 109 22.05 -80.37 -6.90
C LEU C 109 21.02 -79.75 -7.84
N VAL C 110 21.43 -78.73 -8.61
CA VAL C 110 20.56 -78.06 -9.58
C VAL C 110 20.94 -78.54 -10.99
N THR C 111 20.04 -79.32 -11.61
CA THR C 111 20.21 -79.96 -12.92
C THR C 111 19.51 -79.24 -14.06
N THR C 112 20.12 -79.26 -15.25
CA THR C 112 19.50 -78.72 -16.48
C THR C 112 19.11 -79.89 -17.40
N ASP C 113 19.44 -81.15 -16.98
CA ASP C 113 19.09 -82.37 -17.70
C ASP C 113 17.61 -82.70 -17.40
N PRO C 114 16.72 -82.69 -18.44
CA PRO C 114 15.28 -82.94 -18.18
C PRO C 114 14.92 -84.32 -17.62
N ALA C 115 15.93 -85.14 -17.25
CA ALA C 115 15.75 -86.44 -16.62
C ALA C 115 15.24 -86.26 -15.17
N PHE C 116 15.61 -85.13 -14.55
CA PHE C 116 15.23 -84.74 -13.20
C PHE C 116 13.99 -83.81 -13.20
N GLU C 117 13.34 -83.63 -14.38
CA GLU C 117 12.15 -82.79 -14.54
C GLU C 117 10.96 -83.31 -13.75
N LYS C 118 10.54 -84.56 -14.00
CA LYS C 118 9.41 -85.17 -13.29
C LYS C 118 9.83 -85.79 -11.94
N ILE C 119 11.11 -86.21 -11.82
CA ILE C 119 11.67 -86.82 -10.62
C ILE C 119 12.67 -85.90 -9.92
N GLY C 120 12.15 -84.99 -9.10
CA GLY C 120 12.95 -84.03 -8.36
C GLY C 120 12.95 -84.27 -6.86
N THR C 121 14.03 -84.86 -6.33
CA THR C 121 14.17 -85.18 -4.91
C THR C 121 14.78 -84.01 -4.09
N LYS C 122 14.81 -84.14 -2.75
CA LYS C 122 15.37 -83.15 -1.82
C LYS C 122 16.91 -83.05 -1.88
N GLU C 123 17.53 -83.76 -2.86
CA GLU C 123 18.97 -83.78 -3.10
C GLU C 123 19.33 -83.28 -4.50
N LYS C 124 18.40 -83.43 -5.47
CA LYS C 124 18.59 -82.99 -6.86
C LYS C 124 17.26 -82.63 -7.52
N PHE C 125 17.24 -81.50 -8.27
CA PHE C 125 16.06 -81.01 -8.98
C PHE C 125 16.39 -80.24 -10.29
N TYR C 126 15.40 -80.14 -11.18
CA TYR C 126 15.48 -79.51 -12.50
C TYR C 126 15.14 -78.01 -12.51
N VAL C 127 15.76 -77.25 -13.42
CA VAL C 127 15.55 -75.81 -13.61
C VAL C 127 15.39 -75.50 -15.12
N ASP C 128 14.35 -74.70 -15.45
CA ASP C 128 13.96 -74.26 -16.80
C ASP C 128 15.10 -73.73 -17.66
N TYR C 129 15.96 -72.87 -17.07
CA TYR C 129 17.09 -72.22 -17.73
C TYR C 129 18.21 -73.20 -18.13
N PRO C 130 18.52 -73.34 -19.44
CA PRO C 130 19.58 -74.27 -19.85
C PRO C 130 20.98 -73.74 -19.57
N GLN C 131 21.22 -72.44 -19.80
CA GLN C 131 22.51 -71.78 -19.57
C GLN C 131 22.81 -71.54 -18.09
N LEU C 132 21.97 -72.09 -17.19
CA LEU C 132 22.10 -71.95 -15.73
C LEU C 132 23.48 -72.39 -15.15
N PRO C 133 24.06 -73.57 -15.46
CA PRO C 133 25.37 -73.90 -14.86
C PRO C 133 26.54 -73.08 -15.41
N ASN C 134 26.40 -72.59 -16.66
CA ASN C 134 27.40 -71.78 -17.37
C ASN C 134 27.41 -70.33 -16.87
N VAL C 135 26.22 -69.68 -16.78
CA VAL C 135 26.06 -68.30 -16.30
C VAL C 135 26.36 -68.15 -14.81
N VAL C 136 25.80 -69.06 -13.98
CA VAL C 136 26.01 -69.04 -12.54
C VAL C 136 27.35 -69.71 -12.20
N ARG C 137 28.31 -68.92 -11.68
CA ARG C 137 29.65 -69.38 -11.30
C ARG C 137 29.75 -69.58 -9.77
N PRO C 138 30.61 -70.51 -9.26
CA PRO C 138 30.69 -70.74 -7.79
C PRO C 138 30.86 -69.48 -6.92
N GLY C 139 30.14 -69.47 -5.81
CA GLY C 139 30.08 -68.36 -4.86
C GLY C 139 28.80 -67.57 -5.06
N GLY C 140 28.34 -67.53 -6.32
CA GLY C 140 27.12 -66.85 -6.76
C GLY C 140 25.84 -67.43 -6.20
N LEU C 141 24.81 -66.56 -6.09
CA LEU C 141 23.51 -66.92 -5.52
C LEU C 141 22.41 -67.15 -6.56
N ILE C 142 21.47 -68.07 -6.22
CA ILE C 142 20.27 -68.46 -6.98
C ILE C 142 19.13 -68.56 -5.94
N TYR C 143 18.10 -67.71 -6.10
CA TYR C 143 16.93 -67.58 -5.22
C TYR C 143 15.73 -68.39 -5.70
N VAL C 144 15.17 -69.21 -4.82
CA VAL C 144 14.00 -70.05 -5.12
C VAL C 144 12.77 -69.61 -4.34
N ASP C 145 11.60 -69.57 -5.01
CA ASP C 145 10.28 -69.20 -4.49
C ASP C 145 10.29 -67.78 -3.89
N ASP C 146 10.41 -66.77 -4.78
CA ASP C 146 10.45 -65.34 -4.44
C ASP C 146 11.58 -64.99 -3.43
N GLY C 147 12.75 -65.59 -3.63
CA GLY C 147 13.92 -65.38 -2.79
C GLY C 147 13.90 -65.97 -1.40
N VAL C 148 12.78 -66.67 -1.02
CA VAL C 148 12.57 -67.32 0.29
C VAL C 148 13.71 -68.29 0.62
N LEU C 149 14.12 -69.12 -0.36
CA LEU C 149 15.25 -70.04 -0.17
C LEU C 149 16.48 -69.54 -0.93
N THR C 150 17.60 -69.36 -0.21
CA THR C 150 18.89 -68.86 -0.71
C THR C 150 19.92 -70.01 -0.83
N LEU C 151 20.68 -70.04 -1.95
CA LEU C 151 21.71 -71.06 -2.19
C LEU C 151 22.97 -70.45 -2.78
N ARG C 152 24.14 -70.87 -2.28
CA ARG C 152 25.45 -70.41 -2.74
C ARG C 152 26.15 -71.55 -3.48
N VAL C 153 26.48 -71.35 -4.78
CA VAL C 153 27.13 -72.33 -5.65
C VAL C 153 28.52 -72.74 -5.12
N LEU C 154 28.66 -74.04 -4.85
CA LEU C 154 29.90 -74.61 -4.25
C LEU C 154 30.95 -74.76 -5.35
N SER C 155 30.60 -75.56 -6.38
CA SER C 155 31.44 -75.83 -7.57
C SER C 155 30.61 -76.62 -8.57
N LYS C 156 31.04 -76.63 -9.84
CA LYS C 156 30.33 -77.37 -10.91
C LYS C 156 30.66 -78.86 -10.79
N GLU C 157 29.84 -79.72 -11.40
CA GLU C 157 30.09 -81.18 -11.31
C GLU C 157 30.14 -81.77 -12.72
N ASP C 158 29.45 -81.14 -13.66
CA ASP C 158 29.41 -81.64 -15.06
C ASP C 158 28.78 -80.57 -15.95
N ASP C 159 27.49 -80.76 -16.24
CA ASP C 159 26.66 -79.82 -17.04
C ASP C 159 25.20 -80.12 -16.67
N CYS C 160 25.00 -80.57 -15.44
CA CYS C 160 23.67 -80.91 -14.89
C CYS C 160 23.57 -80.31 -13.48
N THR C 161 23.88 -81.10 -12.45
CA THR C 161 23.81 -80.61 -11.04
C THR C 161 25.00 -79.71 -10.72
N LEU C 162 24.88 -78.89 -9.67
CA LEU C 162 25.97 -77.98 -9.24
C LEU C 162 26.05 -78.03 -7.70
N LYS C 163 27.24 -78.22 -7.15
CA LYS C 163 27.40 -78.31 -5.68
C LYS C 163 26.80 -77.05 -5.05
N CYS C 164 25.59 -77.16 -4.49
CA CYS C 164 24.94 -75.98 -3.87
C CYS C 164 24.76 -76.20 -2.37
N HIS C 165 25.08 -75.17 -1.58
CA HIS C 165 24.93 -75.18 -0.12
C HIS C 165 23.63 -74.44 0.27
N VAL C 166 22.73 -75.14 0.99
CA VAL C 166 21.44 -74.59 1.44
C VAL C 166 21.71 -73.63 2.60
N ASN C 167 21.29 -72.36 2.45
CA ASN C 167 21.49 -71.29 3.43
C ASN C 167 20.26 -70.99 4.31
N ASN C 168 19.08 -71.57 3.99
CA ASN C 168 17.84 -71.36 4.74
C ASN C 168 16.95 -72.62 4.87
N HIS C 169 15.94 -72.59 5.78
CA HIS C 169 14.98 -73.70 5.98
C HIS C 169 13.62 -73.31 5.38
N HIS C 170 13.24 -73.94 4.24
CA HIS C 170 11.98 -73.72 3.53
C HIS C 170 11.55 -74.96 2.74
N ARG C 171 10.22 -75.11 2.52
CA ARG C 171 9.65 -76.23 1.76
C ARG C 171 9.25 -75.78 0.35
N LEU C 172 9.90 -76.35 -0.68
CA LEU C 172 9.65 -76.04 -2.10
C LEU C 172 8.57 -76.93 -2.73
N THR C 173 7.66 -76.31 -3.51
CA THR C 173 6.56 -76.98 -4.21
C THR C 173 6.95 -77.20 -5.69
N ASP C 174 6.09 -77.90 -6.46
CA ASP C 174 6.27 -78.21 -7.88
C ASP C 174 6.18 -76.95 -8.77
N ARG C 175 7.21 -76.76 -9.65
CA ARG C 175 7.38 -75.67 -10.62
C ARG C 175 7.40 -74.25 -9.99
N LYS C 176 8.15 -74.09 -8.87
CA LYS C 176 8.33 -72.80 -8.18
C LYS C 176 9.38 -71.95 -8.93
N GLY C 177 9.28 -70.62 -8.85
CA GLY C 177 10.15 -69.68 -9.54
C GLY C 177 11.60 -69.61 -9.09
N ILE C 178 12.50 -69.14 -9.99
CA ILE C 178 13.93 -68.95 -9.71
C ILE C 178 14.42 -67.56 -10.17
N ASN C 179 15.09 -66.85 -9.26
CA ASN C 179 15.63 -65.53 -9.51
C ASN C 179 17.12 -65.62 -9.18
N LEU C 180 17.97 -65.62 -10.20
CA LEU C 180 19.40 -65.71 -9.95
C LEU C 180 20.08 -64.33 -10.14
N PRO C 181 20.40 -63.63 -9.02
CA PRO C 181 20.92 -62.26 -9.12
C PRO C 181 22.37 -62.11 -9.57
N GLY C 182 22.66 -60.94 -10.13
CA GLY C 182 23.99 -60.56 -10.62
C GLY C 182 24.27 -60.99 -12.04
N CYS C 183 23.73 -62.15 -12.43
CA CYS C 183 23.92 -62.77 -13.73
C CYS C 183 22.92 -62.27 -14.76
N GLU C 184 23.45 -61.85 -15.91
CA GLU C 184 22.66 -61.36 -17.04
C GLU C 184 21.94 -62.56 -17.68
N VAL C 185 20.60 -62.60 -17.55
CA VAL C 185 19.76 -63.69 -18.06
C VAL C 185 19.40 -63.44 -19.55
N ASP C 186 19.75 -64.41 -20.40
CA ASP C 186 19.53 -64.37 -21.84
C ASP C 186 18.17 -65.01 -22.26
N LEU C 187 17.09 -64.68 -21.51
CA LEU C 187 15.73 -65.14 -21.80
C LEU C 187 15.13 -64.26 -22.92
N PRO C 188 14.07 -64.68 -23.67
CA PRO C 188 13.54 -63.79 -24.72
C PRO C 188 12.84 -62.58 -24.14
N ALA C 189 12.72 -61.51 -24.92
CA ALA C 189 12.04 -60.28 -24.49
C ALA C 189 10.56 -60.57 -24.34
N VAL C 190 9.97 -61.16 -25.41
CA VAL C 190 8.55 -61.48 -25.56
C VAL C 190 8.38 -63.00 -25.81
N SER C 191 7.86 -63.75 -24.79
CA SER C 191 7.63 -65.19 -24.86
C SER C 191 6.53 -65.52 -25.89
N GLU C 192 6.34 -66.82 -26.16
CA GLU C 192 5.32 -67.29 -27.10
C GLU C 192 3.90 -66.93 -26.65
N LYS C 193 3.61 -67.04 -25.32
CA LYS C 193 2.32 -66.66 -24.74
C LYS C 193 2.18 -65.16 -24.80
N ASP C 194 3.29 -64.43 -24.45
CA ASP C 194 3.37 -62.97 -24.44
C ASP C 194 2.92 -62.40 -25.76
N ARG C 195 3.46 -62.91 -26.89
CA ARG C 195 3.11 -62.47 -28.23
C ARG C 195 1.64 -62.68 -28.59
N LYS C 196 1.03 -63.82 -28.16
CA LYS C 196 -0.39 -64.12 -28.37
C LYS C 196 -1.26 -63.23 -27.47
N ASP C 197 -0.77 -62.93 -26.23
CA ASP C 197 -1.41 -62.04 -25.24
C ASP C 197 -1.47 -60.61 -25.82
N LEU C 198 -0.32 -60.12 -26.35
CA LEU C 198 -0.19 -58.79 -26.97
C LEU C 198 -1.08 -58.66 -28.21
N GLN C 199 -1.23 -59.77 -28.97
CA GLN C 199 -2.07 -59.83 -30.17
C GLN C 199 -3.54 -59.61 -29.78
N PHE C 200 -3.96 -60.25 -28.67
CA PHE C 200 -5.31 -60.15 -28.11
C PHE C 200 -5.57 -58.70 -27.69
N GLY C 201 -4.64 -58.15 -26.88
CA GLY C 201 -4.67 -56.79 -26.37
C GLY C 201 -4.75 -55.74 -27.45
N VAL C 202 -3.91 -55.90 -28.50
CA VAL C 202 -3.88 -54.98 -29.65
C VAL C 202 -5.23 -55.01 -30.38
N GLU C 203 -5.77 -56.21 -30.59
CA GLU C 203 -7.05 -56.44 -31.27
C GLU C 203 -8.24 -55.88 -30.44
N GLN C 204 -8.19 -56.08 -29.10
CA GLN C 204 -9.22 -55.63 -28.16
C GLN C 204 -9.12 -54.11 -27.81
N GLY C 205 -8.04 -53.45 -28.22
CA GLY C 205 -7.83 -52.01 -28.03
C GLY C 205 -7.25 -51.54 -26.70
N VAL C 206 -6.27 -52.29 -26.14
CA VAL C 206 -5.61 -51.89 -24.90
C VAL C 206 -4.82 -50.61 -25.15
N ASP C 207 -4.90 -49.65 -24.22
CA ASP C 207 -4.26 -48.34 -24.31
C ASP C 207 -2.74 -48.38 -24.08
N MET C 208 -2.27 -49.27 -23.18
CA MET C 208 -0.88 -49.39 -22.78
C MET C 208 -0.47 -50.78 -22.33
N ILE C 209 0.80 -51.13 -22.59
CA ILE C 209 1.40 -52.44 -22.32
C ILE C 209 2.46 -52.29 -21.23
N PHE C 210 2.34 -53.09 -20.16
CA PHE C 210 3.31 -53.12 -19.08
C PHE C 210 4.20 -54.32 -19.36
N ALA C 211 5.33 -54.07 -20.05
CA ALA C 211 6.29 -55.07 -20.48
C ALA C 211 7.11 -55.63 -19.33
N SER C 212 6.76 -56.85 -18.89
CA SER C 212 7.43 -57.56 -17.79
C SER C 212 8.85 -58.00 -18.14
N PHE C 213 9.72 -57.80 -17.16
CA PHE C 213 11.17 -58.15 -17.22
C PHE C 213 11.85 -57.55 -18.43
N ILE C 214 12.12 -56.26 -18.38
CA ILE C 214 12.88 -55.55 -19.41
C ILE C 214 14.29 -55.34 -18.88
N ARG C 215 15.29 -55.80 -19.65
CA ARG C 215 16.70 -55.76 -19.29
C ARG C 215 17.50 -54.84 -20.21
N THR C 216 17.16 -54.82 -21.53
CA THR C 216 17.85 -53.99 -22.52
C THR C 216 16.87 -53.17 -23.34
N ALA C 217 17.39 -52.16 -24.08
CA ALA C 217 16.59 -51.31 -24.95
C ALA C 217 16.11 -52.07 -26.18
N ASP C 218 16.90 -53.05 -26.64
CA ASP C 218 16.59 -53.91 -27.80
C ASP C 218 15.35 -54.74 -27.51
N GLN C 219 15.19 -55.19 -26.25
CA GLN C 219 14.04 -55.96 -25.76
C GLN C 219 12.77 -55.15 -25.88
N VAL C 220 12.86 -53.82 -25.66
CA VAL C 220 11.75 -52.87 -25.76
C VAL C 220 11.28 -52.80 -27.22
N ARG C 221 12.23 -52.79 -28.15
CA ARG C 221 11.98 -52.73 -29.60
C ARG C 221 11.31 -54.02 -30.08
N GLU C 222 11.68 -55.17 -29.45
CA GLU C 222 11.10 -56.49 -29.72
C GLU C 222 9.60 -56.48 -29.40
N VAL C 223 9.23 -55.83 -28.27
CA VAL C 223 7.85 -55.67 -27.79
C VAL C 223 7.07 -54.77 -28.76
N ARG C 224 7.70 -53.67 -29.24
CA ARG C 224 7.09 -52.73 -30.19
C ARG C 224 6.85 -53.39 -31.55
N ALA C 225 7.77 -54.30 -31.95
CA ALA C 225 7.69 -55.06 -33.18
C ALA C 225 6.54 -56.06 -33.07
N ALA C 226 6.40 -56.71 -31.88
CA ALA C 226 5.34 -57.68 -31.56
C ALA C 226 3.94 -57.05 -31.62
N LEU C 227 3.86 -55.71 -31.52
CA LEU C 227 2.63 -54.92 -31.56
C LEU C 227 2.17 -54.66 -33.00
N GLY C 228 3.13 -54.45 -33.89
CA GLY C 228 2.90 -54.22 -35.31
C GLY C 228 2.27 -52.88 -35.65
N GLU C 229 1.77 -52.76 -36.89
CA GLU C 229 1.12 -51.57 -37.44
C GLU C 229 -0.24 -51.30 -36.78
N LYS C 230 -0.89 -52.36 -36.27
CA LYS C 230 -2.18 -52.25 -35.59
C LYS C 230 -2.00 -51.67 -34.17
N GLY C 231 -0.82 -51.91 -33.58
CA GLY C 231 -0.46 -51.40 -32.26
C GLY C 231 0.73 -50.45 -32.32
N LYS C 232 0.71 -49.53 -33.29
CA LYS C 232 1.77 -48.53 -33.50
C LYS C 232 1.70 -47.44 -32.41
N ASP C 233 0.47 -46.97 -32.13
CA ASP C 233 0.16 -45.90 -31.17
C ASP C 233 0.03 -46.34 -29.68
N THR C 234 0.04 -47.65 -29.37
CA THR C 234 -0.07 -48.12 -27.97
C THR C 234 1.24 -47.90 -27.20
N LEU C 235 1.15 -47.39 -25.96
CA LEU C 235 2.32 -47.09 -25.09
C LEU C 235 3.00 -48.32 -24.54
N ILE C 236 4.33 -48.29 -24.47
CA ILE C 236 5.13 -49.36 -23.88
C ILE C 236 5.76 -48.86 -22.61
N ILE C 237 5.25 -49.32 -21.47
CA ILE C 237 5.78 -48.99 -20.16
C ILE C 237 6.60 -50.19 -19.73
N SER C 238 7.92 -50.05 -19.74
CA SER C 238 8.84 -51.13 -19.39
C SER C 238 8.92 -51.31 -17.90
N LYS C 239 8.82 -52.56 -17.43
CA LYS C 239 8.90 -52.90 -16.02
C LYS C 239 10.35 -53.25 -15.68
N ILE C 240 10.97 -52.46 -14.81
CA ILE C 240 12.33 -52.70 -14.34
C ILE C 240 12.20 -53.63 -13.14
N GLU C 241 12.64 -54.89 -13.30
CA GLU C 241 12.55 -55.85 -12.20
C GLU C 241 13.83 -56.66 -12.05
N ASN C 242 14.93 -56.11 -12.57
CA ASN C 242 16.27 -56.69 -12.60
C ASN C 242 17.35 -55.65 -12.28
N HIS C 243 18.60 -56.12 -12.05
CA HIS C 243 19.76 -55.27 -11.86
C HIS C 243 20.19 -54.81 -13.26
N GLN C 244 19.79 -55.56 -14.31
CA GLN C 244 20.07 -55.30 -15.72
C GLN C 244 19.25 -54.13 -16.19
N GLY C 245 18.01 -54.04 -15.68
CA GLY C 245 17.07 -52.97 -15.99
C GLY C 245 17.60 -51.66 -15.49
N VAL C 246 17.99 -51.62 -14.20
CA VAL C 246 18.56 -50.44 -13.54
C VAL C 246 19.91 -50.04 -14.20
N GLN C 247 20.73 -51.01 -14.68
CA GLN C 247 22.01 -50.72 -15.32
C GLN C 247 21.84 -50.03 -16.67
N ASN C 248 20.87 -50.49 -17.47
CA ASN C 248 20.59 -49.94 -18.81
C ASN C 248 19.34 -49.03 -18.81
N ILE C 249 19.03 -48.42 -17.64
CA ILE C 249 17.83 -47.58 -17.45
C ILE C 249 17.78 -46.42 -18.47
N ASP C 250 18.92 -45.77 -18.73
CA ASP C 250 19.04 -44.66 -19.70
C ASP C 250 18.53 -45.06 -21.10
N ALA C 251 19.01 -46.22 -21.60
CA ALA C 251 18.63 -46.78 -22.90
C ALA C 251 17.19 -47.27 -22.93
N ILE C 252 16.74 -47.92 -21.82
CA ILE C 252 15.38 -48.43 -21.67
C ILE C 252 14.37 -47.28 -21.66
N ILE C 253 14.76 -46.11 -21.08
CA ILE C 253 13.92 -44.91 -21.05
C ILE C 253 13.71 -44.37 -22.48
N GLU C 254 14.82 -44.19 -23.24
CA GLU C 254 14.81 -43.70 -24.63
C GLU C 254 13.91 -44.54 -25.56
N ALA C 255 13.97 -45.87 -25.40
CA ALA C 255 13.22 -46.85 -26.18
C ALA C 255 11.74 -46.97 -25.78
N SER C 256 11.42 -46.86 -24.47
CA SER C 256 10.06 -47.00 -23.93
C SER C 256 9.26 -45.69 -23.95
N ASP C 257 7.93 -45.81 -23.80
CA ASP C 257 7.00 -44.67 -23.72
C ASP C 257 6.86 -44.19 -22.28
N GLY C 258 7.23 -45.07 -21.34
CA GLY C 258 7.20 -44.86 -19.90
C GLY C 258 7.90 -45.99 -19.15
N ILE C 259 7.98 -45.90 -17.81
CA ILE C 259 8.66 -46.89 -16.98
C ILE C 259 7.85 -47.21 -15.71
N MET C 260 7.98 -48.45 -15.20
CA MET C 260 7.37 -48.89 -13.96
C MET C 260 8.47 -49.43 -13.07
N VAL C 261 8.51 -48.96 -11.82
CA VAL C 261 9.45 -49.42 -10.81
C VAL C 261 8.75 -50.62 -10.19
N ALA C 262 8.89 -51.80 -10.83
CA ALA C 262 8.27 -53.06 -10.38
C ALA C 262 9.02 -53.57 -9.16
N ARG C 263 8.79 -52.91 -8.03
CA ARG C 263 9.42 -53.19 -6.73
C ARG C 263 9.26 -54.62 -6.21
N GLY C 264 8.32 -55.37 -6.79
CA GLY C 264 8.03 -56.75 -6.43
C GLY C 264 9.17 -57.70 -6.75
N ASP C 265 9.43 -57.87 -8.06
CA ASP C 265 10.49 -58.76 -8.53
C ASP C 265 11.88 -58.10 -8.40
N LEU C 266 11.93 -56.76 -8.36
CA LEU C 266 13.16 -55.97 -8.23
C LEU C 266 13.73 -56.08 -6.82
N GLY C 267 12.86 -56.32 -5.83
CA GLY C 267 13.22 -56.52 -4.44
C GLY C 267 13.71 -57.92 -4.14
N VAL C 268 13.36 -58.88 -5.03
CA VAL C 268 13.74 -60.30 -4.96
C VAL C 268 15.12 -60.48 -5.64
N GLU C 269 15.36 -59.75 -6.75
CA GLU C 269 16.61 -59.73 -7.51
C GLU C 269 17.69 -58.94 -6.75
N ILE C 270 17.49 -57.60 -6.63
CA ILE C 270 18.38 -56.65 -5.96
C ILE C 270 18.13 -56.64 -4.42
N PRO C 271 19.16 -56.36 -3.56
CA PRO C 271 18.90 -56.30 -2.10
C PRO C 271 17.83 -55.29 -1.74
N ALA C 272 16.98 -55.63 -0.77
CA ALA C 272 15.85 -54.83 -0.32
C ALA C 272 16.13 -53.35 -0.14
N GLU C 273 17.24 -52.99 0.56
CA GLU C 273 17.67 -51.61 0.85
C GLU C 273 18.02 -50.79 -0.39
N LYS C 274 18.44 -51.46 -1.47
CA LYS C 274 18.84 -50.80 -2.71
C LYS C 274 17.65 -50.48 -3.61
N VAL C 275 16.45 -50.99 -3.28
CA VAL C 275 15.25 -50.75 -4.08
C VAL C 275 14.77 -49.29 -3.93
N VAL C 276 15.17 -48.61 -2.82
CA VAL C 276 14.85 -47.19 -2.56
C VAL C 276 15.72 -46.34 -3.49
N VAL C 277 17.04 -46.66 -3.56
CA VAL C 277 18.00 -45.97 -4.43
C VAL C 277 17.62 -46.14 -5.92
N ALA C 278 17.19 -47.36 -6.32
CA ALA C 278 16.74 -47.66 -7.67
C ALA C 278 15.49 -46.84 -7.99
N GLN C 279 14.51 -46.80 -7.05
CA GLN C 279 13.27 -46.04 -7.16
C GLN C 279 13.55 -44.56 -7.46
N MET C 280 14.33 -43.88 -6.57
CA MET C 280 14.71 -42.47 -6.64
C MET C 280 15.40 -42.13 -7.96
N CYS C 281 16.39 -42.96 -8.35
CA CYS C 281 17.16 -42.86 -9.60
C CYS C 281 16.22 -42.95 -10.80
N ILE C 282 15.49 -44.07 -10.94
CA ILE C 282 14.56 -44.34 -12.05
C ILE C 282 13.50 -43.23 -12.19
N ILE C 283 12.87 -42.83 -11.07
CA ILE C 283 11.83 -41.79 -11.04
C ILE C 283 12.37 -40.41 -11.54
N SER C 284 13.56 -39.99 -11.06
CA SER C 284 14.15 -38.70 -11.44
C SER C 284 14.68 -38.68 -12.86
N LYS C 285 15.23 -39.83 -13.30
CA LYS C 285 15.76 -40.06 -14.65
C LYS C 285 14.63 -39.88 -15.67
N CYS C 286 13.43 -40.39 -15.30
CA CYS C 286 12.20 -40.34 -16.07
C CYS C 286 11.68 -38.95 -16.24
N ASN C 287 11.75 -38.15 -15.15
CA ASN C 287 11.27 -36.78 -15.08
C ASN C 287 12.06 -35.91 -16.06
N VAL C 288 13.42 -36.05 -16.07
CA VAL C 288 14.33 -35.31 -16.96
C VAL C 288 13.97 -35.68 -18.42
N ALA C 289 13.61 -36.96 -18.63
CA ALA C 289 13.23 -37.52 -19.93
C ALA C 289 11.84 -37.03 -20.39
N GLY C 290 10.95 -36.81 -19.42
CA GLY C 290 9.58 -36.39 -19.65
C GLY C 290 8.70 -37.54 -20.08
N LYS C 291 8.88 -38.70 -19.41
CA LYS C 291 8.14 -39.94 -19.66
C LYS C 291 7.51 -40.47 -18.35
N PRO C 292 6.26 -41.00 -18.39
CA PRO C 292 5.59 -41.43 -17.14
C PRO C 292 6.31 -42.46 -16.29
N VAL C 293 6.18 -42.33 -14.96
CA VAL C 293 6.79 -43.23 -13.98
C VAL C 293 5.72 -43.80 -13.06
N ILE C 294 5.67 -45.13 -12.93
CA ILE C 294 4.75 -45.81 -12.04
C ILE C 294 5.55 -46.44 -10.91
N CYS C 295 5.17 -46.14 -9.66
CA CYS C 295 5.66 -46.93 -8.50
C CYS C 295 4.75 -48.17 -8.41
N ALA C 296 5.12 -49.26 -7.71
CA ALA C 296 4.21 -50.41 -7.95
C ALA C 296 3.92 -51.47 -6.87
N THR C 297 4.83 -51.82 -5.97
CA THR C 297 4.46 -53.01 -5.16
C THR C 297 4.41 -52.76 -3.66
N GLN C 298 3.38 -53.30 -3.01
CA GLN C 298 3.15 -53.29 -1.54
C GLN C 298 2.98 -51.87 -1.01
N MET C 299 2.43 -50.96 -1.80
CA MET C 299 2.26 -49.58 -1.32
C MET C 299 1.38 -49.55 -0.06
N LEU C 300 0.17 -50.09 -0.15
CA LEU C 300 -0.83 -50.07 0.93
C LEU C 300 -1.29 -51.52 1.14
N GLU C 301 -0.30 -52.44 1.26
CA GLU C 301 -0.43 -53.89 1.41
C GLU C 301 -1.38 -54.33 2.53
N SER C 302 -1.18 -53.83 3.77
CA SER C 302 -2.00 -54.19 4.94
C SER C 302 -3.49 -54.01 4.70
N MET C 303 -3.87 -53.07 3.81
CA MET C 303 -5.25 -52.78 3.47
C MET C 303 -5.93 -53.83 2.54
N THR C 304 -5.29 -55.00 2.38
CA THR C 304 -5.82 -56.15 1.66
C THR C 304 -6.76 -56.88 2.66
N THR C 305 -6.39 -56.85 3.96
CA THR C 305 -7.11 -57.46 5.08
C THR C 305 -7.60 -56.42 6.11
N ASN C 306 -6.77 -55.40 6.42
CA ASN C 306 -7.03 -54.33 7.39
C ASN C 306 -7.82 -53.15 6.83
N PRO C 307 -8.61 -52.42 7.66
CA PRO C 307 -9.36 -51.26 7.13
C PRO C 307 -8.58 -49.95 7.16
N ARG C 308 -7.34 -49.99 7.70
CA ARG C 308 -6.42 -48.85 7.83
C ARG C 308 -4.99 -49.29 7.46
N PRO C 309 -4.20 -48.42 6.78
CA PRO C 309 -2.82 -48.81 6.43
C PRO C 309 -1.83 -48.57 7.56
N THR C 310 -0.63 -49.15 7.43
CA THR C 310 0.43 -49.01 8.42
C THR C 310 1.03 -47.60 8.26
N ARG C 311 1.77 -47.13 9.28
CA ARG C 311 2.46 -45.83 9.25
C ARG C 311 3.43 -45.80 8.07
N ALA C 312 4.07 -46.95 7.79
CA ALA C 312 5.02 -47.16 6.71
C ALA C 312 4.40 -47.02 5.34
N GLU C 313 3.23 -47.63 5.14
CA GLU C 313 2.48 -47.61 3.89
C GLU C 313 2.03 -46.21 3.50
N VAL C 314 1.72 -45.36 4.49
CA VAL C 314 1.32 -43.98 4.21
C VAL C 314 2.54 -43.14 3.74
N THR C 315 3.73 -43.30 4.40
CA THR C 315 4.95 -42.57 4.01
C THR C 315 5.46 -43.03 2.64
N ASP C 316 5.24 -44.30 2.30
CA ASP C 316 5.63 -44.90 1.03
C ASP C 316 4.86 -44.28 -0.16
N VAL C 317 3.55 -44.05 0.01
CA VAL C 317 2.68 -43.45 -1.00
C VAL C 317 3.04 -41.98 -1.15
N ALA C 318 3.31 -41.30 -0.02
CA ALA C 318 3.66 -39.88 0.03
C ALA C 318 5.01 -39.62 -0.63
N ASN C 319 6.02 -40.41 -0.25
CA ASN C 319 7.36 -40.25 -0.79
C ASN C 319 7.50 -40.66 -2.24
N ALA C 320 6.60 -41.51 -2.77
CA ALA C 320 6.62 -41.88 -4.19
C ALA C 320 6.26 -40.63 -4.99
N VAL C 321 5.26 -39.87 -4.49
CA VAL C 321 4.80 -38.60 -5.09
C VAL C 321 5.86 -37.53 -4.95
N PHE C 322 6.51 -37.47 -3.76
CA PHE C 322 7.60 -36.53 -3.50
C PHE C 322 8.78 -36.77 -4.48
N ASN C 323 9.16 -38.05 -4.71
CA ASN C 323 10.23 -38.47 -5.63
C ASN C 323 10.03 -37.94 -7.06
N GLY C 324 8.79 -37.90 -7.51
CA GLY C 324 8.43 -37.40 -8.83
C GLY C 324 7.59 -38.35 -9.65
N ALA C 325 7.05 -39.41 -9.01
CA ALA C 325 6.22 -40.41 -9.68
C ALA C 325 4.92 -39.80 -10.22
N ASP C 326 4.66 -40.04 -11.52
CA ASP C 326 3.46 -39.60 -12.22
C ASP C 326 2.24 -40.40 -11.69
N CYS C 327 2.46 -41.71 -11.36
CA CYS C 327 1.49 -42.72 -10.91
C CYS C 327 1.98 -43.53 -9.71
N VAL C 328 1.02 -44.12 -8.98
CA VAL C 328 1.17 -45.04 -7.86
C VAL C 328 0.25 -46.26 -8.14
N MET C 329 0.65 -47.49 -7.70
CA MET C 329 -0.08 -48.72 -8.01
C MET C 329 -0.45 -49.63 -6.82
N LEU C 330 -1.61 -50.29 -6.92
CA LEU C 330 -2.12 -51.26 -5.93
C LEU C 330 -2.34 -52.61 -6.63
N SER C 331 -1.57 -53.63 -6.23
CA SER C 331 -1.63 -54.97 -6.80
C SER C 331 -1.95 -56.02 -5.74
N GLY C 332 -3.24 -56.35 -5.62
CA GLY C 332 -3.72 -57.32 -4.64
C GLY C 332 -4.60 -56.66 -3.63
N GLU C 333 -4.29 -55.39 -3.34
CA GLU C 333 -5.02 -54.52 -2.43
C GLU C 333 -6.41 -54.24 -3.05
N THR C 334 -6.43 -54.16 -4.40
CA THR C 334 -7.64 -53.97 -5.21
C THR C 334 -8.02 -55.26 -5.94
N ALA C 335 -7.04 -56.14 -6.24
CA ALA C 335 -7.31 -57.39 -6.95
C ALA C 335 -8.03 -58.40 -6.06
N LYS C 336 -7.45 -58.79 -4.92
CA LYS C 336 -8.02 -59.76 -3.97
C LYS C 336 -8.38 -59.18 -2.56
N GLY C 337 -8.25 -57.87 -2.39
CA GLY C 337 -8.48 -57.17 -1.14
C GLY C 337 -9.92 -57.10 -0.65
N LYS C 338 -10.07 -57.02 0.70
CA LYS C 338 -11.34 -56.92 1.45
C LYS C 338 -11.91 -55.51 1.41
N TYR C 339 -11.04 -54.48 1.30
CA TYR C 339 -11.42 -53.06 1.23
C TYR C 339 -10.88 -52.48 -0.09
N PRO C 340 -11.56 -52.73 -1.23
CA PRO C 340 -11.04 -52.24 -2.52
C PRO C 340 -11.24 -50.75 -2.78
N ASN C 341 -12.38 -50.20 -2.35
CA ASN C 341 -12.73 -48.79 -2.50
C ASN C 341 -11.97 -47.93 -1.48
N GLU C 342 -11.91 -48.40 -0.25
CA GLU C 342 -11.28 -47.76 0.90
C GLU C 342 -9.76 -47.53 0.71
N VAL C 343 -9.04 -48.51 0.14
CA VAL C 343 -7.59 -48.44 -0.13
C VAL C 343 -7.26 -47.36 -1.16
N VAL C 344 -8.11 -47.20 -2.20
CA VAL C 344 -7.95 -46.20 -3.26
C VAL C 344 -8.24 -44.82 -2.67
N GLN C 345 -9.25 -44.75 -1.78
CA GLN C 345 -9.66 -43.53 -1.11
C GLN C 345 -8.55 -43.01 -0.21
N TYR C 346 -7.84 -43.92 0.48
CA TYR C 346 -6.70 -43.59 1.35
C TYR C 346 -5.54 -43.08 0.50
N MET C 347 -5.25 -43.77 -0.64
CA MET C 347 -4.17 -43.41 -1.57
C MET C 347 -4.36 -42.01 -2.10
N VAL C 348 -5.60 -41.65 -2.53
CA VAL C 348 -5.96 -40.32 -3.05
C VAL C 348 -5.69 -39.23 -2.00
N ARG C 349 -5.98 -39.53 -0.72
CA ARG C 349 -5.78 -38.59 0.37
C ARG C 349 -4.30 -38.29 0.58
N ILE C 350 -3.44 -39.33 0.56
CA ILE C 350 -1.97 -39.23 0.70
C ILE C 350 -1.37 -38.49 -0.53
N CYS C 351 -1.92 -38.74 -1.75
CA CYS C 351 -1.52 -38.17 -3.04
C CYS C 351 -1.82 -36.67 -3.20
N ILE C 352 -2.76 -36.13 -2.41
CA ILE C 352 -3.07 -34.70 -2.47
C ILE C 352 -2.37 -34.01 -1.31
N GLU C 353 -2.14 -34.76 -0.22
CA GLU C 353 -1.41 -34.25 0.94
C GLU C 353 0.04 -33.99 0.55
N ALA C 354 0.73 -35.02 -0.02
CA ALA C 354 2.12 -34.97 -0.49
C ALA C 354 2.29 -33.89 -1.57
N GLN C 355 1.29 -33.72 -2.45
CA GLN C 355 1.27 -32.72 -3.52
C GLN C 355 1.26 -31.30 -2.91
N SER C 356 0.61 -31.15 -1.75
CA SER C 356 0.54 -29.86 -1.04
C SER C 356 1.84 -29.55 -0.32
N ALA C 357 2.50 -30.59 0.24
CA ALA C 357 3.78 -30.48 0.95
C ALA C 357 4.98 -30.37 -0.02
N THR C 358 4.70 -30.18 -1.34
CA THR C 358 5.67 -30.05 -2.43
C THR C 358 5.85 -28.59 -2.85
N HIS C 359 7.13 -28.19 -2.96
CA HIS C 359 7.61 -26.81 -3.25
C HIS C 359 7.23 -26.31 -4.65
N ASP C 360 6.46 -27.08 -5.41
CA ASP C 360 6.01 -26.64 -6.76
C ASP C 360 7.20 -26.18 -7.62
N SER C 361 7.52 -24.88 -7.55
CA SER C 361 8.59 -24.23 -8.34
C SER C 361 9.85 -25.08 -8.49
N VAL C 362 10.45 -25.47 -7.37
CA VAL C 362 11.69 -26.24 -7.31
C VAL C 362 11.72 -27.36 -8.33
N MET C 363 10.66 -28.16 -8.44
CA MET C 363 10.60 -29.26 -9.39
C MET C 363 10.70 -28.79 -10.83
N PHE C 364 10.04 -27.67 -11.15
CA PHE C 364 10.10 -27.07 -12.49
C PHE C 364 11.52 -26.59 -12.81
N ASN C 365 12.10 -25.78 -11.91
CA ASN C 365 13.44 -25.26 -12.06
C ASN C 365 14.51 -26.37 -12.06
N SER C 366 14.34 -27.46 -11.29
CA SER C 366 15.28 -28.59 -11.28
C SER C 366 15.29 -29.29 -12.64
N ILE C 367 14.10 -29.55 -13.22
CA ILE C 367 13.91 -30.20 -14.53
C ILE C 367 14.40 -29.31 -15.66
N LYS C 368 14.02 -28.00 -15.66
CA LYS C 368 14.41 -27.02 -16.68
C LYS C 368 15.93 -26.84 -16.81
N ASN C 369 16.64 -26.75 -15.67
CA ASN C 369 18.09 -26.53 -15.61
C ASN C 369 18.92 -27.75 -16.08
N LEU C 370 18.31 -28.94 -16.05
CA LEU C 370 18.94 -30.18 -16.48
C LEU C 370 18.69 -30.47 -17.97
N GLN C 371 17.85 -29.65 -18.63
CA GLN C 371 17.52 -29.78 -20.06
C GLN C 371 18.60 -29.14 -20.92
N LYS C 372 18.92 -29.79 -22.06
CA LYS C 372 19.92 -29.34 -23.01
C LYS C 372 19.41 -28.16 -23.83
N ILE C 373 20.25 -27.09 -23.91
CA ILE C 373 19.98 -25.88 -24.66
C ILE C 373 20.88 -25.85 -25.93
N PRO C 374 20.35 -25.52 -27.13
CA PRO C 374 18.99 -25.04 -27.43
C PRO C 374 17.90 -26.10 -27.36
N MET C 375 16.75 -25.69 -26.82
CA MET C 375 15.57 -26.52 -26.70
C MET C 375 14.87 -26.45 -28.04
N SER C 376 14.05 -27.46 -28.35
CA SER C 376 13.25 -27.46 -29.57
C SER C 376 12.17 -26.39 -29.39
N PRO C 377 11.67 -25.72 -30.46
CA PRO C 377 10.62 -24.70 -30.24
C PRO C 377 9.40 -25.21 -29.48
N GLU C 378 9.06 -26.51 -29.66
CA GLU C 378 7.95 -27.22 -29.00
C GLU C 378 8.18 -27.27 -27.49
N GLU C 379 9.42 -27.52 -27.06
CA GLU C 379 9.76 -27.64 -25.65
C GLU C 379 9.91 -26.30 -24.95
N ALA C 380 10.53 -25.31 -25.61
CA ALA C 380 10.71 -23.96 -25.06
C ALA C 380 9.38 -23.25 -24.90
N VAL C 381 8.37 -23.59 -25.73
CA VAL C 381 7.03 -23.00 -25.62
C VAL C 381 6.28 -23.65 -24.42
N CYS C 382 6.45 -24.98 -24.23
CA CYS C 382 5.84 -25.77 -23.15
C CYS C 382 6.41 -25.42 -21.78
N SER C 383 7.76 -25.27 -21.67
CA SER C 383 8.42 -24.89 -20.42
C SER C 383 8.05 -23.45 -20.03
N SER C 384 8.03 -22.52 -21.04
CA SER C 384 7.68 -21.11 -20.86
C SER C 384 6.21 -20.95 -20.46
N ALA C 385 5.36 -21.87 -20.94
CA ALA C 385 3.93 -21.86 -20.65
C ALA C 385 3.75 -22.16 -19.15
N VAL C 386 4.55 -23.11 -18.62
CA VAL C 386 4.58 -23.50 -17.20
C VAL C 386 5.23 -22.39 -16.38
N SER C 387 6.28 -21.72 -16.94
CA SER C 387 6.95 -20.59 -16.29
C SER C 387 5.95 -19.45 -16.10
N SER C 388 5.14 -19.12 -17.16
CA SER C 388 4.08 -18.11 -17.18
C SER C 388 3.03 -18.44 -16.12
N ALA C 389 2.66 -19.72 -16.00
CA ALA C 389 1.67 -20.22 -15.05
C ALA C 389 2.05 -19.91 -13.61
N PHE C 390 3.35 -20.02 -13.28
CA PHE C 390 3.85 -19.74 -11.94
C PHE C 390 3.91 -18.24 -11.69
N GLU C 391 4.29 -17.47 -12.74
CA GLU C 391 4.41 -16.01 -12.76
C GLU C 391 3.08 -15.30 -12.60
N VAL C 392 2.08 -15.58 -13.47
CA VAL C 392 0.73 -14.99 -13.38
C VAL C 392 -0.15 -15.65 -12.30
N GLN C 393 0.33 -16.75 -11.68
CA GLN C 393 -0.40 -17.55 -10.69
C GLN C 393 -1.67 -18.17 -11.32
N ALA C 394 -1.55 -18.68 -12.59
CA ALA C 394 -2.61 -19.30 -13.37
C ALA C 394 -3.26 -20.45 -12.60
N LYS C 395 -4.59 -20.49 -12.61
CA LYS C 395 -5.37 -21.53 -11.92
C LYS C 395 -5.45 -22.85 -12.70
N ALA C 396 -5.11 -22.81 -14.03
CA ALA C 396 -5.08 -23.95 -14.96
C ALA C 396 -4.37 -23.64 -16.28
N ILE C 397 -3.78 -24.68 -16.92
CA ILE C 397 -3.13 -24.61 -18.23
C ILE C 397 -4.01 -25.43 -19.18
N LEU C 398 -4.24 -24.90 -20.40
CA LEU C 398 -5.03 -25.60 -21.42
C LEU C 398 -4.14 -25.90 -22.63
N VAL C 399 -4.13 -27.17 -23.08
CA VAL C 399 -3.32 -27.62 -24.21
C VAL C 399 -4.16 -28.38 -25.22
N LEU C 400 -3.92 -28.11 -26.51
CA LEU C 400 -4.61 -28.78 -27.60
C LEU C 400 -3.64 -29.80 -28.19
N SER C 401 -3.59 -31.02 -27.57
CA SER C 401 -2.68 -32.11 -27.94
C SER C 401 -3.44 -33.35 -28.47
N ASN C 402 -3.35 -33.63 -29.81
CA ASN C 402 -4.02 -34.75 -30.45
C ASN C 402 -3.36 -36.09 -30.11
N THR C 403 -2.01 -36.14 -30.13
CA THR C 403 -1.18 -37.31 -29.80
C THR C 403 -1.07 -37.46 -28.28
N GLY C 404 -0.84 -36.35 -27.60
CA GLY C 404 -0.67 -36.29 -26.15
C GLY C 404 0.75 -35.89 -25.80
N ARG C 405 1.64 -35.88 -26.82
CA ARG C 405 3.06 -35.55 -26.67
C ARG C 405 3.30 -34.12 -26.16
N SER C 406 2.41 -33.17 -26.47
CA SER C 406 2.50 -31.80 -25.97
C SER C 406 2.10 -31.71 -24.50
N ALA C 407 1.00 -32.41 -24.11
CA ALA C 407 0.50 -32.46 -22.74
C ALA C 407 1.52 -33.13 -21.80
N ARG C 408 2.26 -34.14 -22.32
CA ARG C 408 3.32 -34.85 -21.60
C ARG C 408 4.54 -33.94 -21.39
N LEU C 409 4.80 -33.05 -22.39
CA LEU C 409 5.89 -32.07 -22.38
C LEU C 409 5.61 -30.90 -21.44
N ILE C 410 4.33 -30.62 -21.18
CA ILE C 410 3.89 -29.56 -20.26
C ILE C 410 3.94 -30.16 -18.84
N SER C 411 3.44 -31.41 -18.67
CA SER C 411 3.46 -32.13 -17.38
C SER C 411 4.89 -32.41 -16.91
N LYS C 412 5.84 -32.42 -17.86
CA LYS C 412 7.27 -32.64 -17.67
C LYS C 412 7.86 -31.55 -16.79
N TYR C 413 7.31 -30.31 -16.90
CA TYR C 413 7.78 -29.15 -16.16
C TYR C 413 6.99 -28.94 -14.86
N ARG C 414 6.34 -30.01 -14.38
CA ARG C 414 5.59 -30.16 -13.14
C ARG C 414 4.79 -28.96 -12.54
N PRO C 415 3.96 -28.25 -13.35
CA PRO C 415 3.18 -27.13 -12.79
C PRO C 415 2.36 -27.33 -11.51
N ASN C 416 2.06 -26.23 -10.81
CA ASN C 416 1.28 -26.16 -9.56
C ASN C 416 -0.22 -26.42 -9.78
N CYS C 417 -0.71 -26.10 -10.99
CA CYS C 417 -2.10 -26.16 -11.43
C CYS C 417 -2.40 -27.39 -12.31
N PRO C 418 -3.68 -27.76 -12.59
CA PRO C 418 -3.91 -28.90 -13.49
C PRO C 418 -3.76 -28.50 -14.96
N ILE C 419 -3.52 -29.48 -15.82
CA ILE C 419 -3.37 -29.29 -17.27
C ILE C 419 -4.60 -29.90 -17.94
N ILE C 420 -5.31 -29.13 -18.75
CA ILE C 420 -6.49 -29.62 -19.45
C ILE C 420 -6.14 -29.87 -20.90
N CYS C 421 -6.25 -31.14 -21.34
CA CYS C 421 -5.90 -31.54 -22.70
C CYS C 421 -7.11 -31.73 -23.62
N ALA C 422 -7.27 -30.82 -24.60
CA ALA C 422 -8.34 -30.89 -25.58
C ALA C 422 -7.82 -31.72 -26.76
N THR C 423 -8.36 -32.93 -26.94
CA THR C 423 -7.91 -33.86 -27.99
C THR C 423 -9.04 -34.35 -28.90
N THR C 424 -8.66 -34.72 -30.13
CA THR C 424 -9.54 -35.25 -31.17
C THR C 424 -9.51 -36.78 -31.25
N ARG C 425 -8.68 -37.43 -30.39
CA ARG C 425 -8.51 -38.89 -30.33
C ARG C 425 -8.86 -39.41 -28.93
N LEU C 426 -9.77 -40.41 -28.85
CA LEU C 426 -10.22 -40.99 -27.58
C LEU C 426 -9.13 -41.82 -26.88
N LEU C 427 -8.19 -42.39 -27.66
CA LEU C 427 -7.15 -43.17 -27.02
C LEU C 427 -6.23 -42.27 -26.21
N THR C 428 -5.96 -41.04 -26.71
CA THR C 428 -5.18 -39.97 -26.08
C THR C 428 -5.79 -39.59 -24.71
N CYS C 429 -7.13 -39.53 -24.65
CA CYS C 429 -7.89 -39.24 -23.43
C CYS C 429 -7.53 -40.25 -22.36
N ARG C 430 -7.48 -41.56 -22.77
CA ARG C 430 -7.20 -42.72 -21.94
C ARG C 430 -5.73 -42.90 -21.58
N GLN C 431 -4.80 -42.78 -22.56
CA GLN C 431 -3.37 -42.99 -22.33
C GLN C 431 -2.66 -41.77 -21.68
N LEU C 432 -3.42 -40.72 -21.30
CA LEU C 432 -2.91 -39.55 -20.59
C LEU C 432 -3.26 -39.68 -19.10
N ASN C 433 -3.84 -40.83 -18.73
CA ASN C 433 -4.22 -41.18 -17.37
C ASN C 433 -3.01 -41.66 -16.60
N VAL C 434 -1.87 -41.76 -17.30
CA VAL C 434 -0.57 -42.18 -16.76
C VAL C 434 0.38 -40.96 -16.55
N THR C 435 0.00 -39.76 -17.06
CA THR C 435 0.76 -38.53 -16.90
C THR C 435 0.17 -37.53 -15.86
N ARG C 436 1.03 -37.01 -14.99
CA ARG C 436 0.61 -36.13 -13.87
C ARG C 436 0.01 -34.80 -14.28
N SER C 437 -1.01 -34.33 -13.53
CA SER C 437 -1.77 -33.06 -13.67
C SER C 437 -2.77 -33.00 -14.84
N VAL C 438 -2.50 -33.69 -15.94
CA VAL C 438 -3.34 -33.66 -17.17
C VAL C 438 -4.76 -34.16 -16.89
N GLU C 439 -5.72 -33.52 -17.54
CA GLU C 439 -7.16 -33.87 -17.47
C GLU C 439 -7.70 -33.67 -18.88
N SER C 440 -7.85 -34.75 -19.62
CA SER C 440 -8.27 -34.69 -21.02
C SER C 440 -9.79 -34.48 -21.24
N VAL C 441 -10.14 -33.90 -22.41
CA VAL C 441 -11.47 -33.52 -22.88
C VAL C 441 -11.54 -33.81 -24.38
N TYR C 442 -12.52 -34.63 -24.79
CA TYR C 442 -12.62 -35.06 -26.19
C TYR C 442 -13.48 -34.15 -27.05
N TYR C 443 -12.97 -33.85 -28.26
CA TYR C 443 -13.66 -33.06 -29.27
C TYR C 443 -13.96 -33.96 -30.47
N ASP C 444 -15.23 -34.37 -30.60
CA ASP C 444 -15.70 -35.24 -31.68
C ASP C 444 -15.80 -34.41 -32.96
N VAL C 445 -14.80 -34.55 -33.82
CA VAL C 445 -14.69 -33.82 -35.09
C VAL C 445 -15.91 -34.10 -36.01
N ASP C 446 -16.34 -35.37 -36.10
CA ASP C 446 -17.48 -35.81 -36.91
C ASP C 446 -18.84 -35.33 -36.38
N ALA C 447 -18.93 -35.08 -35.05
CA ALA C 447 -20.16 -34.66 -34.39
C ALA C 447 -20.27 -33.15 -34.10
N HIS C 448 -19.24 -32.35 -34.41
CA HIS C 448 -19.29 -30.90 -34.13
C HIS C 448 -18.80 -30.02 -35.27
N GLY C 449 -17.67 -30.39 -35.89
CA GLY C 449 -17.10 -29.62 -36.99
C GLY C 449 -15.60 -29.77 -37.15
N GLU C 450 -15.08 -29.29 -38.28
CA GLU C 450 -13.67 -29.34 -38.66
C GLU C 450 -12.74 -28.57 -37.70
N ASP C 451 -13.23 -27.44 -37.12
CA ASP C 451 -12.53 -26.53 -36.17
C ASP C 451 -11.09 -26.19 -36.62
N ASN C 452 -10.93 -25.81 -37.92
CA ASN C 452 -9.63 -25.47 -38.53
C ASN C 452 -8.94 -24.37 -37.71
N ASP C 453 -9.73 -23.36 -37.27
CA ASP C 453 -9.31 -22.29 -36.36
C ASP C 453 -9.70 -22.84 -34.99
N ARG C 454 -8.70 -23.37 -34.27
CA ARG C 454 -8.81 -24.09 -32.99
C ARG C 454 -9.44 -23.18 -31.88
N GLU C 455 -10.78 -23.03 -31.93
CA GLU C 455 -11.57 -22.19 -31.04
C GLU C 455 -12.68 -22.96 -30.35
N LYS C 456 -13.28 -23.96 -31.03
CA LYS C 456 -14.32 -24.82 -30.44
C LYS C 456 -13.64 -25.70 -29.39
N ARG C 457 -12.41 -26.15 -29.70
CA ARG C 457 -11.55 -26.94 -28.82
C ARG C 457 -11.15 -26.10 -27.59
N VAL C 458 -10.79 -24.83 -27.81
CA VAL C 458 -10.36 -23.88 -26.79
C VAL C 458 -11.52 -23.52 -25.83
N GLN C 459 -12.75 -23.34 -26.38
CA GLN C 459 -13.94 -22.99 -25.60
C GLN C 459 -14.45 -24.17 -24.80
N LEU C 460 -14.21 -25.42 -25.30
CA LEU C 460 -14.59 -26.67 -24.64
C LEU C 460 -13.78 -26.80 -23.34
N GLY C 461 -12.47 -26.57 -23.45
CA GLY C 461 -11.53 -26.69 -22.34
C GLY C 461 -11.76 -25.73 -21.20
N VAL C 462 -11.93 -24.43 -21.53
CA VAL C 462 -12.17 -23.37 -20.54
C VAL C 462 -13.47 -23.64 -19.76
N ASP C 463 -14.48 -24.18 -20.47
CA ASP C 463 -15.79 -24.56 -19.92
C ASP C 463 -15.63 -25.70 -18.92
N TRP C 464 -14.83 -26.74 -19.27
CA TRP C 464 -14.54 -27.91 -18.45
C TRP C 464 -13.85 -27.54 -17.13
N ALA C 465 -12.84 -26.65 -17.22
CA ALA C 465 -12.06 -26.16 -16.09
C ALA C 465 -12.93 -25.35 -15.13
N LYS C 466 -13.90 -24.60 -15.68
CA LYS C 466 -14.85 -23.80 -14.93
C LYS C 466 -15.80 -24.71 -14.14
N THR C 467 -16.43 -25.70 -14.84
CA THR C 467 -17.36 -26.69 -14.26
C THR C 467 -16.70 -27.54 -13.18
N LYS C 468 -15.46 -28.02 -13.42
CA LYS C 468 -14.72 -28.84 -12.46
C LYS C 468 -14.28 -28.03 -11.21
N GLY C 469 -14.50 -26.71 -11.27
CA GLY C 469 -14.25 -25.78 -10.18
C GLY C 469 -12.86 -25.21 -9.99
N TYR C 470 -11.95 -25.39 -10.98
CA TYR C 470 -10.59 -24.89 -10.86
C TYR C 470 -10.48 -23.41 -11.19
N VAL C 471 -11.15 -22.99 -12.29
CA VAL C 471 -11.15 -21.60 -12.72
C VAL C 471 -12.53 -20.96 -12.49
N SER C 472 -12.52 -19.78 -11.85
CA SER C 472 -13.69 -18.95 -11.56
C SER C 472 -13.62 -17.71 -12.46
N ALA C 473 -14.66 -16.84 -12.44
CA ALA C 473 -14.68 -15.64 -13.27
C ALA C 473 -13.53 -14.68 -12.91
N GLY C 474 -12.83 -14.20 -13.94
CA GLY C 474 -11.71 -13.27 -13.81
C GLY C 474 -10.34 -13.92 -13.72
N ASP C 475 -10.30 -15.25 -13.57
CA ASP C 475 -9.06 -16.02 -13.46
C ASP C 475 -8.31 -16.03 -14.79
N VAL C 476 -6.97 -16.14 -14.71
CA VAL C 476 -6.06 -16.18 -15.85
C VAL C 476 -5.64 -17.63 -16.17
N MET C 477 -5.66 -17.98 -17.47
CA MET C 477 -5.31 -19.30 -17.99
C MET C 477 -4.25 -19.20 -19.09
N VAL C 478 -3.30 -20.15 -19.09
CA VAL C 478 -2.25 -20.26 -20.12
C VAL C 478 -2.82 -21.22 -21.17
N ILE C 479 -2.82 -20.80 -22.45
CA ILE C 479 -3.35 -21.62 -23.54
C ILE C 479 -2.24 -21.94 -24.56
N VAL C 480 -2.00 -23.25 -24.79
CA VAL C 480 -0.97 -23.74 -25.70
C VAL C 480 -1.53 -24.51 -26.88
N HIS C 481 -1.19 -24.06 -28.11
CA HIS C 481 -1.56 -24.67 -29.40
C HIS C 481 -0.63 -24.12 -30.49
N ALA C 482 -0.98 -24.27 -31.78
CA ALA C 482 -0.20 -23.74 -32.89
C ALA C 482 -1.03 -22.71 -33.66
N ASP C 483 -0.37 -21.90 -34.52
CA ASP C 483 -1.11 -20.91 -35.33
C ASP C 483 -1.79 -21.60 -36.54
N HIS C 484 -2.46 -20.80 -37.38
CA HIS C 484 -3.20 -21.22 -38.59
C HIS C 484 -2.29 -21.83 -39.67
N SER C 485 -1.01 -21.37 -39.75
CA SER C 485 0.00 -21.81 -40.72
C SER C 485 0.69 -23.15 -40.37
N VAL C 486 1.26 -23.27 -39.15
CA VAL C 486 1.96 -24.48 -38.72
C VAL C 486 1.01 -25.46 -37.98
N LYS C 487 1.36 -26.76 -38.03
CA LYS C 487 0.61 -27.85 -37.40
C LYS C 487 1.57 -28.98 -37.03
N GLY C 488 1.10 -29.88 -36.16
CA GLY C 488 1.88 -31.02 -35.69
C GLY C 488 2.68 -30.78 -34.43
N TYR C 489 2.98 -29.49 -34.15
CA TYR C 489 3.72 -29.08 -32.97
C TYR C 489 3.27 -27.70 -32.46
N PRO C 490 3.17 -27.46 -31.13
CA PRO C 490 2.75 -26.13 -30.67
C PRO C 490 3.87 -25.08 -30.73
N ASN C 491 3.49 -23.82 -31.02
CA ASN C 491 4.41 -22.68 -31.09
C ASN C 491 3.81 -21.47 -30.36
N GLN C 492 2.47 -21.41 -30.32
CA GLN C 492 1.67 -20.36 -29.70
C GLN C 492 1.40 -20.62 -28.23
N THR C 493 1.49 -19.56 -27.42
CA THR C 493 1.21 -19.52 -25.99
C THR C 493 0.48 -18.19 -25.72
N ARG C 494 -0.67 -18.22 -25.04
CA ARG C 494 -1.42 -17.01 -24.75
C ARG C 494 -2.04 -17.01 -23.38
N LEU C 495 -1.94 -15.88 -22.67
CA LEU C 495 -2.48 -15.70 -21.34
C LEU C 495 -3.85 -15.04 -21.50
N VAL C 496 -4.92 -15.85 -21.36
CA VAL C 496 -6.31 -15.44 -21.54
C VAL C 496 -6.98 -15.48 -20.16
N ARG C 497 -7.86 -14.49 -19.88
CA ARG C 497 -8.65 -14.45 -18.65
C ARG C 497 -10.07 -14.91 -18.98
N VAL C 498 -10.77 -15.53 -18.00
CA VAL C 498 -12.13 -16.06 -18.21
C VAL C 498 -13.23 -15.13 -17.68
N SER D 2 -0.81 10.54 27.70
CA SER D 2 -0.02 10.21 28.87
C SER D 2 1.40 10.79 28.76
N GLN D 3 1.81 11.58 29.77
CA GLN D 3 3.11 12.23 29.89
C GLN D 3 4.20 11.19 30.08
N LEU D 4 3.88 10.13 30.83
CA LEU D 4 4.81 9.02 31.07
C LEU D 4 5.16 8.31 29.75
N GLN D 5 4.15 8.02 28.93
CA GLN D 5 4.30 7.38 27.62
C GLN D 5 5.05 8.28 26.63
N HIS D 6 4.86 9.61 26.75
CA HIS D 6 5.53 10.59 25.90
C HIS D 6 7.00 10.61 26.23
N ASN D 7 7.33 10.73 27.53
CA ASN D 7 8.69 10.79 28.07
C ASN D 7 9.51 9.58 27.71
N ILE D 8 8.96 8.35 27.89
CA ILE D 8 9.64 7.10 27.57
C ILE D 8 9.97 7.02 26.05
N GLY D 9 9.39 7.89 25.23
CA GLY D 9 9.69 7.95 23.81
C GLY D 9 10.29 9.28 23.38
N LEU D 10 11.24 9.80 24.16
CA LEU D 10 11.92 11.06 23.85
C LEU D 10 13.35 10.74 23.41
N SER D 11 13.73 11.19 22.21
CA SER D 11 15.07 10.98 21.65
C SER D 11 15.95 12.19 21.90
N ILE D 12 17.11 11.93 22.50
CA ILE D 12 18.13 12.94 22.78
C ILE D 12 18.91 13.22 21.48
N PHE D 13 18.76 12.34 20.46
CA PHE D 13 19.44 12.44 19.16
C PHE D 13 18.56 12.92 18.00
N GLU D 14 17.25 13.11 18.22
CA GLU D 14 16.33 13.59 17.18
C GLU D 14 16.51 15.10 16.90
N PRO D 15 16.22 15.59 15.66
CA PRO D 15 16.39 17.03 15.40
C PRO D 15 15.29 17.89 15.98
N VAL D 16 15.69 19.06 16.51
CA VAL D 16 14.85 20.07 17.13
C VAL D 16 13.99 20.81 16.08
N ALA D 17 13.01 21.61 16.55
CA ALA D 17 12.11 22.38 15.68
C ALA D 17 12.85 23.48 14.93
N LYS D 18 12.38 23.81 13.72
CA LYS D 18 12.97 24.84 12.85
C LYS D 18 12.79 26.24 13.43
N HIS D 19 11.55 26.59 13.84
CA HIS D 19 11.18 27.88 14.45
C HIS D 19 11.31 27.82 15.98
N ARG D 20 11.42 28.99 16.63
CA ARG D 20 11.41 29.12 18.10
C ARG D 20 10.09 29.80 18.47
N ALA D 21 9.28 29.10 19.27
CA ALA D 21 7.96 29.55 19.69
C ALA D 21 7.99 30.46 20.90
N ASN D 22 8.77 30.11 21.93
CA ASN D 22 8.89 30.91 23.15
C ASN D 22 9.67 32.21 22.91
N ARG D 23 9.42 33.24 23.75
CA ARG D 23 10.05 34.55 23.64
C ARG D 23 10.99 34.93 24.79
N ILE D 24 12.06 35.69 24.49
CA ILE D 24 13.02 36.10 25.52
C ILE D 24 13.11 37.60 25.86
N ILE D 25 13.08 37.93 27.16
CA ILE D 25 13.11 39.31 27.69
C ILE D 25 14.43 39.51 28.42
N CYS D 26 15.17 40.59 28.09
CA CYS D 26 16.45 40.91 28.71
C CYS D 26 16.45 42.28 29.36
N THR D 27 16.99 42.38 30.59
CA THR D 27 17.12 43.62 31.32
C THR D 27 18.38 44.34 30.85
N ILE D 28 18.20 45.58 30.37
CA ILE D 28 19.29 46.39 29.87
C ILE D 28 20.02 47.05 31.03
N GLY D 29 21.34 46.90 31.07
CA GLY D 29 22.17 47.47 32.10
C GLY D 29 23.50 47.98 31.57
N PRO D 30 24.52 48.15 32.43
CA PRO D 30 25.83 48.66 31.95
C PRO D 30 26.47 47.76 30.89
N SER D 31 26.42 46.43 31.10
CA SER D 31 26.94 45.41 30.19
C SER D 31 26.26 45.39 28.83
N THR D 32 24.98 45.83 28.75
CA THR D 32 24.20 45.79 27.51
C THR D 32 23.54 47.11 27.05
N GLN D 33 24.01 48.29 27.49
CA GLN D 33 23.40 49.54 27.04
C GLN D 33 23.89 49.97 25.62
N SER D 34 25.12 49.57 25.23
CA SER D 34 25.71 49.87 23.93
C SER D 34 24.84 49.41 22.74
N VAL D 35 24.80 50.21 21.65
CA VAL D 35 24.04 49.88 20.43
C VAL D 35 24.59 48.57 19.80
N GLU D 36 25.89 48.30 20.00
CA GLU D 36 26.58 47.09 19.53
C GLU D 36 26.23 45.90 20.45
N ALA D 37 26.10 46.15 21.77
CA ALA D 37 25.75 45.15 22.78
C ALA D 37 24.28 44.74 22.63
N LEU D 38 23.42 45.71 22.25
CA LEU D 38 21.99 45.50 22.01
C LEU D 38 21.77 44.75 20.71
N LYS D 39 22.51 45.11 19.65
CA LYS D 39 22.46 44.43 18.35
C LYS D 39 22.94 42.97 18.55
N GLY D 40 23.73 42.74 19.59
CA GLY D 40 24.24 41.45 20.00
C GLY D 40 23.19 40.62 20.72
N LEU D 41 22.39 41.25 21.61
CA LEU D 41 21.30 40.59 22.35
C LEU D 41 20.19 40.19 21.39
N MET D 42 19.79 41.11 20.48
CA MET D 42 18.75 40.94 19.46
C MET D 42 19.11 39.82 18.50
N LYS D 43 20.40 39.72 18.12
CA LYS D 43 20.92 38.68 17.23
C LYS D 43 20.93 37.33 17.95
N SER D 44 21.15 37.32 19.29
CA SER D 44 21.19 36.12 20.13
C SER D 44 19.81 35.56 20.48
N GLY D 45 18.79 36.44 20.61
CA GLY D 45 17.43 36.02 20.92
C GLY D 45 16.46 37.04 21.51
N MET D 46 16.94 38.23 21.94
CA MET D 46 16.07 39.26 22.57
C MET D 46 14.90 39.71 21.70
N SER D 47 13.68 39.55 22.26
CA SER D 47 12.42 39.94 21.63
C SER D 47 11.86 41.20 22.31
N VAL D 48 12.13 41.37 23.62
CA VAL D 48 11.68 42.52 24.41
C VAL D 48 12.84 43.03 25.27
N ALA D 49 13.10 44.35 25.21
CA ALA D 49 14.10 45.01 26.04
C ALA D 49 13.48 45.54 27.34
N ARG D 50 14.01 45.10 28.51
CA ARG D 50 13.54 45.63 29.80
C ARG D 50 14.35 46.64 30.60
N MET D 51 13.65 47.68 31.11
CA MET D 51 14.17 48.85 31.81
C MET D 51 13.68 48.79 33.24
N ASN D 52 14.59 48.53 34.19
CA ASN D 52 14.22 48.48 35.61
C ASN D 52 14.32 49.88 36.20
N PHE D 53 13.16 50.50 36.46
CA PHE D 53 13.02 51.85 36.98
C PHE D 53 13.21 51.93 38.50
N SER D 54 13.58 50.82 39.16
CA SER D 54 13.88 50.77 40.60
C SER D 54 15.12 51.63 40.87
N HIS D 55 15.98 51.78 39.83
CA HIS D 55 17.19 52.61 39.79
C HIS D 55 17.28 53.29 38.41
N GLY D 56 18.23 54.20 38.26
CA GLY D 56 18.48 54.90 37.01
C GLY D 56 17.62 56.14 36.79
N SER D 57 18.26 57.19 36.26
CA SER D 57 17.66 58.49 35.94
C SER D 57 16.90 58.43 34.61
N TYR D 58 16.05 59.44 34.33
CA TYR D 58 15.30 59.53 33.07
C TYR D 58 16.23 59.80 31.89
N GLU D 59 17.35 60.47 32.15
CA GLU D 59 18.39 60.80 31.17
C GLU D 59 19.05 59.49 30.70
N TYR D 60 19.27 58.55 31.65
CA TYR D 60 19.85 57.22 31.43
C TYR D 60 18.87 56.27 30.73
N HIS D 61 17.56 56.32 31.10
CA HIS D 61 16.57 55.44 30.49
C HIS D 61 16.22 55.83 29.05
N GLN D 62 16.38 57.11 28.68
CA GLN D 62 16.14 57.51 27.29
C GLN D 62 17.35 57.14 26.42
N THR D 63 18.54 56.97 27.06
CA THR D 63 19.79 56.55 26.42
C THR D 63 19.58 55.11 25.93
N THR D 64 18.95 54.25 26.77
CA THR D 64 18.64 52.86 26.38
C THR D 64 17.49 52.86 25.36
N ILE D 65 16.37 53.65 25.57
CA ILE D 65 15.25 53.77 24.61
C ILE D 65 15.81 54.07 23.20
N ASN D 66 16.70 55.06 23.08
CA ASN D 66 17.28 55.46 21.80
C ASN D 66 18.20 54.42 21.18
N ASN D 67 19.02 53.75 22.02
CA ASN D 67 19.98 52.70 21.61
C ASN D 67 19.30 51.41 21.16
N VAL D 68 18.22 50.99 21.85
CA VAL D 68 17.46 49.79 21.47
C VAL D 68 16.79 50.04 20.09
N ARG D 69 16.17 51.25 19.91
CA ARG D 69 15.48 51.69 18.70
C ARG D 69 16.43 51.78 17.52
N ALA D 70 17.69 52.17 17.78
CA ALA D 70 18.75 52.30 16.78
C ALA D 70 19.20 50.91 16.33
N ALA D 71 19.49 50.01 17.29
CA ALA D 71 19.93 48.63 17.05
C ALA D 71 18.83 47.83 16.34
N ALA D 72 17.54 48.06 16.69
CA ALA D 72 16.38 47.40 16.09
C ALA D 72 16.24 47.81 14.63
N ALA D 73 16.30 49.12 14.35
CA ALA D 73 16.20 49.69 13.00
C ALA D 73 17.37 49.27 12.10
N GLU D 74 18.57 49.12 12.70
CA GLU D 74 19.80 48.70 12.02
C GLU D 74 19.66 47.26 11.50
N LEU D 75 19.17 46.33 12.36
CA LEU D 75 18.96 44.92 12.03
C LEU D 75 17.62 44.66 11.30
N GLY D 76 16.73 45.65 11.36
CA GLY D 76 15.41 45.61 10.72
C GLY D 76 14.42 44.73 11.46
N LEU D 77 14.39 44.82 12.81
CA LEU D 77 13.51 44.02 13.68
C LEU D 77 12.64 44.90 14.58
N HIS D 78 11.54 44.33 15.11
CA HIS D 78 10.63 45.02 16.04
C HIS D 78 10.85 44.44 17.43
N ILE D 79 11.40 45.26 18.34
CA ILE D 79 11.68 44.85 19.73
C ILE D 79 10.82 45.70 20.65
N GLY D 80 10.13 45.04 21.58
CA GLY D 80 9.25 45.71 22.53
C GLY D 80 10.02 46.42 23.61
N ILE D 81 9.58 47.62 24.00
CA ILE D 81 10.21 48.41 25.06
C ILE D 81 9.36 48.29 26.32
N ALA D 82 9.97 47.73 27.38
CA ALA D 82 9.30 47.45 28.65
C ALA D 82 9.77 48.31 29.80
N LEU D 83 8.80 48.79 30.59
CA LEU D 83 9.06 49.67 31.72
C LEU D 83 8.65 48.96 32.99
N ASP D 84 9.65 48.46 33.73
CA ASP D 84 9.41 47.79 35.00
C ASP D 84 9.46 48.87 36.07
N THR D 85 8.29 49.26 36.59
CA THR D 85 8.19 50.33 37.59
C THR D 85 8.91 49.98 38.92
N LYS D 86 9.29 51.03 39.68
CA LYS D 86 9.94 50.88 40.98
C LYS D 86 8.94 50.29 41.99
N GLY D 87 7.69 50.74 41.91
CA GLY D 87 6.57 50.28 42.74
C GLY D 87 6.60 50.76 44.19
N PRO D 88 5.47 50.63 44.92
CA PRO D 88 5.46 51.03 46.34
C PRO D 88 6.48 50.26 47.18
N GLU D 89 7.44 50.98 47.78
CA GLU D 89 8.54 50.39 48.56
C GLU D 89 8.46 50.76 50.04
N ILE D 90 8.75 49.80 50.91
CA ILE D 90 8.83 49.98 52.37
C ILE D 90 10.32 49.82 52.71
N ARG D 91 11.00 50.95 52.94
CA ARG D 91 12.44 51.00 53.25
C ARG D 91 12.69 51.44 54.71
N THR D 92 13.86 51.09 55.26
CA THR D 92 14.20 51.48 56.63
C THR D 92 14.76 52.91 56.65
N GLY D 93 15.18 53.35 57.83
CA GLY D 93 15.79 54.66 58.04
C GLY D 93 17.31 54.59 57.90
N LEU D 94 18.00 55.67 58.26
CA LEU D 94 19.46 55.75 58.21
C LEU D 94 20.04 55.15 59.49
N PHE D 95 21.11 54.36 59.31
CA PHE D 95 21.82 53.71 60.43
C PHE D 95 22.90 54.66 60.95
N LYS D 96 22.66 55.26 62.12
CA LYS D 96 23.63 56.22 62.72
C LYS D 96 25.02 55.58 62.81
N ASP D 97 26.03 56.33 62.35
CA ASP D 97 27.46 55.94 62.33
C ASP D 97 27.71 54.88 61.26
N GLY D 98 26.85 54.80 60.24
CA GLY D 98 27.09 53.88 59.13
C GLY D 98 26.14 52.70 59.04
N GLU D 99 26.48 51.61 59.72
CA GLU D 99 25.64 50.38 59.63
C GLU D 99 25.36 49.80 61.02
N ALA D 100 24.28 49.03 61.13
CA ALA D 100 23.89 48.37 62.39
C ALA D 100 24.00 46.86 62.17
N THR D 101 24.43 46.12 63.19
CA THR D 101 24.60 44.66 63.08
C THR D 101 23.68 43.96 64.09
N TYR D 102 23.18 42.78 63.75
CA TYR D 102 22.24 42.04 64.61
C TYR D 102 22.67 40.58 64.80
N ALA D 103 22.45 40.05 66.02
CA ALA D 103 22.81 38.70 66.44
C ALA D 103 21.59 37.88 66.90
N PRO D 104 21.57 36.54 66.62
CA PRO D 104 20.40 35.72 67.01
C PRO D 104 20.08 35.68 68.50
N GLY D 105 19.00 36.37 68.87
CA GLY D 105 18.53 36.43 70.25
C GLY D 105 18.20 37.82 70.76
N ASP D 106 18.84 38.86 70.16
CA ASP D 106 18.70 40.28 70.49
C ASP D 106 17.25 40.81 70.41
N THR D 107 16.95 41.85 71.23
CA THR D 107 15.63 42.48 71.26
C THR D 107 15.70 43.85 70.57
N VAL D 108 15.26 43.90 69.29
CA VAL D 108 15.27 45.12 68.50
C VAL D 108 13.91 45.85 68.52
N LEU D 109 13.93 47.17 68.23
CA LEU D 109 12.75 48.01 68.20
C LEU D 109 12.52 48.62 66.82
N VAL D 110 11.34 48.39 66.23
CA VAL D 110 10.98 48.94 64.93
C VAL D 110 9.98 50.06 65.16
N THR D 111 10.43 51.33 64.99
CA THR D 111 9.61 52.51 65.25
C THR D 111 9.13 53.23 63.99
N THR D 112 7.89 53.74 64.02
CA THR D 112 7.28 54.50 62.93
C THR D 112 7.36 56.00 63.19
N ASP D 113 7.93 56.42 64.37
CA ASP D 113 8.15 57.82 64.73
C ASP D 113 9.40 58.32 63.97
N PRO D 114 9.24 59.34 63.08
CA PRO D 114 10.40 59.80 62.27
C PRO D 114 11.57 60.41 63.05
N ALA D 115 11.52 60.33 64.39
CA ALA D 115 12.59 60.80 65.28
C ALA D 115 13.81 59.86 65.17
N PHE D 116 13.53 58.59 64.85
CA PHE D 116 14.53 57.52 64.68
C PHE D 116 14.92 57.36 63.19
N GLU D 117 14.45 58.28 62.30
CA GLU D 117 14.74 58.25 60.87
C GLU D 117 16.22 58.43 60.56
N LYS D 118 16.81 59.54 61.01
CA LYS D 118 18.23 59.83 60.79
C LYS D 118 19.12 59.15 61.84
N ILE D 119 18.58 58.91 63.05
CA ILE D 119 19.30 58.28 64.17
C ILE D 119 18.79 56.86 64.48
N GLY D 120 19.28 55.89 63.72
CA GLY D 120 18.90 54.48 63.86
C GLY D 120 20.00 53.60 64.40
N THR D 121 19.92 53.24 65.69
CA THR D 121 20.92 52.39 66.37
C THR D 121 20.62 50.88 66.23
N LYS D 122 21.56 50.02 66.66
CA LYS D 122 21.43 48.56 66.63
C LYS D 122 20.39 48.01 67.62
N GLU D 123 19.63 48.90 68.28
CA GLU D 123 18.59 48.57 69.26
C GLU D 123 17.23 49.11 68.83
N LYS D 124 17.21 50.20 68.03
CA LYS D 124 16.00 50.83 67.52
C LYS D 124 16.23 51.52 66.19
N PHE D 125 15.28 51.34 65.23
CA PHE D 125 15.33 51.92 63.88
C PHE D 125 13.95 52.23 63.29
N TYR D 126 13.93 53.13 62.28
CA TYR D 126 12.73 53.61 61.60
C TYR D 126 12.35 52.78 60.36
N VAL D 127 11.03 52.70 60.06
CA VAL D 127 10.45 51.99 58.92
C VAL D 127 9.41 52.90 58.23
N ASP D 128 9.50 53.04 56.90
CA ASP D 128 8.65 53.84 55.99
C ASP D 128 7.14 53.71 56.24
N TYR D 129 6.65 52.47 56.46
CA TYR D 129 5.24 52.15 56.66
C TYR D 129 4.70 52.68 57.99
N PRO D 130 3.69 53.60 57.96
CA PRO D 130 3.16 54.13 59.23
C PRO D 130 2.24 53.13 59.92
N GLN D 131 1.41 52.43 59.11
CA GLN D 131 0.43 51.42 59.54
C GLN D 131 1.11 50.08 59.93
N LEU D 132 2.44 50.09 60.12
CA LEU D 132 3.27 48.92 60.48
C LEU D 132 2.95 48.32 61.85
N PRO D 133 2.91 49.07 63.00
CA PRO D 133 2.62 48.40 64.28
C PRO D 133 1.18 47.88 64.43
N ASN D 134 0.24 48.52 63.72
CA ASN D 134 -1.18 48.19 63.71
C ASN D 134 -1.48 46.94 62.88
N VAL D 135 -0.95 46.88 61.64
CA VAL D 135 -1.14 45.74 60.71
C VAL D 135 -0.39 44.48 61.18
N VAL D 136 0.89 44.65 61.56
CA VAL D 136 1.73 43.55 62.03
C VAL D 136 1.44 43.26 63.50
N ARG D 137 0.90 42.08 63.78
CA ARG D 137 0.53 41.62 65.13
C ARG D 137 1.59 40.66 65.71
N PRO D 138 1.76 40.58 67.07
CA PRO D 138 2.77 39.64 67.65
C PRO D 138 2.68 38.18 67.17
N GLY D 139 3.85 37.60 66.98
CA GLY D 139 4.01 36.26 66.43
C GLY D 139 4.44 36.35 64.98
N GLY D 140 4.01 37.43 64.34
CA GLY D 140 4.29 37.74 62.94
C GLY D 140 5.74 38.05 62.67
N LEU D 141 6.12 37.85 61.40
CA LEU D 141 7.47 38.04 60.87
C LEU D 141 7.61 39.30 60.05
N ILE D 142 8.82 39.86 60.07
CA ILE D 142 9.22 41.04 59.30
C ILE D 142 10.55 40.67 58.62
N TYR D 143 10.64 40.87 57.29
CA TYR D 143 11.86 40.55 56.56
C TYR D 143 12.61 41.79 56.11
N VAL D 144 13.88 41.89 56.52
CA VAL D 144 14.74 43.04 56.21
C VAL D 144 15.88 42.62 55.27
N ASP D 145 16.11 43.42 54.21
CA ASP D 145 17.14 43.26 53.17
C ASP D 145 16.97 41.95 52.38
N ASP D 146 15.87 41.90 51.58
CA ASP D 146 15.48 40.77 50.74
C ASP D 146 15.34 39.46 51.56
N GLY D 147 14.72 39.58 52.74
CA GLY D 147 14.47 38.46 53.64
C GLY D 147 15.67 37.84 54.35
N VAL D 148 16.90 38.39 54.09
CA VAL D 148 18.17 37.93 54.69
C VAL D 148 18.10 37.94 56.23
N LEU D 149 17.56 39.05 56.81
CA LEU D 149 17.37 39.20 58.24
C LEU D 149 15.88 39.00 58.58
N THR D 150 15.60 38.06 59.51
CA THR D 150 14.26 37.69 59.98
C THR D 150 14.05 38.25 61.40
N LEU D 151 12.90 38.91 61.65
CA LEU D 151 12.58 39.47 62.96
C LEU D 151 11.12 39.09 63.30
N ARG D 152 10.88 38.62 64.53
CA ARG D 152 9.53 38.22 64.98
C ARG D 152 8.96 39.21 65.97
N VAL D 153 7.74 39.72 65.73
CA VAL D 153 7.08 40.67 66.65
C VAL D 153 6.70 39.96 67.97
N LEU D 154 7.21 40.50 69.08
CA LEU D 154 6.99 40.00 70.45
C LEU D 154 5.85 40.74 71.15
N SER D 155 5.94 42.09 71.21
CA SER D 155 4.95 42.97 71.83
C SER D 155 4.91 44.40 71.28
N LYS D 156 3.76 45.10 71.42
CA LYS D 156 3.62 46.50 71.01
C LYS D 156 4.12 47.44 72.11
N GLU D 157 5.31 48.02 71.92
CA GLU D 157 5.93 48.90 72.91
C GLU D 157 5.20 50.25 72.86
N ASP D 158 5.37 50.98 71.75
CA ASP D 158 4.69 52.25 71.48
C ASP D 158 3.54 52.11 70.48
N ASP D 159 2.83 53.22 70.16
CA ASP D 159 1.75 53.21 69.17
C ASP D 159 2.50 53.35 67.83
N CYS D 160 3.83 53.51 67.90
CA CYS D 160 4.76 53.66 66.79
C CYS D 160 5.83 52.55 66.77
N THR D 161 6.21 52.03 67.97
CA THR D 161 7.24 51.00 68.12
C THR D 161 6.70 49.57 68.30
N LEU D 162 7.56 48.57 67.98
CA LEU D 162 7.33 47.12 68.10
C LEU D 162 8.60 46.41 68.61
N LYS D 163 8.48 45.67 69.74
CA LYS D 163 9.56 44.87 70.32
C LYS D 163 9.67 43.58 69.51
N CYS D 164 10.87 43.32 68.93
CA CYS D 164 11.13 42.18 68.04
C CYS D 164 12.30 41.31 68.46
N HIS D 165 12.26 40.00 68.13
CA HIS D 165 13.32 39.02 68.39
C HIS D 165 14.10 38.75 67.10
N VAL D 166 15.44 38.93 67.15
CA VAL D 166 16.34 38.73 66.00
C VAL D 166 16.52 37.23 65.79
N ASN D 167 16.14 36.71 64.60
CA ASN D 167 16.21 35.28 64.31
C ASN D 167 17.52 34.82 63.69
N ASN D 168 18.30 35.73 63.07
CA ASN D 168 19.59 35.36 62.43
C ASN D 168 20.61 36.50 62.44
N HIS D 169 21.89 36.18 62.14
CA HIS D 169 22.97 37.15 62.17
C HIS D 169 23.12 37.83 60.82
N HIS D 170 22.88 39.16 60.78
CA HIS D 170 22.97 39.99 59.56
C HIS D 170 23.28 41.46 59.91
N ARG D 171 24.01 42.15 59.00
CA ARG D 171 24.36 43.57 59.17
C ARG D 171 23.52 44.41 58.19
N LEU D 172 22.68 45.30 58.74
CA LEU D 172 21.79 46.17 57.99
C LEU D 172 22.43 47.53 57.61
N THR D 173 22.26 47.95 56.34
CA THR D 173 22.76 49.22 55.80
C THR D 173 21.64 50.28 55.82
N ASP D 174 21.97 51.54 55.46
CA ASP D 174 21.02 52.66 55.43
C ASP D 174 19.99 52.53 54.30
N ARG D 175 18.69 52.67 54.66
CA ARG D 175 17.49 52.61 53.80
C ARG D 175 17.34 51.26 53.03
N LYS D 176 17.57 50.11 53.73
CA LYS D 176 17.40 48.75 53.19
C LYS D 176 15.90 48.39 53.18
N GLY D 177 15.49 47.50 52.28
CA GLY D 177 14.09 47.10 52.12
C GLY D 177 13.48 46.24 53.22
N ILE D 178 12.18 46.46 53.49
CA ILE D 178 11.40 45.73 54.49
C ILE D 178 10.14 45.12 53.88
N ASN D 179 10.05 43.77 53.83
CA ASN D 179 8.91 43.01 53.30
C ASN D 179 8.12 42.41 54.48
N LEU D 180 6.77 42.43 54.40
CA LEU D 180 5.90 41.87 55.47
C LEU D 180 5.14 40.63 54.98
N PRO D 181 5.57 39.42 55.36
CA PRO D 181 4.91 38.20 54.87
C PRO D 181 3.53 37.94 55.44
N GLY D 182 2.68 37.41 54.57
CA GLY D 182 1.32 36.96 54.86
C GLY D 182 0.32 37.99 55.34
N CYS D 183 0.53 39.28 55.02
CA CYS D 183 -0.42 40.32 55.41
C CYS D 183 -0.61 41.36 54.31
N GLU D 184 -1.87 41.85 54.19
CA GLU D 184 -2.30 42.81 53.20
C GLU D 184 -1.74 44.20 53.46
N VAL D 185 -0.83 44.64 52.59
CA VAL D 185 -0.20 45.96 52.70
C VAL D 185 -1.02 46.99 51.90
N ASP D 186 -1.56 48.01 52.61
CA ASP D 186 -2.41 49.05 52.01
C ASP D 186 -1.60 50.23 51.43
N LEU D 187 -0.53 49.89 50.68
CA LEU D 187 0.33 50.86 49.99
C LEU D 187 -0.37 51.32 48.70
N PRO D 188 0.00 52.47 48.07
CA PRO D 188 -0.69 52.87 46.83
C PRO D 188 -0.32 51.94 45.67
N ALA D 189 -1.19 51.85 44.64
CA ALA D 189 -0.92 51.04 43.47
C ALA D 189 0.23 51.65 42.71
N VAL D 190 0.19 52.99 42.60
CA VAL D 190 1.15 53.83 41.91
C VAL D 190 1.73 54.88 42.87
N SER D 191 3.05 54.86 43.07
CA SER D 191 3.72 55.84 43.92
C SER D 191 3.89 57.17 43.16
N GLU D 192 4.38 58.24 43.85
CA GLU D 192 4.61 59.55 43.24
C GLU D 192 5.64 59.48 42.10
N LYS D 193 6.73 58.69 42.29
CA LYS D 193 7.78 58.48 41.29
C LYS D 193 7.21 57.66 40.14
N ASP D 194 6.45 56.57 40.44
CA ASP D 194 5.79 55.68 39.46
C ASP D 194 4.97 56.46 38.45
N ARG D 195 4.13 57.40 38.93
CA ARG D 195 3.27 58.25 38.10
C ARG D 195 4.07 59.11 37.14
N LYS D 196 5.20 59.68 37.61
CA LYS D 196 6.11 60.49 36.79
C LYS D 196 6.88 59.62 35.80
N ASP D 197 7.25 58.38 36.23
CA ASP D 197 7.94 57.35 35.43
C ASP D 197 7.02 56.89 34.29
N LEU D 198 5.75 56.58 34.61
CA LEU D 198 4.72 56.16 33.66
C LEU D 198 4.42 57.27 32.65
N GLN D 199 4.44 58.54 33.11
CA GLN D 199 4.23 59.73 32.28
C GLN D 199 5.33 59.82 31.22
N PHE D 200 6.61 59.62 31.64
CA PHE D 200 7.79 59.62 30.78
C PHE D 200 7.70 58.43 29.82
N GLY D 201 7.19 57.30 30.34
CA GLY D 201 6.98 56.06 29.62
C GLY D 201 5.98 56.20 28.50
N VAL D 202 4.78 56.74 28.81
CA VAL D 202 3.74 57.00 27.83
C VAL D 202 4.23 58.04 26.78
N GLU D 203 5.06 59.02 27.21
CA GLU D 203 5.64 60.07 26.37
C GLU D 203 6.67 59.54 25.33
N GLN D 204 7.60 58.66 25.77
CA GLN D 204 8.66 58.09 24.91
C GLN D 204 8.20 56.88 24.05
N GLY D 205 6.92 56.53 24.18
CA GLY D 205 6.30 55.44 23.42
C GLY D 205 6.74 54.04 23.80
N VAL D 206 6.65 53.70 25.11
CA VAL D 206 6.95 52.35 25.60
C VAL D 206 5.78 51.45 25.22
N ASP D 207 6.10 50.24 24.73
CA ASP D 207 5.13 49.27 24.24
C ASP D 207 4.31 48.59 25.34
N MET D 208 4.95 48.34 26.51
CA MET D 208 4.34 47.64 27.66
C MET D 208 4.92 48.04 29.00
N ILE D 209 4.06 47.99 30.04
CA ILE D 209 4.35 48.37 31.42
C ILE D 209 4.34 47.13 32.32
N PHE D 210 5.44 46.91 33.06
CA PHE D 210 5.54 45.82 34.02
C PHE D 210 5.24 46.45 35.37
N ALA D 211 3.96 46.37 35.77
CA ALA D 211 3.43 46.95 37.00
C ALA D 211 3.87 46.22 38.25
N SER D 212 4.85 46.79 38.97
CA SER D 212 5.42 46.22 40.19
C SER D 212 4.46 46.18 41.36
N PHE D 213 4.45 45.04 42.05
CA PHE D 213 3.67 44.76 43.27
C PHE D 213 2.18 45.01 43.10
N ILE D 214 1.51 44.14 42.32
CA ILE D 214 0.07 44.21 42.10
C ILE D 214 -0.58 43.30 43.12
N ARG D 215 -1.48 43.87 43.92
CA ARG D 215 -2.21 43.19 44.98
C ARG D 215 -3.67 42.82 44.61
N THR D 216 -4.40 43.79 44.03
CA THR D 216 -5.78 43.61 43.61
C THR D 216 -6.01 44.02 42.17
N ALA D 217 -7.21 43.70 41.64
CA ALA D 217 -7.62 44.07 40.27
C ALA D 217 -7.83 45.57 40.15
N ASP D 218 -8.29 46.22 41.24
CA ASP D 218 -8.52 47.68 41.32
C ASP D 218 -7.21 48.42 41.12
N GLN D 219 -6.11 47.84 41.63
CA GLN D 219 -4.76 48.37 41.53
C GLN D 219 -4.27 48.43 40.09
N VAL D 220 -4.69 47.48 39.24
CA VAL D 220 -4.30 47.44 37.83
C VAL D 220 -5.09 48.51 37.07
N ARG D 221 -6.34 48.78 37.50
CA ARG D 221 -7.19 49.83 36.91
C ARG D 221 -6.61 51.24 37.22
N GLU D 222 -5.99 51.39 38.42
CA GLU D 222 -5.31 52.61 38.87
C GLU D 222 -4.13 52.92 37.94
N VAL D 223 -3.39 51.87 37.53
CA VAL D 223 -2.24 51.93 36.61
C VAL D 223 -2.73 52.32 35.21
N ARG D 224 -3.87 51.76 34.76
CA ARG D 224 -4.47 52.05 33.45
C ARG D 224 -4.96 53.49 33.38
N ALA D 225 -5.48 53.99 34.52
CA ALA D 225 -5.96 55.37 34.68
C ALA D 225 -4.75 56.32 34.60
N ALA D 226 -3.63 55.96 35.27
CA ALA D 226 -2.36 56.70 35.29
C ALA D 226 -1.72 56.83 33.90
N LEU D 227 -2.09 55.91 32.96
CA LEU D 227 -1.64 55.86 31.57
C LEU D 227 -2.40 56.86 30.68
N GLY D 228 -3.69 57.06 30.97
CA GLY D 228 -4.58 57.99 30.28
C GLY D 228 -4.94 57.60 28.85
N GLU D 229 -5.50 58.58 28.09
CA GLU D 229 -5.91 58.44 26.69
C GLU D 229 -4.69 58.28 25.77
N LYS D 230 -3.53 58.82 26.17
CA LYS D 230 -2.27 58.73 25.42
C LYS D 230 -1.69 57.32 25.52
N GLY D 231 -1.97 56.63 26.63
CA GLY D 231 -1.53 55.27 26.89
C GLY D 231 -2.69 54.29 27.02
N LYS D 232 -3.67 54.41 26.11
CA LYS D 232 -4.85 53.56 26.09
C LYS D 232 -4.49 52.17 25.55
N ASP D 233 -3.68 52.13 24.47
CA ASP D 233 -3.25 50.92 23.76
C ASP D 233 -2.01 50.19 24.36
N THR D 234 -1.30 50.79 25.35
CA THR D 234 -0.11 50.15 25.96
C THR D 234 -0.52 48.99 26.89
N LEU D 235 0.20 47.84 26.80
CA LEU D 235 -0.08 46.63 27.59
C LEU D 235 0.32 46.78 29.05
N ILE D 236 -0.53 46.25 29.93
CA ILE D 236 -0.30 46.23 31.38
C ILE D 236 -0.06 44.79 31.83
N ILE D 237 1.22 44.47 32.09
CA ILE D 237 1.65 43.16 32.58
C ILE D 237 1.85 43.32 34.08
N SER D 238 0.93 42.77 34.88
CA SER D 238 0.99 42.85 36.34
C SER D 238 2.02 41.90 36.92
N LYS D 239 2.86 42.39 37.83
CA LYS D 239 3.89 41.58 38.48
C LYS D 239 3.32 41.07 39.80
N ILE D 240 3.22 39.74 39.93
CA ILE D 240 2.76 39.08 41.15
C ILE D 240 4.01 38.92 42.02
N GLU D 241 4.09 39.71 43.13
CA GLU D 241 5.23 39.78 44.05
C GLU D 241 4.94 39.30 45.50
N ASN D 242 3.67 39.15 45.88
CA ASN D 242 3.33 38.74 47.26
C ASN D 242 2.27 37.65 47.30
N HIS D 243 1.74 37.36 48.50
CA HIS D 243 0.70 36.36 48.72
C HIS D 243 -0.70 36.85 48.23
N GLN D 244 -0.93 38.18 48.16
CA GLN D 244 -2.20 38.78 47.73
C GLN D 244 -2.38 38.65 46.23
N GLY D 245 -1.27 38.84 45.49
CA GLY D 245 -1.19 38.72 44.04
C GLY D 245 -1.67 37.35 43.59
N VAL D 246 -1.20 36.29 44.28
CA VAL D 246 -1.58 34.91 44.03
C VAL D 246 -3.03 34.65 44.54
N GLN D 247 -3.47 35.33 45.62
CA GLN D 247 -4.83 35.14 46.16
C GLN D 247 -5.89 35.70 45.20
N ASN D 248 -5.65 36.88 44.63
CA ASN D 248 -6.56 37.57 43.70
C ASN D 248 -6.11 37.43 42.23
N ILE D 249 -5.36 36.35 41.91
CA ILE D 249 -4.82 36.10 40.57
C ILE D 249 -5.92 36.11 39.49
N ASP D 250 -7.08 35.48 39.76
CA ASP D 250 -8.23 35.42 38.85
C ASP D 250 -8.67 36.82 38.40
N ALA D 251 -8.87 37.73 39.36
CA ALA D 251 -9.29 39.12 39.14
C ALA D 251 -8.20 39.95 38.48
N ILE D 252 -6.92 39.74 38.89
CA ILE D 252 -5.74 40.45 38.35
C ILE D 252 -5.54 40.07 36.89
N ILE D 253 -5.84 38.79 36.52
CA ILE D 253 -5.76 38.30 35.14
C ILE D 253 -6.78 39.03 34.26
N GLU D 254 -8.06 39.05 34.68
CA GLU D 254 -9.19 39.70 33.97
C GLU D 254 -8.91 41.19 33.67
N ALA D 255 -8.35 41.91 34.66
CA ALA D 255 -7.99 43.33 34.60
C ALA D 255 -6.72 43.64 33.77
N SER D 256 -5.70 42.77 33.82
CA SER D 256 -4.42 42.96 33.13
C SER D 256 -4.40 42.44 31.70
N ASP D 257 -3.38 42.88 30.92
CA ASP D 257 -3.15 42.48 29.53
C ASP D 257 -2.22 41.27 29.46
N GLY D 258 -1.57 41.00 30.58
CA GLY D 258 -0.65 39.89 30.80
C GLY D 258 -0.20 39.82 32.25
N ILE D 259 0.61 38.82 32.60
CA ILE D 259 1.11 38.60 33.96
C ILE D 259 2.60 38.22 33.95
N MET D 260 3.31 38.58 35.02
CA MET D 260 4.71 38.20 35.24
C MET D 260 4.79 37.53 36.59
N VAL D 261 5.40 36.34 36.63
CA VAL D 261 5.64 35.59 37.86
C VAL D 261 7.00 36.16 38.35
N ALA D 262 6.94 37.28 39.09
CA ALA D 262 8.11 37.96 39.63
C ALA D 262 8.61 37.15 40.84
N ARG D 263 9.23 36.00 40.56
CA ARG D 263 9.72 35.05 41.57
C ARG D 263 10.69 35.66 42.59
N GLY D 264 11.34 36.77 42.20
CA GLY D 264 12.30 37.52 43.01
C GLY D 264 11.73 37.97 44.34
N ASP D 265 10.75 38.90 44.29
CA ASP D 265 10.11 39.41 45.49
C ASP D 265 9.10 38.43 46.04
N LEU D 266 8.57 37.55 45.19
CA LEU D 266 7.61 36.52 45.59
C LEU D 266 8.29 35.49 46.51
N GLY D 267 9.53 35.12 46.18
CA GLY D 267 10.35 34.17 46.93
C GLY D 267 10.78 34.67 48.28
N VAL D 268 10.78 36.02 48.46
CA VAL D 268 11.11 36.74 49.69
C VAL D 268 9.85 36.81 50.59
N GLU D 269 8.66 37.03 49.97
CA GLU D 269 7.36 37.09 50.64
C GLU D 269 6.90 35.69 51.07
N ILE D 270 6.62 34.84 50.08
CA ILE D 270 6.13 33.47 50.25
C ILE D 270 7.29 32.46 50.42
N PRO D 271 7.09 31.30 51.13
CA PRO D 271 8.19 30.33 51.27
C PRO D 271 8.71 29.83 49.91
N ALA D 272 10.03 29.67 49.80
CA ALA D 272 10.74 29.24 48.60
C ALA D 272 10.08 28.09 47.82
N GLU D 273 9.68 27.01 48.52
CA GLU D 273 9.06 25.81 47.93
C GLU D 273 7.70 26.06 47.30
N LYS D 274 6.98 27.08 47.78
CA LYS D 274 5.64 27.40 47.30
C LYS D 274 5.66 28.26 46.03
N VAL D 275 6.84 28.78 45.64
CA VAL D 275 7.00 29.60 44.44
C VAL D 275 6.81 28.75 43.17
N VAL D 276 7.02 27.42 43.27
CA VAL D 276 6.84 26.47 42.15
C VAL D 276 5.34 26.30 41.92
N VAL D 277 4.58 26.10 43.01
CA VAL D 277 3.11 25.94 42.99
C VAL D 277 2.43 27.21 42.46
N ALA D 278 2.92 28.40 42.88
CA ALA D 278 2.43 29.70 42.43
C ALA D 278 2.70 29.86 40.93
N GLN D 279 3.93 29.54 40.48
CA GLN D 279 4.35 29.57 39.08
C GLN D 279 3.40 28.74 38.19
N MET D 280 3.23 27.44 38.49
CA MET D 280 2.39 26.47 37.79
C MET D 280 0.95 26.93 37.67
N CYS D 281 0.37 27.37 38.82
CA CYS D 281 -0.98 27.89 38.94
C CYS D 281 -1.15 29.13 38.04
N ILE D 282 -0.34 30.18 38.28
CA ILE D 282 -0.39 31.44 37.53
C ILE D 282 -0.23 31.23 36.01
N ILE D 283 0.78 30.44 35.60
CA ILE D 283 1.06 30.14 34.19
C ILE D 283 -0.12 29.44 33.49
N SER D 284 -0.73 28.42 34.14
CA SER D 284 -1.84 27.68 33.56
C SER D 284 -3.14 28.48 33.50
N LYS D 285 -3.38 29.33 34.50
CA LYS D 285 -4.57 30.20 34.56
C LYS D 285 -4.49 31.24 33.42
N CYS D 286 -3.24 31.74 33.14
CA CYS D 286 -2.95 32.70 32.07
C CYS D 286 -3.11 32.08 30.70
N ASN D 287 -3.01 30.74 30.58
CA ASN D 287 -3.15 30.02 29.32
C ASN D 287 -4.63 29.86 29.01
N VAL D 288 -5.46 29.46 30.02
CA VAL D 288 -6.92 29.29 29.89
C VAL D 288 -7.53 30.66 29.54
N ALA D 289 -6.97 31.74 30.12
CA ALA D 289 -7.40 33.12 29.90
C ALA D 289 -6.98 33.64 28.52
N GLY D 290 -5.84 33.14 28.02
CA GLY D 290 -5.28 33.54 26.74
C GLY D 290 -4.57 34.87 26.82
N LYS D 291 -3.80 35.07 27.91
CA LYS D 291 -3.01 36.27 28.21
C LYS D 291 -1.53 35.93 28.46
N PRO D 292 -0.55 36.73 27.94
CA PRO D 292 0.87 36.37 28.09
C PRO D 292 1.40 36.19 29.51
N VAL D 293 2.32 35.27 29.72
CA VAL D 293 2.81 35.10 31.11
C VAL D 293 4.33 35.02 31.04
N ILE D 294 5.01 35.83 31.84
CA ILE D 294 6.50 35.86 31.83
C ILE D 294 7.04 35.22 33.10
N CYS D 295 8.19 34.55 32.99
CA CYS D 295 8.93 33.98 34.14
C CYS D 295 10.11 34.92 34.38
N ALA D 296 10.61 35.07 35.61
CA ALA D 296 11.64 36.14 35.73
C ALA D 296 12.89 35.84 36.55
N THR D 297 12.81 36.05 37.85
CA THR D 297 13.99 35.97 38.77
C THR D 297 14.96 34.81 38.49
N GLN D 298 16.25 35.15 38.52
CA GLN D 298 17.46 34.30 38.35
C GLN D 298 17.18 32.95 37.69
N MET D 299 17.07 32.91 36.37
CA MET D 299 16.83 31.64 35.66
C MET D 299 18.17 31.00 35.28
N LEU D 300 19.09 31.81 34.78
CA LEU D 300 20.44 31.39 34.36
C LEU D 300 21.45 32.28 35.10
N GLU D 301 21.24 32.39 36.44
CA GLU D 301 21.97 33.23 37.39
C GLU D 301 23.48 33.05 37.34
N SER D 302 23.99 31.80 37.44
CA SER D 302 25.43 31.50 37.43
C SER D 302 26.17 32.09 36.24
N MET D 303 25.48 32.24 35.09
CA MET D 303 26.06 32.76 33.86
C MET D 303 26.39 34.28 33.91
N THR D 304 26.12 34.96 35.06
CA THR D 304 26.45 36.37 35.31
C THR D 304 27.99 36.46 35.43
N THR D 305 28.61 35.40 35.99
CA THR D 305 30.05 35.24 36.21
C THR D 305 30.65 34.07 35.42
N ASN D 306 29.92 32.92 35.36
CA ASN D 306 30.33 31.67 34.70
C ASN D 306 30.00 31.64 33.19
N PRO D 307 30.77 30.90 32.37
CA PRO D 307 30.45 30.82 30.94
C PRO D 307 29.44 29.72 30.57
N ARG D 308 29.04 28.90 31.58
CA ARG D 308 28.10 27.77 31.47
C ARG D 308 27.10 27.78 32.64
N PRO D 309 25.82 27.41 32.42
CA PRO D 309 24.86 27.42 33.53
C PRO D 309 24.89 26.12 34.34
N THR D 310 24.26 26.16 35.53
CA THR D 310 24.16 25.00 36.40
C THR D 310 23.13 24.04 35.81
N ARG D 311 23.13 22.76 36.23
CA ARG D 311 22.17 21.74 35.76
C ARG D 311 20.75 22.23 36.09
N ALA D 312 20.60 22.89 37.27
CA ALA D 312 19.37 23.44 37.80
C ALA D 312 18.80 24.57 36.94
N GLU D 313 19.66 25.50 36.52
CA GLU D 313 19.30 26.64 35.69
C GLU D 313 18.78 26.21 34.32
N VAL D 314 19.30 25.11 33.76
CA VAL D 314 18.84 24.61 32.47
C VAL D 314 17.43 23.99 32.62
N THR D 315 17.17 23.20 33.69
CA THR D 315 15.84 22.59 33.92
C THR D 315 14.79 23.63 34.25
N ASP D 316 15.19 24.75 34.87
CA ASP D 316 14.31 25.85 35.23
C ASP D 316 13.78 26.57 33.98
N VAL D 317 14.65 26.81 32.98
CA VAL D 317 14.30 27.45 31.71
C VAL D 317 13.40 26.52 30.90
N ALA D 318 13.72 25.20 30.92
CA ALA D 318 12.98 24.17 30.19
C ALA D 318 11.59 23.99 30.77
N ASN D 319 11.49 23.85 32.10
CA ASN D 319 10.21 23.64 32.77
C ASN D 319 9.31 24.86 32.77
N ALA D 320 9.87 26.07 32.59
CA ALA D 320 9.04 27.28 32.49
C ALA D 320 8.25 27.19 31.18
N VAL D 321 8.93 26.72 30.10
CA VAL D 321 8.35 26.53 28.77
C VAL D 321 7.36 25.36 28.81
N PHE D 322 7.71 24.27 29.51
CA PHE D 322 6.82 23.11 29.68
C PHE D 322 5.52 23.52 30.39
N ASN D 323 5.60 24.37 31.45
CA ASN D 323 4.45 24.88 32.23
C ASN D 323 3.43 25.62 31.36
N GLY D 324 3.92 26.36 30.37
CA GLY D 324 3.08 27.09 29.45
C GLY D 324 3.43 28.56 29.29
N ALA D 325 4.61 28.96 29.82
CA ALA D 325 5.08 30.33 29.76
C ALA D 325 5.33 30.79 28.33
N ASP D 326 4.73 31.93 27.98
CA ASP D 326 4.84 32.63 26.71
C ASP D 326 6.24 33.24 26.60
N CYS D 327 6.82 33.65 27.78
CA CYS D 327 8.12 34.33 27.92
C CYS D 327 8.98 33.80 29.08
N VAL D 328 10.30 34.05 28.97
CA VAL D 328 11.37 33.76 29.95
C VAL D 328 12.25 35.00 30.05
N MET D 329 12.65 35.38 31.29
CA MET D 329 13.36 36.63 31.53
C MET D 329 14.74 36.53 32.22
N LEU D 330 15.62 37.47 31.84
CA LEU D 330 16.98 37.60 32.37
C LEU D 330 17.14 38.96 33.05
N SER D 331 17.35 38.96 34.40
CA SER D 331 17.54 40.18 35.19
C SER D 331 18.88 40.17 35.94
N GLY D 332 19.86 40.88 35.41
CA GLY D 332 21.19 40.93 36.00
C GLY D 332 22.18 40.08 35.25
N GLU D 333 21.68 39.00 34.65
CA GLU D 333 22.43 38.05 33.81
C GLU D 333 22.89 38.80 32.54
N THR D 334 21.99 39.68 32.02
CA THR D 334 22.20 40.53 30.84
C THR D 334 22.46 41.99 31.26
N ALA D 335 21.97 42.39 32.46
CA ALA D 335 22.16 43.76 32.95
C ALA D 335 23.62 44.01 33.36
N LYS D 336 24.15 43.22 34.33
CA LYS D 336 25.51 43.36 34.84
C LYS D 336 26.44 42.14 34.58
N GLY D 337 25.96 41.17 33.80
CA GLY D 337 26.67 39.94 33.49
C GLY D 337 27.89 40.07 32.60
N LYS D 338 28.86 39.13 32.78
CA LYS D 338 30.13 39.00 32.06
C LYS D 338 29.94 38.36 30.67
N TYR D 339 28.91 37.50 30.53
CA TYR D 339 28.56 36.81 29.30
C TYR D 339 27.12 37.18 28.91
N PRO D 340 26.89 38.38 28.32
CA PRO D 340 25.51 38.80 28.00
C PRO D 340 24.88 38.13 26.79
N ASN D 341 25.69 37.88 25.74
CA ASN D 341 25.25 37.23 24.51
C ASN D 341 25.11 35.72 24.70
N GLU D 342 26.08 35.12 25.39
CA GLU D 342 26.19 33.70 25.69
C GLU D 342 25.00 33.17 26.50
N VAL D 343 24.54 33.93 27.53
CA VAL D 343 23.42 33.56 28.40
C VAL D 343 22.10 33.50 27.61
N VAL D 344 21.89 34.43 26.66
CA VAL D 344 20.70 34.49 25.82
C VAL D 344 20.73 33.34 24.82
N GLN D 345 21.94 33.02 24.31
CA GLN D 345 22.19 31.94 23.37
C GLN D 345 21.87 30.60 24.00
N TYR D 346 22.21 30.42 25.29
CA TYR D 346 21.92 29.21 26.05
C TYR D 346 20.42 29.10 26.27
N MET D 347 19.75 30.22 26.66
CA MET D 347 18.31 30.28 26.91
C MET D 347 17.51 29.86 25.68
N VAL D 348 17.90 30.36 24.49
CA VAL D 348 17.27 30.04 23.22
C VAL D 348 17.35 28.52 22.90
N ARG D 349 18.50 27.89 23.19
CA ARG D 349 18.74 26.46 22.97
C ARG D 349 17.89 25.56 23.89
N ILE D 350 17.68 26.00 25.16
CA ILE D 350 16.86 25.28 26.12
C ILE D 350 15.39 25.42 25.72
N CYS D 351 14.99 26.62 25.24
CA CYS D 351 13.63 26.89 24.78
C CYS D 351 13.27 25.99 23.61
N ILE D 352 14.11 25.92 22.56
CA ILE D 352 13.87 25.06 21.38
C ILE D 352 13.87 23.57 21.76
N GLU D 353 14.67 23.18 22.76
CA GLU D 353 14.74 21.80 23.21
C GLU D 353 13.43 21.42 23.90
N ALA D 354 13.02 22.21 24.92
CA ALA D 354 11.77 22.03 25.68
C ALA D 354 10.54 22.08 24.78
N GLN D 355 10.57 22.94 23.74
CA GLN D 355 9.53 23.13 22.74
C GLN D 355 9.35 21.85 21.91
N SER D 356 10.46 21.13 21.68
CA SER D 356 10.47 19.88 20.94
C SER D 356 9.99 18.70 21.79
N ALA D 357 10.32 18.73 23.10
CA ALA D 357 9.95 17.70 24.06
C ALA D 357 8.50 17.87 24.55
N THR D 358 7.75 18.83 23.99
CA THR D 358 6.35 19.06 24.37
C THR D 358 5.40 18.34 23.43
N HIS D 359 4.28 17.85 23.99
CA HIS D 359 3.21 17.16 23.26
C HIS D 359 2.30 18.22 22.66
N ASP D 360 2.54 18.49 21.37
CA ASP D 360 1.88 19.51 20.55
C ASP D 360 0.33 19.60 20.69
N SER D 361 -0.34 18.46 20.38
CA SER D 361 -1.79 18.35 20.53
C SER D 361 -2.45 18.44 21.90
N VAL D 362 -1.77 17.90 22.96
CA VAL D 362 -2.22 17.87 24.36
C VAL D 362 -2.49 19.28 24.91
N MET D 363 -1.56 20.22 24.71
CA MET D 363 -1.73 21.60 25.19
C MET D 363 -2.95 22.27 24.56
N PHE D 364 -3.18 22.03 23.26
CA PHE D 364 -4.32 22.56 22.56
C PHE D 364 -5.62 21.98 23.11
N ASN D 365 -5.71 20.64 23.18
CA ASN D 365 -6.88 19.93 23.70
C ASN D 365 -7.14 20.23 25.18
N SER D 366 -6.09 20.44 26.00
CA SER D 366 -6.25 20.79 27.42
C SER D 366 -6.93 22.18 27.54
N ILE D 367 -6.43 23.18 26.78
CA ILE D 367 -6.94 24.55 26.76
C ILE D 367 -8.38 24.61 26.18
N LYS D 368 -8.61 23.94 25.01
CA LYS D 368 -9.91 23.88 24.33
C LYS D 368 -11.03 23.30 25.20
N ASN D 369 -10.75 22.20 25.91
CA ASN D 369 -11.74 21.49 26.76
C ASN D 369 -12.12 22.25 28.04
N LEU D 370 -11.27 23.22 28.45
CA LEU D 370 -11.51 24.06 29.62
C LEU D 370 -12.24 25.35 29.25
N GLN D 371 -12.44 25.61 27.95
CA GLN D 371 -13.16 26.80 27.46
C GLN D 371 -14.66 26.58 27.51
N LYS D 372 -15.39 27.64 27.88
CA LYS D 372 -16.85 27.64 27.98
C LYS D 372 -17.51 27.65 26.61
N ILE D 373 -18.48 26.72 26.42
CA ILE D 373 -19.26 26.56 25.19
C ILE D 373 -20.69 27.08 25.46
N PRO D 374 -21.30 27.89 24.55
CA PRO D 374 -20.83 28.27 23.21
C PRO D 374 -19.70 29.29 23.21
N MET D 375 -18.76 29.09 22.30
CA MET D 375 -17.62 29.99 22.11
C MET D 375 -18.09 31.15 21.25
N SER D 376 -17.39 32.28 21.33
CA SER D 376 -17.69 33.42 20.48
C SER D 376 -17.28 33.03 19.04
N PRO D 377 -17.92 33.55 17.96
CA PRO D 377 -17.49 33.15 16.61
C PRO D 377 -16.00 33.39 16.34
N GLU D 378 -15.42 34.45 16.96
CA GLU D 378 -14.00 34.82 16.86
C GLU D 378 -13.11 33.72 17.44
N GLU D 379 -13.54 33.12 18.57
CA GLU D 379 -12.77 32.09 19.26
C GLU D 379 -12.87 30.73 18.62
N ALA D 380 -14.09 30.34 18.18
CA ALA D 380 -14.35 29.06 17.53
C ALA D 380 -13.65 28.98 16.18
N VAL D 381 -13.39 30.15 15.53
CA VAL D 381 -12.66 30.24 14.27
C VAL D 381 -11.19 30.00 14.57
N CYS D 382 -10.66 30.69 15.59
CA CYS D 382 -9.26 30.64 16.00
C CYS D 382 -8.84 29.27 16.52
N SER D 383 -9.68 28.62 17.34
CA SER D 383 -9.41 27.27 17.86
C SER D 383 -9.48 26.24 16.74
N SER D 384 -10.49 26.37 15.83
CA SER D 384 -10.65 25.46 14.70
C SER D 384 -9.55 25.65 13.66
N ALA D 385 -8.97 26.87 13.57
CA ALA D 385 -7.85 27.17 12.68
C ALA D 385 -6.64 26.38 13.15
N VAL D 386 -6.42 26.33 14.48
CA VAL D 386 -5.34 25.57 15.14
C VAL D 386 -5.64 24.07 15.02
N SER D 387 -6.93 23.66 15.14
CA SER D 387 -7.35 22.27 14.99
C SER D 387 -7.01 21.79 13.58
N SER D 388 -7.34 22.62 12.53
CA SER D 388 -7.06 22.38 11.10
C SER D 388 -5.55 22.24 10.87
N ALA D 389 -4.75 23.09 11.54
CA ALA D 389 -3.30 23.10 11.45
C ALA D 389 -2.69 21.76 11.87
N PHE D 390 -3.26 21.13 12.91
CA PHE D 390 -2.80 19.83 13.42
C PHE D 390 -3.23 18.70 12.50
N GLU D 391 -4.46 18.84 11.95
CA GLU D 391 -5.11 17.88 11.03
C GLU D 391 -4.41 17.81 9.69
N VAL D 392 -4.24 18.95 8.99
CA VAL D 392 -3.56 19.01 7.68
C VAL D 392 -2.02 18.96 7.81
N GLN D 393 -1.49 19.07 9.06
CA GLN D 393 -0.06 19.14 9.37
C GLN D 393 0.56 20.42 8.74
N ALA D 394 -0.17 21.56 8.86
CA ALA D 394 0.21 22.87 8.34
C ALA D 394 1.56 23.30 8.88
N LYS D 395 2.44 23.81 7.98
CA LYS D 395 3.79 24.25 8.33
C LYS D 395 3.82 25.65 8.99
N ALA D 396 2.69 26.42 8.86
CA ALA D 396 2.50 27.78 9.41
C ALA D 396 1.03 28.25 9.35
N ILE D 397 0.64 29.13 10.30
CA ILE D 397 -0.69 29.76 10.37
C ILE D 397 -0.46 31.25 10.08
N LEU D 398 -1.33 31.85 9.24
CA LEU D 398 -1.26 33.28 8.91
C LEU D 398 -2.52 33.97 9.42
N VAL D 399 -2.34 35.08 10.15
CA VAL D 399 -3.44 35.85 10.73
C VAL D 399 -3.30 37.33 10.41
N LEU D 400 -4.42 37.96 10.07
CA LEU D 400 -4.48 39.38 9.85
C LEU D 400 -5.14 39.90 11.11
N SER D 401 -4.32 40.53 11.96
CA SER D 401 -4.68 41.08 13.25
C SER D 401 -4.06 42.48 13.38
N ASN D 402 -4.90 43.53 13.43
CA ASN D 402 -4.43 44.93 13.54
C ASN D 402 -4.11 45.27 15.00
N THR D 403 -4.99 44.86 15.95
CA THR D 403 -4.80 45.06 17.41
C THR D 403 -3.81 44.04 17.99
N GLY D 404 -3.94 42.78 17.54
CA GLY D 404 -3.11 41.67 17.99
C GLY D 404 -3.94 40.67 18.74
N ARG D 405 -5.20 41.05 19.07
CA ARG D 405 -6.18 40.26 19.82
C ARG D 405 -6.50 38.91 19.17
N SER D 406 -6.48 38.84 17.82
CA SER D 406 -6.72 37.60 17.07
C SER D 406 -5.52 36.67 17.13
N ALA D 407 -4.31 37.23 16.97
CA ALA D 407 -3.05 36.49 17.03
C ALA D 407 -2.82 35.89 18.42
N ARG D 408 -3.25 36.60 19.48
CA ARG D 408 -3.18 36.16 20.87
C ARG D 408 -4.18 35.02 21.13
N LEU D 409 -5.33 35.06 20.43
CA LEU D 409 -6.40 34.06 20.52
C LEU D 409 -6.03 32.78 19.78
N ILE D 410 -5.13 32.88 18.79
CA ILE D 410 -4.64 31.73 18.00
C ILE D 410 -3.50 31.10 18.81
N SER D 411 -2.60 31.95 19.38
CA SER D 411 -1.48 31.49 20.22
C SER D 411 -1.95 30.83 21.50
N LYS D 412 -3.20 31.16 21.93
CA LYS D 412 -3.91 30.63 23.10
C LYS D 412 -4.10 29.13 22.97
N TYR D 413 -4.27 28.64 21.73
CA TYR D 413 -4.52 27.23 21.46
C TYR D 413 -3.23 26.48 21.11
N ARG D 414 -2.09 27.05 21.51
CA ARG D 414 -0.71 26.56 21.42
C ARG D 414 -0.33 25.64 20.22
N PRO D 415 -0.47 26.12 18.94
CA PRO D 415 -0.10 25.27 17.80
C PRO D 415 1.36 24.82 17.69
N ASN D 416 1.59 23.74 16.91
CA ASN D 416 2.89 23.10 16.65
C ASN D 416 3.80 23.94 15.74
N CYS D 417 3.19 24.79 14.89
CA CYS D 417 3.80 25.63 13.86
C CYS D 417 3.86 27.12 14.29
N PRO D 418 4.64 27.99 13.59
CA PRO D 418 4.63 29.41 13.98
C PRO D 418 3.40 30.13 13.42
N ILE D 419 3.04 31.27 14.04
CA ILE D 419 1.90 32.11 13.64
C ILE D 419 2.47 33.38 13.05
N ILE D 420 2.08 33.72 11.81
CA ILE D 420 2.55 34.93 11.14
C ILE D 420 1.43 35.96 11.20
N CYS D 421 1.69 37.08 11.89
CA CYS D 421 0.71 38.16 12.06
C CYS D 421 0.95 39.35 11.11
N ALA D 422 0.06 39.54 10.12
CA ALA D 422 0.15 40.67 9.20
C ALA D 422 -0.71 41.82 9.75
N THR D 423 -0.03 42.84 10.29
CA THR D 423 -0.65 43.97 10.96
C THR D 423 -0.34 45.31 10.28
N THR D 424 -1.27 46.27 10.46
CA THR D 424 -1.20 47.64 9.93
C THR D 424 -0.70 48.64 10.98
N ARG D 425 -0.39 48.16 12.22
CA ARG D 425 0.10 48.98 13.33
C ARG D 425 1.46 48.46 13.80
N LEU D 426 2.47 49.36 13.87
CA LEU D 426 3.83 49.02 14.31
C LEU D 426 3.92 48.67 15.80
N LEU D 427 3.00 49.22 16.63
CA LEU D 427 2.92 48.95 18.07
C LEU D 427 2.61 47.48 18.29
N THR D 428 1.69 46.94 17.48
CA THR D 428 1.24 45.54 17.48
C THR D 428 2.40 44.60 17.15
N CYS D 429 3.29 45.01 16.22
CA CYS D 429 4.48 44.26 15.85
C CYS D 429 5.37 44.00 17.08
N ARG D 430 5.53 45.02 17.96
CA ARG D 430 6.34 44.93 19.19
C ARG D 430 5.57 44.38 20.41
N GLN D 431 4.24 44.62 20.48
CA GLN D 431 3.38 44.11 21.57
C GLN D 431 3.16 42.58 21.52
N LEU D 432 3.40 41.98 20.36
CA LEU D 432 3.26 40.54 20.13
C LEU D 432 4.61 39.82 20.28
N ASN D 433 5.59 40.50 20.88
CA ASN D 433 6.89 39.94 21.19
C ASN D 433 6.80 39.26 22.55
N VAL D 434 5.62 39.37 23.21
CA VAL D 434 5.33 38.74 24.50
C VAL D 434 4.40 37.52 24.35
N THR D 435 3.87 37.26 23.14
CA THR D 435 3.00 36.10 22.86
C THR D 435 3.69 34.97 22.06
N ARG D 436 3.46 33.73 22.51
CA ARG D 436 4.09 32.53 21.89
C ARG D 436 3.69 32.20 20.48
N SER D 437 4.65 31.72 19.68
CA SER D 437 4.60 31.32 18.24
C SER D 437 4.56 32.46 17.21
N VAL D 438 3.94 33.58 17.58
CA VAL D 438 3.73 34.78 16.74
C VAL D 438 5.05 35.40 16.30
N GLU D 439 5.07 35.73 15.01
CA GLU D 439 6.12 36.45 14.30
C GLU D 439 5.42 37.43 13.34
N SER D 440 5.43 38.71 13.74
CA SER D 440 4.76 39.83 13.08
C SER D 440 5.43 40.32 11.78
N VAL D 441 4.60 40.85 10.87
CA VAL D 441 4.97 41.45 9.57
C VAL D 441 4.11 42.72 9.43
N TYR D 442 4.75 43.86 9.14
CA TYR D 442 4.04 45.14 9.00
C TYR D 442 3.64 45.46 7.56
N TYR D 443 2.39 45.92 7.39
CA TYR D 443 1.84 46.36 6.12
C TYR D 443 1.55 47.85 6.21
N ASP D 444 2.40 48.66 5.56
CA ASP D 444 2.27 50.13 5.54
C ASP D 444 1.12 50.51 4.61
N VAL D 445 -0.04 50.80 5.20
CA VAL D 445 -1.27 51.18 4.49
C VAL D 445 -1.06 52.42 3.60
N ASP D 446 -0.38 53.45 4.13
CA ASP D 446 -0.08 54.71 3.43
C ASP D 446 0.94 54.55 2.29
N ALA D 447 1.80 53.52 2.37
CA ALA D 447 2.84 53.26 1.37
C ALA D 447 2.52 52.15 0.34
N HIS D 448 1.37 51.47 0.47
CA HIS D 448 1.03 50.38 -0.46
C HIS D 448 -0.41 50.40 -0.97
N GLY D 449 -1.37 50.65 -0.09
CA GLY D 449 -2.78 50.67 -0.47
C GLY D 449 -3.73 50.32 0.66
N GLU D 450 -5.03 50.60 0.44
CA GLU D 450 -6.12 50.36 1.39
C GLU D 450 -6.33 48.87 1.71
N ASP D 451 -6.13 47.99 0.70
CA ASP D 451 -6.29 46.53 0.73
C ASP D 451 -7.57 46.10 1.48
N ASN D 452 -8.72 46.66 1.07
CA ASN D 452 -10.05 46.37 1.63
C ASN D 452 -10.37 44.87 1.49
N ASP D 453 -9.95 44.28 0.35
CA ASP D 453 -10.03 42.84 0.10
C ASP D 453 -8.65 42.34 0.54
N ARG D 454 -8.61 41.73 1.73
CA ARG D 454 -7.41 41.25 2.42
C ARG D 454 -6.67 40.28 1.47
N GLU D 455 -5.68 40.80 0.70
CA GLU D 455 -4.94 40.03 -0.30
C GLU D 455 -3.47 40.44 -0.38
N LYS D 456 -3.18 41.75 -0.23
CA LYS D 456 -1.81 42.26 -0.25
C LYS D 456 -1.11 41.82 1.02
N ARG D 457 -1.83 41.85 2.16
CA ARG D 457 -1.32 41.40 3.46
C ARG D 457 -1.13 39.88 3.43
N VAL D 458 -2.10 39.15 2.83
CA VAL D 458 -2.10 37.69 2.67
C VAL D 458 -0.87 37.24 1.86
N GLN D 459 -0.54 37.95 0.76
CA GLN D 459 0.61 37.65 -0.12
C GLN D 459 1.93 38.04 0.55
N LEU D 460 1.88 39.06 1.42
CA LEU D 460 3.01 39.57 2.19
C LEU D 460 3.47 38.51 3.21
N GLY D 461 2.50 37.94 3.91
CA GLY D 461 2.69 36.93 4.95
C GLY D 461 3.24 35.61 4.44
N VAL D 462 2.65 35.07 3.34
CA VAL D 462 3.07 33.81 2.73
C VAL D 462 4.52 33.91 2.22
N ASP D 463 4.91 35.11 1.73
CA ASP D 463 6.24 35.44 1.24
C ASP D 463 7.24 35.41 2.40
N TRP D 464 6.87 36.02 3.56
CA TRP D 464 7.69 36.07 4.77
C TRP D 464 7.99 34.68 5.33
N ALA D 465 6.96 33.82 5.39
CA ALA D 465 7.02 32.45 5.88
C ALA D 465 7.91 31.58 4.99
N LYS D 466 7.87 31.85 3.66
CA LYS D 466 8.68 31.17 2.65
C LYS D 466 10.16 31.52 2.84
N THR D 467 10.47 32.84 2.90
CA THR D 467 11.82 33.39 3.09
C THR D 467 12.47 32.92 4.40
N LYS D 468 11.70 32.97 5.52
CA LYS D 468 12.17 32.55 6.84
C LYS D 468 12.43 31.03 6.92
N GLY D 469 12.01 30.31 5.87
CA GLY D 469 12.23 28.89 5.69
C GLY D 469 11.24 27.91 6.30
N TYR D 470 10.07 28.38 6.78
CA TYR D 470 9.09 27.49 7.39
C TYR D 470 8.25 26.76 6.35
N VAL D 471 7.78 27.50 5.33
CA VAL D 471 6.96 26.94 4.26
C VAL D 471 7.74 26.87 2.94
N SER D 472 7.69 25.70 2.29
CA SER D 472 8.31 25.44 0.98
C SER D 472 7.17 25.30 -0.04
N ALA D 473 7.50 25.14 -1.34
CA ALA D 473 6.49 25.00 -2.39
C ALA D 473 5.62 23.76 -2.20
N GLY D 474 4.31 23.94 -2.29
CA GLY D 474 3.33 22.86 -2.15
C GLY D 474 2.77 22.67 -0.76
N ASP D 475 3.38 23.33 0.25
CA ASP D 475 2.97 23.24 1.65
C ASP D 475 1.60 23.91 1.85
N VAL D 476 0.86 23.42 2.86
CA VAL D 476 -0.48 23.92 3.22
C VAL D 476 -0.39 24.89 4.40
N MET D 477 -1.12 26.01 4.30
CA MET D 477 -1.18 27.07 5.31
C MET D 477 -2.62 27.39 5.69
N VAL D 478 -2.86 27.65 6.98
CA VAL D 478 -4.17 28.04 7.50
C VAL D 478 -4.16 29.56 7.51
N ILE D 479 -5.18 30.19 6.90
CA ILE D 479 -5.27 31.64 6.82
C ILE D 479 -6.53 32.16 7.53
N VAL D 480 -6.34 33.04 8.52
CA VAL D 480 -7.43 33.61 9.32
C VAL D 480 -7.57 35.13 9.13
N HIS D 481 -8.79 35.56 8.76
CA HIS D 481 -9.24 36.94 8.57
C HIS D 481 -10.78 37.00 8.55
N ALA D 482 -11.37 38.10 8.06
CA ALA D 482 -12.83 38.24 7.95
C ALA D 482 -13.24 38.41 6.49
N ASP D 483 -14.57 38.31 6.21
CA ASP D 483 -15.13 38.53 4.86
C ASP D 483 -15.47 40.04 4.69
N HIS D 484 -16.11 40.44 3.57
CA HIS D 484 -16.43 41.86 3.39
C HIS D 484 -17.64 42.29 4.23
N SER D 485 -18.64 41.39 4.41
CA SER D 485 -19.86 41.64 5.18
C SER D 485 -19.64 41.86 6.70
N VAL D 486 -18.41 41.59 7.21
CA VAL D 486 -18.06 41.78 8.63
C VAL D 486 -16.58 42.21 8.81
N LYS D 487 -16.31 43.04 9.85
CA LYS D 487 -14.98 43.56 10.17
C LYS D 487 -14.78 43.71 11.69
N GLY D 488 -13.52 43.87 12.11
CA GLY D 488 -13.14 44.03 13.52
C GLY D 488 -12.88 42.72 14.26
N TYR D 489 -13.41 41.62 13.73
CA TYR D 489 -13.25 40.28 14.28
C TYR D 489 -13.16 39.22 13.16
N PRO D 490 -12.29 38.19 13.27
CA PRO D 490 -12.20 37.20 12.19
C PRO D 490 -13.37 36.23 12.18
N ASN D 491 -13.80 35.97 10.95
CA ASN D 491 -14.95 35.20 10.53
C ASN D 491 -14.52 34.01 9.67
N GLN D 492 -13.58 34.25 8.74
CA GLN D 492 -13.10 33.25 7.79
C GLN D 492 -11.84 32.54 8.20
N THR D 493 -11.73 31.31 7.70
CA THR D 493 -10.60 30.40 7.83
C THR D 493 -10.48 29.66 6.47
N ARG D 494 -9.27 29.61 5.90
CA ARG D 494 -9.06 28.94 4.63
C ARG D 494 -7.73 28.19 4.59
N LEU D 495 -7.75 26.98 4.03
CA LEU D 495 -6.57 26.13 3.90
C LEU D 495 -6.03 26.28 2.47
N VAL D 496 -4.84 26.89 2.29
CA VAL D 496 -4.30 27.10 0.94
C VAL D 496 -2.91 26.48 0.75
N ARG D 497 -2.69 25.92 -0.46
CA ARG D 497 -1.43 25.31 -0.88
C ARG D 497 -0.60 26.47 -1.44
N VAL D 498 0.58 26.75 -0.85
CA VAL D 498 1.44 27.86 -1.28
C VAL D 498 2.13 27.56 -2.64
N ARG D 499 2.16 28.58 -3.54
CA ARG D 499 2.73 28.49 -4.88
C ARG D 499 4.11 29.17 -4.99
P1 FBP E . -18.71 27.39 -7.89
O1P FBP E . -19.36 26.21 -8.61
O2P FBP E . -17.75 28.15 -8.76
O3P FBP E . -19.83 28.27 -7.34
O1 FBP E . -17.92 26.77 -6.62
C1 FBP E . -16.95 25.72 -6.74
C2 FBP E . -17.37 24.52 -5.86
O2 FBP E . -18.74 24.28 -6.06
C3 FBP E . -17.04 24.67 -4.36
O3 FBP E . -17.99 25.53 -3.74
C4 FBP E . -17.10 23.22 -3.90
O4 FBP E . -16.32 22.99 -2.72
C5 FBP E . -16.59 22.43 -5.09
O5 FBP E . -16.63 23.35 -6.20
C6 FBP E . -17.39 21.19 -5.46
O6 FBP E . -17.24 20.18 -4.45
P2 FBP E . -17.99 18.76 -4.58
O4P FBP E . -17.25 17.96 -5.64
O5P FBP E . -17.79 18.04 -3.25
O6P FBP E . -19.43 18.95 -4.90
MG MG F . -30.58 -12.00 -2.83
P1 FBP G . -2.83 -3.08 -33.14
O1P FBP G . -1.76 -3.70 -33.97
O2P FBP G . -2.40 -1.86 -32.38
O3P FBP G . -4.14 -2.97 -33.85
O1 FBP G . -3.13 -4.10 -31.95
C1 FBP G . -3.28 -3.63 -30.63
C2 FBP G . -1.87 -3.50 -30.09
O2 FBP G . -1.14 -2.66 -30.97
C3 FBP G . -1.21 -4.85 -30.00
O3 FBP G . -0.63 -5.22 -31.24
C4 FBP G . -0.19 -4.64 -28.93
O4 FBP G . 0.12 -5.87 -28.30
C5 FBP G . -0.97 -3.78 -27.97
O5 FBP G . -1.79 -2.95 -28.78
C6 FBP G . -0.07 -3.02 -27.00
O6 FBP G . 0.75 -2.04 -27.60
P2 FBP G . 1.64 -1.13 -26.65
O4P FBP G . 3.03 -1.69 -26.78
O5P FBP G . 1.08 -1.30 -25.27
O6P FBP G . 1.51 0.22 -27.27
MG MG H . 21.80 21.92 -12.80
P1 FBP I . -4.63 -29.11 -35.51
O1P FBP I . -4.85 -30.55 -35.88
O2P FBP I . -4.95 -28.78 -34.08
O3P FBP I . -5.14 -28.13 -36.51
O1 FBP I . -3.04 -28.94 -35.60
C1 FBP I . -2.32 -28.16 -34.65
C2 FBP I . -2.14 -28.98 -33.39
O2 FBP I . -3.36 -29.62 -33.07
C3 FBP I . -1.72 -28.15 -32.21
O3 FBP I . -2.82 -27.48 -31.64
C4 FBP I . -1.22 -29.22 -31.28
O4 FBP I . -0.24 -28.70 -30.39
C5 FBP I . -0.61 -30.25 -32.22
O5 FBP I . -1.13 -29.97 -33.52
C6 FBP I . -0.94 -31.67 -31.79
O6 FBP I . 0.24 -32.43 -31.53
P2 FBP I . 0.41 -33.19 -30.14
O4P FBP I . 1.23 -34.39 -30.49
O5P FBP I . -1.00 -33.50 -29.75
O6P FBP I . 1.08 -32.19 -29.26
MG MG J . 7.37 -60.29 -12.76
P1 FBP K . -9.36 44.59 7.29
O1P FBP K . -7.87 44.57 7.20
O2P FBP K . -10.06 43.33 6.90
O3P FBP K . -9.98 45.82 6.70
O1 FBP K . -9.64 44.77 8.84
C1 FBP K . -10.42 43.78 9.50
C2 FBP K . -9.57 42.59 9.98
O2 FBP K . -8.32 42.53 9.29
C3 FBP K . -10.35 41.30 9.83
O3 FBP K . -9.50 40.20 9.49
C4 FBP K . -10.95 41.01 11.18
O4 FBP K . -12.36 41.10 11.18
C5 FBP K . -10.43 42.10 12.11
O5 FBP K . -9.38 42.75 11.39
C6 FBP K . -9.95 41.53 13.44
O6 FBP K . -8.55 41.71 13.66
P2 FBP K . -8.01 42.18 15.08
O4P FBP K . -7.06 41.11 15.52
O5P FBP K . -7.28 43.45 14.76
O6P FBP K . -9.22 42.31 15.95
MG MG L . 9.45 44.71 44.91
#